data_9MLF
#
_entry.id   9MLF
#
_cell.length_a   66.482
_cell.length_b   126.974
_cell.length_c   252.074
_cell.angle_alpha   90.00
_cell.angle_beta   90.00
_cell.angle_gamma   90.00
#
_symmetry.space_group_name_H-M   'P 21 21 21'
#
loop_
_entity.id
_entity.type
_entity.pdbx_description
1 polymer 'Tubulin alpha-1B chain'
2 polymer 'Tubulin beta chain'
3 polymer Stathmin-4
4 non-polymer "GUANOSINE-5'-TRIPHOSPHATE"
5 non-polymer "GUANOSINE-5'-DIPHOSPHATE"
6 non-polymer [(4M)-4-(1H-indol-4-yl)-1H-imidazol-2-yl](3,4,5-trimethoxyphenyl)methanone
7 non-polymer 'SULFATE ION'
8 non-polymer 'MAGNESIUM ION'
9 water water
#
loop_
_entity_poly.entity_id
_entity_poly.type
_entity_poly.pdbx_seq_one_letter_code
_entity_poly.pdbx_strand_id
1 'polypeptide(L)'
;MRECISIHVGQAGVQIGNACWELYCLEHGIQPDGQMPSDKTIGGGDDSFNTFFSETGAGKHVPRAVFVDLEPTVIDEVRT
GTYRQLFHPEQLITGKEDAANNYARGHYTIGKEIIDLVLDRIRKLADQCTGLQGFLVFHSFGGGTGSGFTSLLMERLSVD
YGKKSKLEFSIYPAPQVSTAVVEPYNSILTTHTTLEHSDCAFMVDNEAIYDICRRNLDIERPTYTNLNRLISQIVSSITA
SLRFDGALNVDLTEFQTNLVPYPRIHFPLATYAPVISAEKAYHEQLSVAEITNACFEPANQMVKCDPRHGKYMACCLLYR
GDVVPKDVNAAIATIKTKRSIQFVDWCPTGFKVGINYQPPTVVPGGDLAKVQRAVCMLSNTTAIAEAWARLDHKFDLMYA
KRAFVHWYVGEGMEEGEFSEAREDMAALEKDYEEVGVD
;
A,C
2 'polypeptide(L)'
;MREIVHIQAGQCGNQIGAKFWEVISDEHGIDPTGSYHGDSDLQLERINVYYNEATGNKYVPRAILVDLEPGTMDSVRSGP
FGQIFRPDNFVFGQSGAGNNWAKGHYTEGAELVDSVLDVVRKESESCDCLQGFQLTHSLGGGTGSGMGTLLISKIREEYP
DRIMNTFSVMPSPKVSDTVVEPYNATLSVHQLVENTDETYCIDNEALYDICFRTLKLTTPTYGDLNHLVSATMSGVTTCL
RFPGQLNADLRKLAVNMVPFPRLHFFMPGFAPLTSRGSQQYRALTVPELTQQMFDSKNMMAACDPRHGRYLTVAAIFRGR
MSMKEVDEQMLNVQNKNSSYFVEWIPNNVKTAVCDIPPRGLKMSATFIGNSTAIQELFKRISEQFTAMFRRKAFLHWYTG
EGMDEMEFTEAESNMNDLVSEYQQYQDATADEQ
;
B,D
3 'polypeptide(L)'
;MADMEVIELNKATSGQSWEVILKPPSFDGVPEFNASLPRRRDPSLEEIQKKLEAAEERRKYQEAELLKHLAEKREHEREV
IQKAIEENNNFIKMAKEKLAQKMESNKENREAHLAAMLERLQEKDKHAEEVRKNKELKEEASR
;
E
#
loop_
_chem_comp.id
_chem_comp.type
_chem_comp.name
_chem_comp.formula
A1BMG non-polymer [(4M)-4-(1H-indol-4-yl)-1H-imidazol-2-yl](3,4,5-trimethoxyphenyl)methanone 'C21 H19 N3 O4'
GDP RNA linking GUANOSINE-5'-DIPHOSPHATE 'C10 H15 N5 O11 P2'
GTP non-polymer GUANOSINE-5'-TRIPHOSPHATE 'C10 H16 N5 O14 P3'
MG non-polymer 'MAGNESIUM ION' 'Mg 2'
SO4 non-polymer 'SULFATE ION' 'O4 S -2'
#
# COMPACT_ATOMS: atom_id res chain seq x y z
N MET A 1 70.84 -16.89 35.94
CA MET A 1 70.01 -16.79 34.74
C MET A 1 69.22 -15.49 34.76
N ARG A 2 68.85 -15.01 33.58
CA ARG A 2 68.25 -13.70 33.40
C ARG A 2 67.09 -13.80 32.41
N GLU A 3 66.05 -14.53 32.79
CA GLU A 3 64.93 -14.81 31.88
C GLU A 3 64.15 -13.53 31.55
N CYS A 4 63.73 -13.42 30.29
CA CYS A 4 62.80 -12.40 29.83
C CYS A 4 61.57 -13.07 29.23
N ILE A 5 60.40 -12.56 29.56
CA ILE A 5 59.14 -13.05 29.02
C ILE A 5 58.64 -12.09 27.95
N SER A 6 58.32 -12.62 26.79
CA SER A 6 57.80 -11.84 25.67
C SER A 6 56.28 -11.96 25.61
N ILE A 7 55.61 -10.82 25.47
CA ILE A 7 54.15 -10.76 25.39
C ILE A 7 53.76 -10.10 24.08
N HIS A 8 52.88 -10.74 23.32
CA HIS A 8 52.46 -10.25 22.02
C HIS A 8 50.96 -10.03 22.03
N VAL A 9 50.55 -8.78 21.75
CA VAL A 9 49.16 -8.36 21.90
C VAL A 9 48.68 -7.76 20.59
N GLY A 10 47.55 -8.27 20.09
CA GLY A 10 47.00 -7.80 18.83
C GLY A 10 47.71 -8.42 17.64
N GLN A 11 47.16 -8.15 16.46
CA GLN A 11 47.69 -8.80 15.25
C GLN A 11 49.13 -8.39 14.99
N ALA A 12 49.43 -7.09 15.04
CA ALA A 12 50.79 -6.64 14.82
C ALA A 12 51.74 -7.30 15.80
N GLY A 13 51.38 -7.32 17.10
CA GLY A 13 52.25 -7.93 18.09
C GLY A 13 52.51 -9.40 17.84
N VAL A 14 51.48 -10.15 17.42
CA VAL A 14 51.66 -11.57 17.18
C VAL A 14 52.51 -11.81 15.94
N GLN A 15 52.18 -11.14 14.83
CA GLN A 15 52.84 -11.45 13.56
C GLN A 15 54.30 -11.01 13.55
N ILE A 16 54.62 -9.91 14.25
CA ILE A 16 56.02 -9.57 14.46
C ILE A 16 56.68 -10.60 15.38
N GLY A 17 55.95 -11.07 16.40
CA GLY A 17 56.47 -12.13 17.25
C GLY A 17 56.85 -13.38 16.45
N ASN A 18 56.01 -13.79 15.52
CA ASN A 18 56.35 -14.90 14.63
C ASN A 18 57.67 -14.65 13.91
N ALA A 19 57.84 -13.44 13.38
CA ALA A 19 59.08 -13.09 12.69
C ALA A 19 60.28 -13.17 13.63
N CYS A 20 60.15 -12.65 14.85
CA CYS A 20 61.30 -12.61 15.75
C CYS A 20 61.66 -14.01 16.25
N TRP A 21 60.67 -14.78 16.72
CA TRP A 21 60.96 -16.11 17.22
C TRP A 21 61.53 -17.00 16.12
N GLU A 22 61.02 -16.86 14.89
CA GLU A 22 61.64 -17.56 13.76
C GLU A 22 63.11 -17.17 13.62
N LEU A 23 63.39 -15.87 13.65
CA LEU A 23 64.78 -15.42 13.53
C LEU A 23 65.62 -15.89 14.71
N TYR A 24 65.07 -15.85 15.93
CA TYR A 24 65.82 -16.35 17.08
C TYR A 24 66.23 -17.81 16.87
N CYS A 25 65.30 -18.63 16.40
CA CYS A 25 65.59 -20.04 16.17
C CYS A 25 66.70 -20.22 15.14
N LEU A 26 66.70 -19.42 14.09
CA LEU A 26 67.78 -19.49 13.10
C LEU A 26 69.10 -19.04 13.70
N GLU A 27 69.08 -18.06 14.61
CA GLU A 27 70.31 -17.59 15.23
C GLU A 27 70.85 -18.62 16.22
N HIS A 28 69.98 -19.25 17.02
CA HIS A 28 70.39 -20.20 18.04
C HIS A 28 70.36 -21.64 17.57
N GLY A 29 70.01 -21.90 16.31
CA GLY A 29 70.03 -23.27 15.82
C GLY A 29 68.93 -24.15 16.35
N ILE A 30 67.78 -23.58 16.69
CA ILE A 30 66.62 -24.35 17.12
C ILE A 30 65.78 -24.67 15.89
N GLN A 31 65.46 -25.96 15.72
CA GLN A 31 64.68 -26.41 14.60
C GLN A 31 63.20 -26.15 14.83
N PRO A 32 62.39 -26.16 13.76
CA PRO A 32 60.94 -25.94 13.93
C PRO A 32 60.26 -26.91 14.88
N ASP A 33 60.84 -28.09 15.12
CA ASP A 33 60.26 -29.03 16.07
C ASP A 33 60.69 -28.76 17.51
N GLY A 34 61.55 -27.77 17.74
CA GLY A 34 62.02 -27.46 19.07
C GLY A 34 63.31 -28.13 19.47
N GLN A 35 63.85 -28.99 18.62
CA GLN A 35 65.10 -29.69 18.92
C GLN A 35 66.30 -28.81 18.60
N MET A 36 67.41 -29.10 19.25
CA MET A 36 68.63 -28.31 19.09
C MET A 36 69.86 -29.20 19.28
N PRO A 37 70.73 -29.31 18.27
CA PRO A 37 72.03 -29.97 18.43
C PRO A 37 72.98 -29.17 19.31
N ASP A 46 77.89 -21.52 24.83
CA ASP A 46 77.02 -20.39 25.16
C ASP A 46 75.61 -20.86 25.48
N ASP A 47 75.20 -20.67 26.74
CA ASP A 47 73.88 -21.08 27.21
C ASP A 47 72.95 -19.89 27.44
N SER A 48 73.29 -18.72 26.89
CA SER A 48 72.52 -17.52 27.16
C SER A 48 71.15 -17.55 26.48
N PHE A 49 70.95 -18.43 25.51
CA PHE A 49 69.65 -18.53 24.86
C PHE A 49 68.55 -18.94 25.82
N ASN A 50 68.89 -19.47 27.00
CA ASN A 50 67.86 -19.88 27.94
C ASN A 50 67.13 -18.70 28.55
N THR A 51 67.63 -17.47 28.36
CA THR A 51 66.90 -16.29 28.81
C THR A 51 65.59 -16.11 28.07
N PHE A 52 65.50 -16.64 26.84
CA PHE A 52 64.30 -16.54 26.02
C PHE A 52 63.63 -17.89 25.78
N PHE A 53 64.32 -19.00 26.00
CA PHE A 53 63.79 -20.34 25.74
C PHE A 53 63.87 -21.20 26.99
N SER A 54 62.75 -21.79 27.38
CA SER A 54 62.74 -22.83 28.39
C SER A 54 62.91 -24.19 27.73
N GLU A 55 62.91 -25.25 28.52
CA GLU A 55 63.12 -26.58 27.99
C GLU A 55 62.17 -27.57 28.67
N THR A 56 61.68 -28.53 27.88
CA THR A 56 60.75 -29.54 28.36
C THR A 56 61.47 -30.87 28.59
N GLY A 57 60.81 -31.74 29.35
CA GLY A 57 61.30 -33.08 29.61
C GLY A 57 61.57 -33.90 28.36
N ALA A 58 61.03 -33.51 27.21
CA ALA A 58 61.33 -34.19 25.95
C ALA A 58 62.50 -33.59 25.20
N GLY A 59 63.19 -32.62 25.80
CA GLY A 59 64.29 -31.96 25.12
C GLY A 59 63.89 -30.88 24.14
N LYS A 60 62.67 -30.36 24.24
CA LYS A 60 62.20 -29.30 23.36
C LYS A 60 62.44 -27.94 23.99
N HIS A 61 62.84 -26.97 23.18
CA HIS A 61 63.09 -25.61 23.64
C HIS A 61 61.92 -24.73 23.23
N VAL A 62 61.29 -24.10 24.22
CA VAL A 62 59.99 -23.44 24.08
C VAL A 62 60.17 -21.96 24.37
N PRO A 63 59.77 -21.08 23.46
CA PRO A 63 59.86 -19.64 23.72
C PRO A 63 59.10 -19.24 24.98
N ARG A 64 59.73 -18.39 25.79
CA ARG A 64 59.05 -17.81 26.95
C ARG A 64 58.15 -16.68 26.44
N ALA A 65 56.98 -17.08 25.91
CA ALA A 65 56.15 -16.13 25.19
C ALA A 65 54.68 -16.45 25.40
N VAL A 66 53.87 -15.39 25.48
CA VAL A 66 52.42 -15.50 25.47
C VAL A 66 51.88 -14.67 24.31
N PHE A 67 50.86 -15.20 23.63
CA PHE A 67 50.23 -14.53 22.50
C PHE A 67 48.79 -14.23 22.85
N VAL A 68 48.37 -12.98 22.64
CA VAL A 68 47.01 -12.54 22.90
C VAL A 68 46.48 -11.91 21.62
N ASP A 69 45.49 -12.57 21.00
CA ASP A 69 44.75 -11.99 19.89
C ASP A 69 43.36 -12.59 19.91
N LEU A 70 42.36 -11.76 20.16
CA LEU A 70 40.98 -12.21 20.33
C LEU A 70 40.28 -12.46 19.01
N GLU A 71 41.03 -12.55 17.92
CA GLU A 71 40.50 -12.94 16.62
C GLU A 71 41.15 -14.25 16.24
N PRO A 72 40.41 -15.37 16.22
CA PRO A 72 41.07 -16.69 16.10
C PRO A 72 41.92 -16.87 14.85
N THR A 73 41.69 -16.08 13.80
CA THR A 73 42.42 -16.27 12.56
C THR A 73 43.93 -16.08 12.76
N VAL A 74 44.31 -15.02 13.47
CA VAL A 74 45.73 -14.68 13.58
C VAL A 74 46.47 -15.72 14.41
N ILE A 75 45.91 -16.05 15.58
CA ILE A 75 46.52 -17.05 16.44
C ILE A 75 46.48 -18.44 15.80
N ASP A 76 45.51 -18.69 14.92
CA ASP A 76 45.53 -19.95 14.17
C ASP A 76 46.74 -20.06 13.28
N GLU A 77 47.30 -18.92 12.83
CA GLU A 77 48.58 -18.96 12.13
C GLU A 77 49.63 -19.65 13.00
N VAL A 78 49.78 -19.19 14.25
CA VAL A 78 50.76 -19.74 15.16
C VAL A 78 50.50 -21.22 15.42
N ARG A 79 49.23 -21.61 15.52
CA ARG A 79 48.90 -23.00 15.80
C ARG A 79 49.26 -23.92 14.64
N THR A 80 49.13 -23.42 13.40
CA THR A 80 49.37 -24.23 12.21
C THR A 80 50.57 -23.74 11.40
N GLY A 81 51.39 -22.86 11.94
CA GLY A 81 52.53 -22.32 11.23
C GLY A 81 53.69 -23.29 11.16
N THR A 82 54.82 -22.77 10.65
CA THR A 82 56.01 -23.58 10.46
C THR A 82 56.64 -23.97 11.80
N TYR A 83 56.68 -23.02 12.75
CA TYR A 83 57.22 -23.26 14.08
C TYR A 83 56.13 -23.58 15.10
N ARG A 84 55.05 -24.26 14.67
CA ARG A 84 53.92 -24.48 15.55
C ARG A 84 54.26 -25.36 16.74
N GLN A 85 55.21 -26.29 16.57
CA GLN A 85 55.55 -27.20 17.66
C GLN A 85 56.34 -26.51 18.78
N LEU A 86 56.89 -25.32 18.53
CA LEU A 86 57.59 -24.60 19.59
C LEU A 86 56.66 -24.26 20.74
N PHE A 87 55.39 -24.02 20.44
CA PHE A 87 54.46 -23.40 21.39
C PHE A 87 53.46 -24.43 21.91
N HIS A 88 53.06 -24.25 23.16
CA HIS A 88 52.09 -24.99 23.94
C HIS A 88 50.77 -24.23 23.99
N PRO A 89 49.64 -24.95 24.01
CA PRO A 89 48.34 -24.28 23.85
C PRO A 89 48.06 -23.22 24.89
N GLU A 90 48.62 -23.33 26.09
CA GLU A 90 48.37 -22.33 27.12
C GLU A 90 49.23 -21.08 26.95
N GLN A 91 49.98 -20.97 25.85
CA GLN A 91 50.67 -19.74 25.50
C GLN A 91 49.87 -18.89 24.52
N LEU A 92 48.83 -19.46 23.93
CA LEU A 92 48.03 -18.82 22.90
C LEU A 92 46.64 -18.53 23.48
N ILE A 93 46.27 -17.25 23.52
CA ILE A 93 45.02 -16.81 24.12
C ILE A 93 44.21 -16.09 23.06
N THR A 94 43.06 -16.65 22.69
CA THR A 94 42.21 -16.08 21.66
C THR A 94 40.80 -15.85 22.22
N GLY A 95 39.87 -15.48 21.33
CA GLY A 95 38.48 -15.25 21.71
C GLY A 95 37.58 -15.42 20.51
N LYS A 96 36.52 -14.62 20.44
CA LYS A 96 35.65 -14.71 19.28
C LYS A 96 35.53 -13.36 18.57
N GLU A 97 35.53 -12.28 19.34
CA GLU A 97 35.34 -10.92 18.85
C GLU A 97 36.58 -10.10 19.18
N ASP A 98 37.17 -9.44 18.18
CA ASP A 98 38.29 -8.55 18.46
C ASP A 98 37.74 -7.20 18.92
N ALA A 99 38.63 -6.22 19.05
CA ALA A 99 38.28 -4.92 19.59
C ALA A 99 37.63 -3.99 18.57
N ALA A 100 37.52 -4.43 17.31
CA ALA A 100 36.87 -3.65 16.25
C ALA A 100 37.50 -2.26 16.15
N ASN A 101 38.84 -2.22 16.15
CA ASN A 101 39.63 -1.00 16.00
C ASN A 101 39.38 0.01 17.12
N ASN A 102 38.82 -0.43 18.24
CA ASN A 102 38.35 0.45 19.31
C ASN A 102 39.20 0.25 20.56
N TYR A 103 39.90 1.31 20.99
CA TYR A 103 40.67 1.23 22.22
C TYR A 103 39.78 0.91 23.41
N ALA A 104 38.66 1.62 23.55
CA ALA A 104 37.78 1.39 24.69
C ALA A 104 37.26 -0.04 24.72
N ARG A 105 37.02 -0.64 23.56
CA ARG A 105 36.56 -2.02 23.53
C ARG A 105 37.67 -2.98 23.96
N GLY A 106 38.89 -2.73 23.50
CA GLY A 106 40.00 -3.58 23.92
C GLY A 106 40.35 -3.41 25.38
N HIS A 107 40.32 -2.18 25.88
CA HIS A 107 40.75 -1.91 27.24
C HIS A 107 39.68 -2.27 28.26
N TYR A 108 38.44 -1.79 28.04
CA TYR A 108 37.40 -1.92 29.05
C TYR A 108 36.50 -3.12 28.84
N THR A 109 36.02 -3.33 27.61
CA THR A 109 35.05 -4.41 27.36
C THR A 109 35.75 -5.77 27.37
N ILE A 110 36.70 -5.99 26.46
CA ILE A 110 37.40 -7.26 26.47
C ILE A 110 38.44 -7.31 27.59
N GLY A 111 39.01 -6.16 27.96
CA GLY A 111 40.06 -6.16 28.97
C GLY A 111 39.57 -6.71 30.31
N LYS A 112 38.39 -6.25 30.75
CA LYS A 112 37.84 -6.77 31.99
C LYS A 112 37.52 -8.26 31.89
N GLU A 113 37.26 -8.76 30.68
CA GLU A 113 36.92 -10.16 30.49
C GLU A 113 38.13 -11.08 30.58
N ILE A 114 39.28 -10.68 30.02
CA ILE A 114 40.36 -11.60 29.76
C ILE A 114 41.61 -11.33 30.59
N ILE A 115 41.62 -10.28 31.41
CA ILE A 115 42.88 -9.85 32.02
C ILE A 115 43.40 -10.90 33.00
N ASP A 116 42.52 -11.49 33.81
CA ASP A 116 42.98 -12.47 34.80
C ASP A 116 43.47 -13.75 34.13
N LEU A 117 42.80 -14.18 33.07
CA LEU A 117 43.29 -15.32 32.30
C LEU A 117 44.66 -15.05 31.70
N VAL A 118 44.86 -13.85 31.15
CA VAL A 118 46.15 -13.50 30.55
C VAL A 118 47.23 -13.42 31.61
N LEU A 119 46.93 -12.80 32.75
CA LEU A 119 47.93 -12.72 33.82
C LEU A 119 48.22 -14.10 34.40
N ASP A 120 47.23 -14.99 34.41
CA ASP A 120 47.45 -16.35 34.87
C ASP A 120 48.44 -17.09 33.98
N ARG A 121 48.31 -16.95 32.66
CA ARG A 121 49.27 -17.58 31.76
C ARG A 121 50.64 -16.95 31.88
N ILE A 122 50.70 -15.65 32.15
CA ILE A 122 52.00 -15.01 32.36
C ILE A 122 52.63 -15.53 33.65
N ARG A 123 51.82 -15.72 34.69
CA ARG A 123 52.34 -16.23 35.96
C ARG A 123 52.92 -17.63 35.79
N LYS A 124 52.31 -18.47 34.96
CA LYS A 124 52.87 -19.81 34.77
C LYS A 124 54.25 -19.75 34.10
N LEU A 125 54.49 -18.76 33.25
CA LEU A 125 55.82 -18.61 32.68
C LEU A 125 56.80 -18.07 33.71
N ALA A 126 56.35 -17.09 34.52
CA ALA A 126 57.24 -16.44 35.48
C ALA A 126 57.65 -17.39 36.61
N ASP A 127 56.79 -18.37 36.92
CA ASP A 127 57.12 -19.41 37.90
C ASP A 127 58.20 -20.36 37.41
N GLN A 128 58.55 -20.33 36.13
CA GLN A 128 59.64 -21.13 35.61
C GLN A 128 60.95 -20.37 35.57
N CYS A 129 60.98 -19.13 36.06
CA CYS A 129 62.18 -18.30 36.04
C CYS A 129 62.78 -18.24 37.42
N THR A 130 64.11 -18.38 37.48
CA THR A 130 64.80 -18.22 38.75
C THR A 130 65.24 -16.78 38.99
N GLY A 131 65.32 -15.97 37.92
CA GLY A 131 65.68 -14.58 38.01
C GLY A 131 65.07 -13.75 36.90
N LEU A 132 63.73 -13.66 36.89
CA LEU A 132 63.00 -12.93 35.86
C LEU A 132 63.41 -11.46 35.84
N GLN A 133 63.90 -11.01 34.68
CA GLN A 133 64.25 -9.59 34.53
C GLN A 133 63.01 -8.73 34.35
N GLY A 134 62.08 -9.19 33.54
CA GLY A 134 60.93 -8.40 33.19
C GLY A 134 60.35 -8.86 31.86
N PHE A 135 59.77 -7.91 31.13
CA PHE A 135 58.90 -8.21 30.02
C PHE A 135 59.24 -7.41 28.78
N LEU A 136 58.99 -8.02 27.62
CA LEU A 136 59.13 -7.40 26.30
C LEU A 136 57.77 -7.48 25.62
N VAL A 137 57.08 -6.34 25.50
CA VAL A 137 55.69 -6.28 25.07
C VAL A 137 55.62 -5.76 23.63
N PHE A 138 55.08 -6.57 22.73
CA PHE A 138 54.95 -6.26 21.31
C PHE A 138 53.49 -5.91 21.00
N HIS A 139 53.25 -4.72 20.48
CA HIS A 139 51.86 -4.32 20.23
C HIS A 139 51.84 -3.10 19.33
N SER A 140 50.71 -2.91 18.65
CA SER A 140 50.52 -1.75 17.81
C SER A 140 49.94 -0.59 18.62
N PHE A 141 50.20 0.62 18.12
CA PHE A 141 49.52 1.80 18.64
C PHE A 141 48.08 1.88 18.13
N GLY A 142 47.85 1.48 16.88
CA GLY A 142 46.60 1.82 16.21
C GLY A 142 45.46 0.83 16.34
N GLY A 143 45.78 -0.44 16.53
CA GLY A 143 44.74 -1.43 16.72
C GLY A 143 44.01 -1.26 18.03
N GLY A 144 42.75 -1.69 18.04
CA GLY A 144 41.97 -1.65 19.26
C GLY A 144 42.45 -2.62 20.33
N THR A 145 42.99 -3.78 19.91
CA THR A 145 43.54 -4.70 20.90
C THR A 145 44.96 -4.29 21.30
N GLY A 146 45.82 -4.10 20.28
CA GLY A 146 47.17 -3.66 20.53
C GLY A 146 47.27 -2.43 21.41
N SER A 147 46.32 -1.50 21.29
CA SER A 147 46.36 -0.31 22.14
C SER A 147 45.61 -0.50 23.45
N GLY A 148 44.38 -0.98 23.38
CA GLY A 148 43.51 -1.01 24.55
C GLY A 148 43.86 -2.09 25.56
N PHE A 149 44.09 -3.32 25.10
CA PHE A 149 44.42 -4.36 26.07
C PHE A 149 45.83 -4.19 26.60
N THR A 150 46.79 -3.82 25.73
CA THR A 150 48.16 -3.64 26.20
C THR A 150 48.24 -2.67 27.36
N SER A 151 47.51 -1.56 27.29
CA SER A 151 47.61 -0.58 28.36
C SER A 151 47.08 -1.12 29.67
N LEU A 152 45.99 -1.90 29.62
CA LEU A 152 45.49 -2.55 30.83
C LEU A 152 46.49 -3.56 31.36
N LEU A 153 47.11 -4.32 30.46
CA LEU A 153 48.11 -5.30 30.88
C LEU A 153 49.32 -4.63 31.52
N MET A 154 49.78 -3.51 30.96
CA MET A 154 50.92 -2.81 31.57
C MET A 154 50.57 -2.27 32.95
N GLU A 155 49.36 -1.73 33.11
CA GLU A 155 48.88 -1.31 34.42
C GLU A 155 49.01 -2.45 35.42
N ARG A 156 48.56 -3.65 35.03
CA ARG A 156 48.51 -4.77 35.96
C ARG A 156 49.89 -5.38 36.19
N LEU A 157 50.75 -5.39 35.17
CA LEU A 157 52.11 -5.88 35.38
C LEU A 157 52.87 -5.01 36.37
N SER A 158 52.61 -3.70 36.38
CA SER A 158 53.20 -2.85 37.41
C SER A 158 52.74 -3.25 38.79
N VAL A 159 51.49 -3.69 38.91
CA VAL A 159 50.96 -4.16 40.18
C VAL A 159 51.58 -5.50 40.56
N ASP A 160 51.52 -6.48 39.64
CA ASP A 160 51.92 -7.85 39.96
C ASP A 160 53.42 -8.09 39.89
N TYR A 161 54.20 -7.17 39.33
CA TYR A 161 55.65 -7.32 39.19
C TYR A 161 56.31 -5.96 39.36
N GLY A 162 56.10 -5.33 40.52
CA GLY A 162 56.48 -3.93 40.70
C GLY A 162 57.93 -3.63 40.37
N LYS A 163 58.84 -4.53 40.73
CA LYS A 163 60.26 -4.28 40.57
C LYS A 163 60.81 -4.80 39.25
N LYS A 164 59.97 -5.22 38.32
CA LYS A 164 60.44 -5.83 37.08
C LYS A 164 60.42 -4.81 35.93
N SER A 165 61.41 -4.93 35.06
CA SER A 165 61.50 -4.03 33.91
C SER A 165 60.46 -4.38 32.86
N LYS A 166 59.96 -3.35 32.19
CA LYS A 166 59.01 -3.53 31.09
C LYS A 166 59.48 -2.69 29.91
N LEU A 167 59.85 -3.37 28.83
CA LEU A 167 60.17 -2.75 27.55
C LEU A 167 59.08 -3.05 26.54
N GLU A 168 58.84 -2.10 25.64
CA GLU A 168 57.90 -2.26 24.55
C GLU A 168 58.58 -2.14 23.20
N PHE A 169 58.04 -2.85 22.22
CA PHE A 169 58.28 -2.61 20.80
C PHE A 169 56.94 -2.23 20.21
N SER A 170 56.76 -0.93 19.93
CA SER A 170 55.47 -0.38 19.58
C SER A 170 55.44 0.00 18.11
N ILE A 171 54.37 -0.40 17.43
CA ILE A 171 54.19 -0.09 16.01
C ILE A 171 53.42 1.23 15.91
N TYR A 172 54.09 2.24 15.42
CA TYR A 172 53.59 3.59 15.21
C TYR A 172 52.79 3.65 13.90
N PRO A 173 51.60 4.23 13.93
CA PRO A 173 50.69 4.10 12.78
C PRO A 173 51.14 4.88 11.55
N ALA A 174 50.83 4.32 10.37
CA ALA A 174 51.09 4.90 9.05
C ALA A 174 49.89 4.74 8.12
N PRO A 175 49.51 5.79 7.41
CA PRO A 175 48.39 5.67 6.45
C PRO A 175 48.58 4.60 5.39
N GLN A 176 49.82 4.37 4.93
CA GLN A 176 50.03 3.44 3.82
C GLN A 176 49.47 2.04 4.13
N VAL A 177 49.61 1.58 5.37
CA VAL A 177 49.17 0.23 5.71
C VAL A 177 48.17 0.27 6.85
N SER A 178 47.44 1.38 6.98
CA SER A 178 46.53 1.55 8.10
C SER A 178 45.38 0.56 8.03
N THR A 179 44.73 0.35 9.17
CA THR A 179 43.54 -0.48 9.25
C THR A 179 42.35 0.24 9.82
N ALA A 180 42.49 1.48 10.26
CA ALA A 180 41.39 2.19 10.89
C ALA A 180 41.62 3.70 10.83
N VAL A 181 40.53 4.45 10.69
CA VAL A 181 40.62 5.90 10.73
C VAL A 181 40.88 6.42 12.14
N VAL A 182 40.58 5.60 13.15
CA VAL A 182 40.67 6.04 14.55
C VAL A 182 42.02 5.69 15.17
N GLU A 183 42.98 5.27 14.33
CA GLU A 183 44.29 4.92 14.87
C GLU A 183 44.95 6.06 15.66
N PRO A 184 44.86 7.33 15.23
CA PRO A 184 45.41 8.40 16.10
C PRO A 184 44.76 8.45 17.47
N TYR A 185 43.46 8.21 17.57
CA TYR A 185 42.82 8.15 18.88
C TYR A 185 43.42 7.04 19.73
N ASN A 186 43.41 5.80 19.21
CA ASN A 186 43.95 4.67 19.96
C ASN A 186 45.40 4.91 20.37
N SER A 187 46.17 5.59 19.49
CA SER A 187 47.59 5.84 19.77
C SER A 187 47.78 6.74 20.98
N ILE A 188 47.04 7.84 21.04
CA ILE A 188 47.16 8.77 22.16
C ILE A 188 46.64 8.12 23.43
N LEU A 189 45.54 7.36 23.32
CA LEU A 189 44.96 6.75 24.51
C LEU A 189 45.93 5.76 25.15
N THR A 190 46.57 4.91 24.36
CA THR A 190 47.43 3.88 24.95
C THR A 190 48.75 4.48 25.42
N THR A 191 49.25 5.53 24.77
CA THR A 191 50.46 6.19 25.24
C THR A 191 50.23 6.85 26.59
N HIS A 192 49.07 7.49 26.77
CA HIS A 192 48.74 8.10 28.05
C HIS A 192 48.70 7.07 29.16
N THR A 193 47.93 6.00 28.98
CA THR A 193 47.72 5.05 30.08
C THR A 193 48.99 4.25 30.38
N THR A 194 49.83 4.02 29.38
CA THR A 194 51.04 3.21 29.55
C THR A 194 52.24 3.99 30.07
N LEU A 195 52.19 5.34 30.02
CA LEU A 195 53.39 6.15 30.18
C LEU A 195 54.12 5.85 31.49
N GLU A 196 53.40 5.86 32.62
CA GLU A 196 53.98 5.53 33.92
C GLU A 196 54.44 4.07 34.03
N HIS A 197 54.04 3.20 33.12
CA HIS A 197 54.20 1.76 33.33
C HIS A 197 55.22 1.12 32.40
N SER A 198 55.96 1.90 31.64
CA SER A 198 56.99 1.36 30.75
C SER A 198 58.32 2.04 31.06
N ASP A 199 59.40 1.27 30.99
CA ASP A 199 60.73 1.79 31.29
C ASP A 199 61.48 2.21 30.03
N CYS A 200 61.17 1.59 28.90
CA CYS A 200 61.90 1.84 27.65
C CYS A 200 61.06 1.30 26.52
N ALA A 201 60.69 2.16 25.58
CA ALA A 201 59.81 1.81 24.48
C ALA A 201 60.49 2.13 23.17
N PHE A 202 60.72 1.11 22.35
CA PHE A 202 61.27 1.30 21.01
C PHE A 202 60.11 1.37 20.02
N MET A 203 59.85 2.57 19.51
CA MET A 203 58.79 2.74 18.52
C MET A 203 59.29 2.35 17.14
N VAL A 204 58.41 1.73 16.36
CA VAL A 204 58.70 1.33 14.99
C VAL A 204 57.65 1.99 14.11
N ASP A 205 58.04 3.04 13.40
CA ASP A 205 57.14 3.76 12.51
C ASP A 205 56.93 2.93 11.25
N ASN A 206 55.68 2.49 11.01
CA ASN A 206 55.43 1.67 9.83
C ASN A 206 55.78 2.41 8.54
N GLU A 207 55.64 3.74 8.53
CA GLU A 207 55.98 4.50 7.33
C GLU A 207 57.48 4.50 7.08
N ALA A 208 58.29 4.59 8.15
CA ALA A 208 59.74 4.51 7.99
C ALA A 208 60.15 3.13 7.47
N ILE A 209 59.56 2.08 8.03
CA ILE A 209 59.85 0.72 7.58
C ILE A 209 59.37 0.51 6.15
N TYR A 210 58.21 1.08 5.82
CA TYR A 210 57.72 1.03 4.44
C TYR A 210 58.71 1.67 3.49
N ASP A 211 59.19 2.87 3.83
CA ASP A 211 60.13 3.59 2.96
C ASP A 211 61.43 2.82 2.78
N ILE A 212 61.90 2.14 3.83
CA ILE A 212 63.16 1.40 3.73
C ILE A 212 63.00 0.19 2.81
N CYS A 213 61.86 -0.49 2.89
CA CYS A 213 61.63 -1.63 2.01
C CYS A 213 61.54 -1.20 0.55
N ARG A 214 60.97 -0.03 0.27
CA ARG A 214 60.87 0.42 -1.12
C ARG A 214 62.24 0.86 -1.66
N ARG A 215 62.92 1.74 -0.93
CA ARG A 215 64.19 2.26 -1.41
C ARG A 215 65.29 1.20 -1.40
N ASN A 216 65.55 0.60 -0.23
CA ASN A 216 66.71 -0.26 -0.07
C ASN A 216 66.49 -1.69 -0.52
N LEU A 217 65.24 -2.17 -0.61
CA LEU A 217 64.97 -3.55 -1.01
C LEU A 217 64.28 -3.66 -2.36
N ASP A 218 63.95 -2.52 -2.98
CA ASP A 218 63.33 -2.49 -4.30
C ASP A 218 62.02 -3.29 -4.31
N ILE A 219 61.12 -2.90 -3.41
CA ILE A 219 59.81 -3.53 -3.28
C ILE A 219 58.75 -2.45 -3.48
N GLU A 220 57.93 -2.62 -4.52
CA GLU A 220 56.95 -1.60 -4.85
C GLU A 220 55.87 -1.49 -3.77
N ARG A 221 55.31 -2.63 -3.35
CA ARG A 221 54.21 -2.65 -2.38
C ARG A 221 54.56 -3.59 -1.23
N PRO A 222 55.34 -3.11 -0.26
CA PRO A 222 55.72 -3.96 0.88
C PRO A 222 54.52 -4.53 1.63
N THR A 223 54.61 -5.81 1.99
CA THR A 223 53.58 -6.48 2.75
C THR A 223 53.89 -6.43 4.25
N TYR A 224 52.96 -6.97 5.05
CA TYR A 224 53.24 -7.12 6.47
C TYR A 224 54.49 -7.97 6.69
N THR A 225 54.66 -9.02 5.88
CA THR A 225 55.84 -9.88 6.03
C THR A 225 57.12 -9.12 5.72
N ASN A 226 57.10 -8.30 4.66
CA ASN A 226 58.26 -7.45 4.35
C ASN A 226 58.65 -6.61 5.55
N LEU A 227 57.69 -5.85 6.09
CA LEU A 227 57.96 -5.02 7.25
C LEU A 227 58.44 -5.85 8.43
N ASN A 228 57.81 -7.02 8.65
CA ASN A 228 58.15 -7.82 9.82
C ASN A 228 59.53 -8.46 9.71
N ARG A 229 59.95 -8.79 8.50
CA ARG A 229 61.31 -9.31 8.31
C ARG A 229 62.35 -8.26 8.69
N LEU A 230 62.10 -7.00 8.35
CA LEU A 230 63.04 -5.95 8.70
C LEU A 230 62.97 -5.62 10.18
N ILE A 231 61.76 -5.60 10.76
CA ILE A 231 61.62 -5.31 12.18
C ILE A 231 62.30 -6.39 13.02
N SER A 232 62.22 -7.64 12.58
CA SER A 232 62.86 -8.71 13.34
C SER A 232 64.36 -8.49 13.46
N GLN A 233 65.00 -7.98 12.41
CA GLN A 233 66.43 -7.72 12.46
C GLN A 233 66.76 -6.68 13.52
N ILE A 234 65.90 -5.67 13.68
CA ILE A 234 66.15 -4.64 14.67
C ILE A 234 65.94 -5.20 16.06
N VAL A 235 64.85 -5.94 16.25
CA VAL A 235 64.59 -6.58 17.55
C VAL A 235 65.74 -7.51 17.89
N SER A 236 66.21 -8.29 16.90
CA SER A 236 67.34 -9.17 17.13
C SER A 236 68.58 -8.41 17.59
N SER A 237 68.87 -7.29 16.93
CA SER A 237 70.03 -6.47 17.32
C SER A 237 69.88 -5.93 18.73
N ILE A 238 68.65 -5.58 19.12
CA ILE A 238 68.42 -5.03 20.44
C ILE A 238 68.50 -6.12 21.52
N THR A 239 68.08 -7.34 21.20
CA THR A 239 68.06 -8.42 22.19
C THR A 239 69.27 -9.34 22.10
N ALA A 240 70.16 -9.13 21.12
CA ALA A 240 71.25 -10.08 20.87
C ALA A 240 72.12 -10.30 22.08
N SER A 241 72.48 -9.23 22.79
CA SER A 241 73.32 -9.39 23.98
C SER A 241 72.57 -9.99 25.15
N LEU A 242 71.24 -10.07 25.09
CA LEU A 242 70.52 -10.84 26.09
C LEU A 242 70.53 -12.33 25.76
N ARG A 243 70.49 -12.68 24.48
CA ARG A 243 70.41 -14.08 24.06
C ARG A 243 71.77 -14.73 23.88
N PHE A 244 72.82 -13.94 23.76
CA PHE A 244 74.20 -14.44 23.75
C PHE A 244 74.95 -13.79 24.90
N ASP A 245 76.19 -14.24 25.12
CA ASP A 245 77.00 -13.69 26.21
C ASP A 245 77.72 -12.43 25.72
N GLY A 246 76.97 -11.34 25.65
CA GLY A 246 77.49 -10.06 25.20
C GLY A 246 78.03 -9.22 26.34
N ALA A 247 78.42 -8.00 26.00
CA ALA A 247 79.00 -7.06 26.96
C ALA A 247 78.12 -5.85 27.25
N LEU A 248 77.44 -5.32 26.24
CA LEU A 248 76.59 -4.15 26.39
C LEU A 248 75.13 -4.56 26.34
N ASN A 249 74.33 -3.99 27.25
CA ASN A 249 72.90 -4.32 27.39
C ASN A 249 72.72 -5.80 27.72
N VAL A 250 73.35 -6.23 28.82
CA VAL A 250 73.28 -7.62 29.25
C VAL A 250 72.11 -7.91 30.18
N ASP A 251 71.33 -6.90 30.54
CA ASP A 251 70.04 -7.14 31.19
C ASP A 251 69.15 -5.92 30.97
N LEU A 252 67.84 -6.14 31.13
CA LEU A 252 66.85 -5.12 30.80
C LEU A 252 67.09 -3.83 31.57
N THR A 253 67.50 -3.94 32.83
CA THR A 253 67.78 -2.75 33.63
C THR A 253 68.85 -1.87 32.99
N GLU A 254 69.78 -2.47 32.26
CA GLU A 254 70.84 -1.70 31.65
C GLU A 254 70.35 -0.82 30.49
N PHE A 255 69.18 -1.14 29.91
CA PHE A 255 68.64 -0.31 28.83
C PHE A 255 68.27 1.08 29.33
N GLN A 256 67.55 1.16 30.45
CA GLN A 256 67.20 2.47 30.99
C GLN A 256 68.43 3.16 31.59
N THR A 257 69.42 2.38 32.02
CA THR A 257 70.68 2.96 32.49
C THR A 257 71.42 3.65 31.35
N ASN A 258 71.50 3.00 30.19
CA ASN A 258 72.28 3.53 29.08
C ASN A 258 71.51 4.49 28.18
N LEU A 259 70.19 4.55 28.29
CA LEU A 259 69.39 5.27 27.32
C LEU A 259 68.33 6.18 27.91
N VAL A 260 67.95 6.01 29.17
CA VAL A 260 66.79 6.72 29.71
C VAL A 260 67.20 7.53 30.95
N PRO A 261 67.75 8.73 30.75
CA PRO A 261 68.10 9.56 31.92
C PRO A 261 66.88 10.11 32.63
N TYR A 262 65.77 10.32 31.92
CA TYR A 262 64.52 10.80 32.49
C TYR A 262 63.40 9.80 32.21
N PRO A 263 62.61 9.44 33.21
CA PRO A 263 61.68 8.32 33.05
C PRO A 263 60.60 8.54 31.99
N ARG A 264 60.03 9.74 31.87
CA ARG A 264 59.03 9.96 30.82
C ARG A 264 59.65 9.94 29.44
N ILE A 265 60.87 10.44 29.30
CA ILE A 265 61.54 10.52 28.01
C ILE A 265 62.19 9.17 27.71
N HIS A 266 61.38 8.12 27.58
CA HIS A 266 61.93 6.77 27.48
C HIS A 266 61.69 6.14 26.12
N PHE A 267 61.74 6.96 25.06
CA PHE A 267 61.47 6.54 23.68
C PHE A 267 62.71 6.68 22.82
N PRO A 268 63.60 5.69 22.84
CA PRO A 268 64.82 5.78 22.01
C PRO A 268 64.52 5.63 20.53
N LEU A 269 65.34 6.28 19.72
CA LEU A 269 65.30 6.17 18.27
C LEU A 269 66.26 5.08 17.81
N ALA A 270 65.79 4.18 16.96
CA ALA A 270 66.59 3.09 16.43
C ALA A 270 66.94 3.39 14.97
N THR A 271 68.23 3.31 14.65
CA THR A 271 68.74 3.38 13.30
C THR A 271 69.48 2.09 13.00
N TYR A 272 69.32 1.56 11.79
CA TYR A 272 69.88 0.25 11.45
C TYR A 272 70.49 0.28 10.07
N ALA A 273 71.62 -0.42 9.92
CA ALA A 273 72.33 -0.49 8.66
C ALA A 273 73.27 -1.69 8.70
N PRO A 274 73.50 -2.36 7.56
CA PRO A 274 72.96 -2.10 6.23
C PRO A 274 71.71 -2.91 5.91
N VAL A 275 70.81 -2.36 5.09
CA VAL A 275 69.69 -3.10 4.53
C VAL A 275 69.99 -3.28 3.05
N ILE A 276 70.22 -4.53 2.64
CA ILE A 276 70.71 -4.86 1.31
C ILE A 276 69.75 -5.85 0.66
N SER A 277 69.46 -5.64 -0.63
CA SER A 277 68.52 -6.49 -1.33
C SER A 277 69.15 -7.84 -1.64
N ALA A 278 68.36 -8.90 -1.50
CA ALA A 278 68.86 -10.25 -1.75
C ALA A 278 68.90 -10.53 -3.26
N GLN A 285 80.85 -5.92 0.28
CA GLN A 285 80.64 -5.90 1.73
C GLN A 285 81.04 -4.56 2.32
N LEU A 286 80.07 -3.83 2.86
CA LEU A 286 80.32 -2.48 3.35
C LEU A 286 81.27 -2.50 4.55
N SER A 287 81.98 -1.39 4.72
CA SER A 287 82.97 -1.27 5.77
C SER A 287 82.32 -0.84 7.08
N VAL A 288 83.10 -0.95 8.16
CA VAL A 288 82.68 -0.42 9.44
C VAL A 288 82.39 1.07 9.34
N ALA A 289 83.19 1.79 8.56
CA ALA A 289 83.01 3.24 8.45
C ALA A 289 81.73 3.58 7.69
N GLU A 290 81.40 2.79 6.68
CA GLU A 290 80.21 3.09 5.87
C GLU A 290 78.93 2.84 6.66
N ILE A 291 78.83 1.68 7.32
CA ILE A 291 77.62 1.40 8.10
C ILE A 291 77.54 2.34 9.29
N THR A 292 78.67 2.83 9.78
CA THR A 292 78.65 3.81 10.87
C THR A 292 78.11 5.15 10.38
N ASN A 293 78.52 5.58 9.19
CA ASN A 293 77.95 6.79 8.61
C ASN A 293 76.45 6.66 8.41
N ALA A 294 76.00 5.49 7.94
CA ALA A 294 74.59 5.26 7.72
C ALA A 294 73.77 5.42 9.00
N CYS A 295 74.40 5.23 10.16
CA CYS A 295 73.68 5.42 11.42
C CYS A 295 73.24 6.86 11.63
N PHE A 296 73.82 7.80 10.91
CA PHE A 296 73.49 9.21 11.07
C PHE A 296 72.79 9.77 9.84
N GLU A 297 72.13 8.89 9.07
CA GLU A 297 71.30 9.33 7.97
C GLU A 297 69.84 9.05 8.32
N PRO A 298 69.01 10.09 8.45
CA PRO A 298 67.61 9.87 8.87
C PRO A 298 66.85 8.89 7.99
N ALA A 299 67.28 8.66 6.75
CA ALA A 299 66.60 7.69 5.91
C ALA A 299 66.72 6.27 6.45
N ASN A 300 67.50 6.05 7.50
CA ASN A 300 67.67 4.74 8.10
C ASN A 300 67.02 4.62 9.47
N GLN A 301 66.41 5.68 9.97
CA GLN A 301 65.75 5.62 11.27
C GLN A 301 64.45 4.81 11.20
N MET A 302 64.07 4.21 12.32
CA MET A 302 62.83 3.47 12.40
C MET A 302 61.63 4.35 12.72
N VAL A 303 61.87 5.60 13.10
CA VAL A 303 60.83 6.60 13.32
C VAL A 303 61.22 7.85 12.54
N LYS A 304 60.29 8.37 11.73
CA LYS A 304 60.57 9.54 10.92
C LYS A 304 60.64 10.79 11.81
N CYS A 305 61.82 11.40 11.85
CA CYS A 305 62.05 12.66 12.54
C CYS A 305 63.42 13.17 12.11
N ASP A 306 63.73 14.41 12.52
CA ASP A 306 64.98 15.06 12.13
C ASP A 306 65.86 15.32 13.35
N PRO A 307 66.95 14.58 13.53
CA PRO A 307 67.79 14.80 14.72
C PRO A 307 68.45 16.16 14.75
N ARG A 308 68.51 16.87 13.62
CA ARG A 308 68.98 18.26 13.63
C ARG A 308 68.06 19.14 14.48
N HIS A 309 66.78 18.76 14.60
CA HIS A 309 65.82 19.48 15.42
C HIS A 309 65.83 19.02 16.87
N GLY A 310 66.93 18.43 17.34
CA GLY A 310 66.95 17.96 18.70
C GLY A 310 68.36 17.75 19.21
N LYS A 311 68.44 17.37 20.48
CA LYS A 311 69.69 17.06 21.15
C LYS A 311 69.64 15.64 21.69
N TYR A 312 70.78 14.96 21.59
CA TYR A 312 70.91 13.62 22.14
C TYR A 312 71.04 13.65 23.66
N MET A 313 70.43 12.66 24.31
CA MET A 313 70.62 12.40 25.73
C MET A 313 71.50 11.19 26.01
N ALA A 314 71.63 10.29 25.04
CA ALA A 314 72.31 9.03 25.17
C ALA A 314 72.44 8.42 23.79
N CYS A 315 73.50 7.66 23.55
CA CYS A 315 73.72 7.11 22.23
C CYS A 315 74.58 5.87 22.33
N CYS A 316 74.02 4.72 21.92
CA CYS A 316 74.71 3.44 21.93
C CYS A 316 74.82 2.87 20.53
N LEU A 317 75.97 2.26 20.23
CA LEU A 317 76.21 1.60 18.95
C LEU A 317 76.36 0.11 19.20
N LEU A 318 75.50 -0.69 18.56
CA LEU A 318 75.47 -2.14 18.75
C LEU A 318 75.94 -2.80 17.46
N TYR A 319 77.22 -3.15 17.41
CA TYR A 319 77.77 -3.80 16.23
C TYR A 319 77.53 -5.30 16.30
N ARG A 320 77.51 -5.92 15.11
CA ARG A 320 77.19 -7.34 15.03
C ARG A 320 77.99 -7.94 13.89
N GLY A 321 78.63 -9.07 14.16
CA GLY A 321 79.42 -9.73 13.13
C GLY A 321 80.87 -9.30 13.14
N ASP A 322 81.48 -9.22 11.96
CA ASP A 322 82.92 -8.98 11.81
C ASP A 322 83.21 -7.49 11.99
N VAL A 323 83.41 -7.09 13.23
CA VAL A 323 83.69 -5.70 13.58
C VAL A 323 84.82 -5.67 14.59
N VAL A 324 85.83 -4.85 14.31
CA VAL A 324 87.04 -4.79 15.13
C VAL A 324 87.13 -3.40 15.76
N PRO A 325 87.47 -3.30 17.06
CA PRO A 325 87.37 -1.99 17.74
C PRO A 325 88.12 -0.86 17.08
N LYS A 326 89.32 -1.09 16.54
CA LYS A 326 90.07 0.03 15.95
C LYS A 326 89.31 0.66 14.78
N ASP A 327 88.54 -0.15 14.05
CA ASP A 327 87.75 0.38 12.94
C ASP A 327 86.61 1.26 13.46
N VAL A 328 85.96 0.85 14.55
CA VAL A 328 84.86 1.63 15.11
C VAL A 328 85.35 3.00 15.57
N ASN A 329 86.42 3.01 16.37
CA ASN A 329 86.94 4.27 16.89
C ASN A 329 87.45 5.17 15.78
N ALA A 330 87.97 4.59 14.70
CA ALA A 330 88.34 5.41 13.54
C ALA A 330 87.09 5.96 12.86
N ALA A 331 86.04 5.15 12.76
CA ALA A 331 84.80 5.62 12.15
C ALA A 331 84.17 6.73 12.98
N ILE A 332 84.12 6.57 14.31
CA ILE A 332 83.56 7.60 15.18
C ILE A 332 84.38 8.88 15.06
N ALA A 333 85.71 8.76 14.98
CA ALA A 333 86.56 9.93 14.84
C ALA A 333 86.26 10.70 13.57
N THR A 334 85.94 9.99 12.49
CA THR A 334 85.67 10.64 11.20
C THR A 334 84.42 11.50 11.27
N ILE A 335 83.33 10.98 11.84
CA ILE A 335 82.09 11.75 11.85
C ILE A 335 82.13 12.88 12.88
N LYS A 336 82.99 12.77 13.90
CA LYS A 336 83.09 13.84 14.88
C LYS A 336 83.64 15.12 14.27
N THR A 337 84.61 14.99 13.36
CA THR A 337 85.24 16.15 12.75
C THR A 337 84.35 16.81 11.71
N LYS A 338 83.62 16.02 10.92
CA LYS A 338 82.80 16.57 9.85
C LYS A 338 81.40 16.96 10.27
N ARG A 339 80.88 16.39 11.36
CA ARG A 339 79.48 16.57 11.73
C ARG A 339 79.36 17.19 13.11
N SER A 340 78.24 17.86 13.34
CA SER A 340 77.90 18.40 14.65
C SER A 340 76.81 17.51 15.26
N ILE A 341 77.09 16.99 16.45
CA ILE A 341 76.20 16.04 17.13
C ILE A 341 75.94 16.62 18.51
N GLN A 342 74.87 17.41 18.63
CA GLN A 342 74.62 18.19 19.83
C GLN A 342 74.01 17.31 20.90
N PHE A 343 74.74 17.06 21.98
CA PHE A 343 74.16 16.50 23.18
C PHE A 343 73.63 17.62 24.06
N VAL A 344 72.68 17.28 24.93
CA VAL A 344 72.26 18.22 25.95
C VAL A 344 73.46 18.62 26.81
N ASP A 345 73.34 19.76 27.49
CA ASP A 345 74.46 20.32 28.24
C ASP A 345 74.91 19.38 29.35
N TRP A 346 73.97 18.90 30.15
CA TRP A 346 74.23 18.09 31.34
C TRP A 346 74.70 16.66 31.03
N CYS A 347 74.94 16.28 29.79
CA CYS A 347 75.26 14.89 29.47
C CYS A 347 76.49 14.82 28.57
N PRO A 348 77.38 13.86 28.79
CA PRO A 348 78.61 13.79 28.00
C PRO A 348 78.33 13.54 26.53
N THR A 349 79.15 14.13 25.68
CA THR A 349 79.07 13.93 24.23
C THR A 349 79.91 12.71 23.87
N GLY A 350 79.25 11.58 23.61
CA GLY A 350 79.98 10.39 23.24
C GLY A 350 79.05 9.21 23.05
N PHE A 351 79.67 8.03 22.95
CA PHE A 351 78.94 6.81 22.65
C PHE A 351 79.36 5.69 23.59
N LYS A 352 78.42 4.76 23.80
CA LYS A 352 78.73 3.46 24.35
C LYS A 352 78.66 2.46 23.21
N VAL A 353 79.75 1.72 23.01
CA VAL A 353 79.89 0.83 21.87
C VAL A 353 79.88 -0.60 22.36
N GLY A 354 79.18 -1.45 21.63
CA GLY A 354 79.19 -2.87 21.90
C GLY A 354 79.35 -3.64 20.62
N ILE A 355 80.16 -4.68 20.66
CA ILE A 355 80.32 -5.61 19.54
C ILE A 355 79.77 -6.94 19.99
N ASN A 356 78.88 -7.51 19.19
CA ASN A 356 78.45 -8.89 19.36
C ASN A 356 78.99 -9.67 18.17
N TYR A 357 79.81 -10.68 18.44
CA TYR A 357 80.48 -11.39 17.36
C TYR A 357 79.51 -12.24 16.55
N GLN A 358 78.40 -12.67 17.16
CA GLN A 358 77.41 -13.48 16.49
C GLN A 358 76.99 -12.83 15.17
N PRO A 359 77.11 -13.54 14.03
CA PRO A 359 76.96 -12.85 12.75
C PRO A 359 75.50 -12.52 12.48
N PRO A 360 75.24 -11.48 11.70
CA PRO A 360 73.86 -11.18 11.31
C PRO A 360 73.27 -12.32 10.51
N THR A 361 72.04 -12.69 10.85
CA THR A 361 71.33 -13.80 10.23
C THR A 361 70.07 -13.29 9.55
N VAL A 362 69.79 -13.84 8.37
CA VAL A 362 68.58 -13.50 7.62
C VAL A 362 67.76 -14.76 7.43
N VAL A 363 66.46 -14.56 7.22
CA VAL A 363 65.60 -15.70 6.89
C VAL A 363 65.99 -16.23 5.52
N PRO A 364 66.26 -17.53 5.37
CA PRO A 364 66.60 -18.07 4.05
C PRO A 364 65.47 -17.87 3.05
N GLY A 365 65.82 -17.37 1.88
CA GLY A 365 64.84 -17.07 0.86
C GLY A 365 64.16 -15.72 1.01
N GLY A 366 64.48 -14.97 2.06
CA GLY A 366 63.88 -13.66 2.26
C GLY A 366 64.44 -12.64 1.29
N ASP A 367 63.96 -11.41 1.45
CA ASP A 367 64.40 -10.30 0.61
C ASP A 367 65.59 -9.56 1.21
N LEU A 368 66.01 -9.91 2.42
CA LEU A 368 67.21 -9.34 3.03
C LEU A 368 68.39 -10.25 2.74
N ALA A 369 69.51 -9.65 2.33
CA ALA A 369 70.71 -10.41 2.03
C ALA A 369 71.57 -10.57 3.27
N LYS A 370 72.28 -11.69 3.34
CA LYS A 370 73.22 -11.93 4.42
C LYS A 370 74.41 -10.98 4.26
N VAL A 371 74.75 -10.27 5.36
CA VAL A 371 75.86 -9.34 5.34
C VAL A 371 76.90 -9.80 6.35
N GLN A 372 78.13 -9.30 6.17
CA GLN A 372 79.22 -9.67 7.05
C GLN A 372 79.10 -8.98 8.40
N ARG A 373 78.75 -7.69 8.38
CA ARG A 373 78.68 -6.87 9.59
C ARG A 373 77.46 -5.98 9.50
N ALA A 374 76.85 -5.71 10.66
CA ALA A 374 75.72 -4.81 10.76
C ALA A 374 75.86 -4.01 12.04
N VAL A 375 75.06 -2.96 12.15
CA VAL A 375 75.08 -2.12 13.33
C VAL A 375 73.69 -1.53 13.54
N CYS A 376 73.31 -1.39 14.81
CA CYS A 376 72.06 -0.74 15.19
C CYS A 376 72.39 0.34 16.21
N MET A 377 72.07 1.58 15.90
CA MET A 377 72.29 2.67 16.85
C MET A 377 70.99 2.95 17.58
N LEU A 378 71.08 3.00 18.91
CA LEU A 378 69.96 3.34 19.78
C LEU A 378 70.32 4.67 20.44
N SER A 379 69.57 5.71 20.13
CA SER A 379 69.86 7.04 20.62
C SER A 379 68.59 7.66 21.17
N ASN A 380 68.72 8.36 22.28
CA ASN A 380 67.61 9.08 22.88
C ASN A 380 67.77 10.54 22.51
N THR A 381 67.13 10.94 21.41
CA THR A 381 67.10 12.32 20.95
C THR A 381 65.75 12.96 21.23
N THR A 382 65.78 14.27 21.48
CA THR A 382 64.52 15.02 21.61
C THR A 382 63.81 15.17 20.27
N ALA A 383 64.44 14.77 19.17
CA ALA A 383 63.81 14.86 17.85
C ALA A 383 62.64 13.92 17.70
N ILE A 384 62.59 12.83 18.48
CA ILE A 384 61.49 11.89 18.37
C ILE A 384 60.17 12.50 18.84
N ALA A 385 60.21 13.66 19.50
CA ALA A 385 58.98 14.37 19.83
C ALA A 385 58.20 14.81 18.60
N GLU A 386 58.87 14.89 17.45
CA GLU A 386 58.16 15.22 16.21
C GLU A 386 57.16 14.13 15.85
N ALA A 387 57.49 12.87 16.13
CA ALA A 387 56.52 11.80 15.89
C ALA A 387 55.29 12.00 16.76
N TRP A 388 55.48 12.41 18.01
CA TRP A 388 54.33 12.69 18.88
C TRP A 388 53.53 13.89 18.37
N ALA A 389 54.20 14.87 17.75
CA ALA A 389 53.49 16.07 17.30
C ALA A 389 52.60 15.76 16.10
N ARG A 390 53.10 14.95 15.16
CA ARG A 390 52.27 14.50 14.05
C ARG A 390 51.03 13.75 14.54
N LEU A 391 51.21 12.80 15.45
CA LEU A 391 50.08 12.06 15.99
C LEU A 391 49.11 12.98 16.72
N ASP A 392 49.63 13.90 17.52
CA ASP A 392 48.76 14.76 18.31
C ASP A 392 47.92 15.68 17.43
N HIS A 393 48.41 16.02 16.24
CA HIS A 393 47.65 16.92 15.37
C HIS A 393 46.48 16.19 14.72
N LYS A 394 46.72 14.98 14.22
CA LYS A 394 45.63 14.17 13.69
C LYS A 394 44.57 13.92 14.75
N PHE A 395 44.99 13.64 15.99
CA PHE A 395 44.06 13.53 17.10
C PHE A 395 43.23 14.80 17.23
N ASP A 396 43.89 15.96 17.17
CA ASP A 396 43.22 17.24 17.37
C ASP A 396 42.21 17.52 16.27
N LEU A 397 42.55 17.18 15.02
CA LEU A 397 41.64 17.43 13.91
C LEU A 397 40.29 16.73 14.13
N MET A 398 40.31 15.49 14.61
CA MET A 398 39.06 14.75 14.77
C MET A 398 38.39 15.07 16.10
N TYR A 399 39.16 15.26 17.18
CA TYR A 399 38.54 15.48 18.48
C TYR A 399 37.87 16.84 18.58
N ALA A 400 38.29 17.81 17.77
CA ALA A 400 37.64 19.11 17.74
C ALA A 400 36.16 18.99 17.39
N LYS A 401 35.83 18.06 16.49
CA LYS A 401 34.45 17.79 16.11
C LYS A 401 33.86 16.61 16.86
N ARG A 402 34.61 16.02 17.78
CA ARG A 402 34.23 14.79 18.49
C ARG A 402 33.87 13.68 17.50
N ALA A 403 34.51 13.67 16.33
CA ALA A 403 34.28 12.63 15.35
C ALA A 403 34.66 11.27 15.93
N PHE A 404 33.74 10.31 15.85
CA PHE A 404 33.87 8.90 16.25
C PHE A 404 33.90 8.70 17.75
N VAL A 405 33.90 9.76 18.57
CA VAL A 405 34.01 9.62 20.01
C VAL A 405 32.90 8.73 20.59
N HIS A 406 31.74 8.69 19.92
CA HIS A 406 30.60 7.96 20.45
C HIS A 406 30.83 6.46 20.46
N TRP A 407 31.69 5.95 19.58
CA TRP A 407 32.05 4.53 19.63
C TRP A 407 32.87 4.21 20.88
N TYR A 408 33.66 5.16 21.36
CA TYR A 408 34.42 4.96 22.59
C TYR A 408 33.54 5.10 23.82
N VAL A 409 32.63 6.08 23.81
CA VAL A 409 31.72 6.27 24.94
C VAL A 409 30.75 5.11 25.05
N GLY A 410 30.35 4.53 23.91
CA GLY A 410 29.45 3.38 23.92
C GLY A 410 30.01 2.16 24.62
N GLU A 411 31.33 2.07 24.72
CA GLU A 411 31.99 0.97 25.43
C GLU A 411 32.22 1.28 26.91
N GLY A 412 31.66 2.37 27.41
CA GLY A 412 31.78 2.72 28.82
C GLY A 412 32.89 3.69 29.14
N MET A 413 33.68 4.10 28.15
CA MET A 413 34.71 5.09 28.38
C MET A 413 34.09 6.47 28.48
N GLU A 414 34.64 7.29 29.38
CA GLU A 414 34.17 8.66 29.54
C GLU A 414 34.89 9.58 28.57
N GLU A 415 34.13 10.52 28.00
CA GLU A 415 34.71 11.50 27.08
C GLU A 415 35.89 12.22 27.69
N GLY A 416 35.86 12.46 29.00
CA GLY A 416 36.96 13.15 29.65
C GLY A 416 38.30 12.46 29.48
N GLU A 417 38.29 11.13 29.29
CA GLU A 417 39.55 10.42 29.14
C GLU A 417 40.28 10.83 27.86
N PHE A 418 39.54 11.17 26.81
CA PHE A 418 40.17 11.70 25.59
C PHE A 418 41.00 12.93 25.91
N SER A 419 40.39 13.91 26.59
CA SER A 419 41.10 15.16 26.83
C SER A 419 42.19 14.98 27.89
N GLU A 420 41.90 14.17 28.92
CA GLU A 420 42.93 13.86 29.91
C GLU A 420 44.14 13.18 29.28
N ALA A 421 43.90 12.30 28.31
CA ALA A 421 45.00 11.69 27.56
C ALA A 421 45.74 12.72 26.71
N ARG A 422 44.99 13.64 26.09
CA ARG A 422 45.62 14.63 25.21
C ARG A 422 46.45 15.63 26.01
N GLU A 423 45.99 15.97 27.22
CA GLU A 423 46.78 16.85 28.09
C GLU A 423 48.11 16.20 28.44
N ASP A 424 48.10 14.89 28.69
CA ASP A 424 49.35 14.18 29.00
C ASP A 424 50.29 14.19 27.81
N MET A 425 49.76 14.13 26.59
CA MET A 425 50.62 14.25 25.41
C MET A 425 51.11 15.68 25.21
N ALA A 426 50.33 16.67 25.66
CA ALA A 426 50.82 18.05 25.65
C ALA A 426 52.01 18.21 26.59
N ALA A 427 51.89 17.66 27.81
CA ALA A 427 52.99 17.73 28.76
C ALA A 427 54.21 16.99 28.25
N LEU A 428 54.01 15.83 27.61
CA LEU A 428 55.14 15.10 27.05
C LEU A 428 55.86 15.92 25.99
N GLU A 429 55.11 16.61 25.13
CA GLU A 429 55.74 17.48 24.14
C GLU A 429 56.50 18.61 24.81
N LYS A 430 55.94 19.18 25.88
CA LYS A 430 56.64 20.25 26.60
C LYS A 430 57.89 19.71 27.29
N ASP A 431 57.79 18.52 27.90
CA ASP A 431 58.97 17.91 28.51
C ASP A 431 60.11 17.76 27.52
N TYR A 432 59.79 17.32 26.30
CA TYR A 432 60.82 17.22 25.27
C TYR A 432 61.39 18.59 24.91
N GLU A 433 60.56 19.64 24.93
CA GLU A 433 61.05 20.98 24.71
C GLU A 433 61.99 21.42 25.83
N GLU A 434 61.60 21.19 27.08
CA GLU A 434 62.37 21.70 28.22
C GLU A 434 63.80 21.17 28.21
N VAL A 435 63.96 19.86 27.94
CA VAL A 435 65.30 19.29 27.99
C VAL A 435 66.08 19.53 26.70
N GLY A 436 65.41 19.77 25.58
CA GLY A 436 66.10 20.12 24.36
C GLY A 436 66.23 21.62 24.22
N VAL A 437 66.58 22.28 25.33
CA VAL A 437 66.55 23.75 25.42
C VAL A 437 67.68 24.40 24.63
N MET B 1 32.24 -12.25 15.39
CA MET B 1 32.07 -11.57 14.10
C MET B 1 32.29 -12.52 12.94
N ARG B 2 31.48 -13.57 12.88
CA ARG B 2 31.55 -14.54 11.79
C ARG B 2 30.30 -14.42 10.91
N GLU B 3 29.15 -14.78 11.45
CA GLU B 3 27.95 -14.98 10.65
C GLU B 3 27.10 -13.71 10.57
N ILE B 4 26.56 -13.47 9.39
CA ILE B 4 25.53 -12.47 9.16
C ILE B 4 24.21 -13.20 8.92
N VAL B 5 23.14 -12.70 9.52
CA VAL B 5 21.79 -13.19 9.25
C VAL B 5 21.15 -12.22 8.27
N HIS B 6 20.75 -12.74 7.11
CA HIS B 6 20.17 -11.93 6.05
C HIS B 6 18.66 -12.03 6.07
N ILE B 7 17.99 -10.90 5.89
CA ILE B 7 16.53 -10.83 5.86
C ILE B 7 16.11 -10.04 4.62
N GLN B 8 15.09 -10.53 3.94
CA GLN B 8 14.48 -9.82 2.82
C GLN B 8 12.98 -9.76 3.04
N ALA B 9 12.41 -8.57 2.90
CA ALA B 9 11.02 -8.33 3.27
C ALA B 9 10.30 -7.55 2.16
N GLY B 10 9.08 -7.98 1.84
CA GLY B 10 8.27 -7.32 0.84
C GLY B 10 8.70 -7.67 -0.56
N GLN B 11 7.94 -7.17 -1.53
CA GLN B 11 8.18 -7.51 -2.92
C GLN B 11 9.58 -7.06 -3.36
N CYS B 12 9.87 -5.77 -3.22
CA CYS B 12 11.20 -5.29 -3.61
C CYS B 12 12.30 -5.98 -2.83
N GLY B 13 12.16 -6.06 -1.50
CA GLY B 13 13.14 -6.74 -0.68
C GLY B 13 13.49 -8.13 -1.17
N ASN B 14 12.46 -8.91 -1.57
CA ASN B 14 12.68 -10.29 -1.96
C ASN B 14 13.20 -10.41 -3.39
N GLN B 15 12.84 -9.47 -4.27
CA GLN B 15 13.40 -9.49 -5.63
C GLN B 15 14.90 -9.22 -5.62
N ILE B 16 15.33 -8.12 -5.00
CA ILE B 16 16.76 -7.80 -5.03
C ILE B 16 17.53 -8.73 -4.10
N GLY B 17 16.89 -9.20 -3.03
CA GLY B 17 17.54 -10.20 -2.19
C GLY B 17 17.82 -11.49 -2.93
N ALA B 18 16.86 -11.94 -3.74
CA ALA B 18 17.10 -13.13 -4.57
C ALA B 18 18.21 -12.88 -5.58
N LYS B 19 18.17 -11.72 -6.25
CA LYS B 19 19.24 -11.40 -7.20
C LYS B 19 20.60 -11.40 -6.52
N PHE B 20 20.64 -10.97 -5.26
CA PHE B 20 21.88 -10.96 -4.49
C PHE B 20 22.41 -12.36 -4.26
N TRP B 21 21.56 -13.27 -3.76
CA TRP B 21 21.98 -14.64 -3.53
C TRP B 21 22.36 -15.34 -4.83
N GLU B 22 21.65 -15.01 -5.91
CA GLU B 22 22.05 -15.48 -7.23
C GLU B 22 23.48 -15.09 -7.54
N VAL B 23 23.84 -13.82 -7.27
CA VAL B 23 25.12 -13.28 -7.73
C VAL B 23 26.28 -13.82 -6.89
N ILE B 24 26.17 -13.74 -5.56
CA ILE B 24 27.30 -14.17 -4.74
C ILE B 24 27.44 -15.68 -4.72
N SER B 25 26.39 -16.44 -5.03
CA SER B 25 26.55 -17.88 -5.16
C SER B 25 27.44 -18.21 -6.35
N ASP B 26 27.21 -17.54 -7.48
CA ASP B 26 28.10 -17.70 -8.63
C ASP B 26 29.53 -17.28 -8.28
N GLU B 27 29.70 -16.30 -7.40
CA GLU B 27 31.05 -15.86 -7.05
C GLU B 27 31.77 -16.89 -6.19
N HIS B 28 31.07 -17.48 -5.22
CA HIS B 28 31.65 -18.47 -4.33
C HIS B 28 31.54 -19.89 -4.89
N GLY B 29 30.94 -20.06 -6.08
CA GLY B 29 30.90 -21.35 -6.71
C GLY B 29 29.87 -22.31 -6.15
N ILE B 30 28.65 -21.83 -5.92
CA ILE B 30 27.56 -22.66 -5.42
C ILE B 30 26.48 -22.71 -6.50
N ASP B 31 26.05 -23.92 -6.84
CA ASP B 31 24.99 -24.13 -7.80
C ASP B 31 23.64 -24.08 -7.11
N PRO B 32 22.54 -23.96 -7.86
CA PRO B 32 21.22 -23.85 -7.21
C PRO B 32 20.87 -25.02 -6.30
N THR B 33 21.51 -26.18 -6.45
CA THR B 33 21.26 -27.30 -5.57
C THR B 33 22.06 -27.23 -4.28
N GLY B 34 22.88 -26.20 -4.09
CA GLY B 34 23.64 -26.03 -2.87
C GLY B 34 25.00 -26.70 -2.84
N SER B 35 25.39 -27.38 -3.92
CA SER B 35 26.68 -28.04 -3.97
C SER B 35 27.76 -27.06 -4.42
N TYR B 36 28.96 -27.26 -3.91
CA TYR B 36 30.10 -26.45 -4.34
C TYR B 36 30.75 -27.08 -5.56
N HIS B 37 31.07 -26.24 -6.55
CA HIS B 37 31.72 -26.70 -7.77
C HIS B 37 32.78 -25.72 -8.24
N GLY B 38 33.20 -24.78 -7.41
CA GLY B 38 34.14 -23.76 -7.80
C GLY B 38 35.54 -24.31 -8.01
N ASP B 39 36.45 -23.40 -8.37
CA ASP B 39 37.80 -23.74 -8.75
C ASP B 39 38.87 -23.14 -7.85
N SER B 40 38.50 -22.46 -6.77
CA SER B 40 39.47 -21.83 -5.88
C SER B 40 39.03 -21.95 -4.44
N ASP B 41 40.00 -22.04 -3.54
CA ASP B 41 39.72 -22.09 -2.11
C ASP B 41 39.56 -20.71 -1.49
N LEU B 42 39.89 -19.64 -2.22
CA LEU B 42 39.50 -18.30 -1.80
C LEU B 42 37.99 -18.18 -1.65
N GLN B 43 37.24 -18.94 -2.46
CA GLN B 43 35.78 -18.81 -2.44
C GLN B 43 35.17 -19.40 -1.16
N LEU B 44 35.81 -20.41 -0.58
CA LEU B 44 35.24 -21.12 0.56
C LEU B 44 35.84 -20.70 1.90
N GLU B 45 36.75 -19.74 1.91
CA GLU B 45 37.46 -19.42 3.14
C GLU B 45 36.57 -18.73 4.16
N ARG B 46 35.74 -17.78 3.73
CA ARG B 46 34.80 -17.10 4.61
C ARG B 46 33.36 -17.30 4.16
N ILE B 47 33.09 -18.42 3.49
CA ILE B 47 31.75 -18.65 2.95
C ILE B 47 30.72 -18.81 4.07
N ASN B 48 31.15 -19.12 5.28
CA ASN B 48 30.24 -19.25 6.42
C ASN B 48 29.75 -17.91 6.96
N VAL B 49 30.25 -16.80 6.42
CA VAL B 49 29.69 -15.49 6.77
C VAL B 49 28.23 -15.42 6.31
N TYR B 50 27.93 -16.01 5.15
CA TYR B 50 26.59 -15.96 4.57
C TYR B 50 25.91 -17.31 4.40
N TYR B 51 26.66 -18.41 4.32
CA TYR B 51 26.08 -19.73 4.08
C TYR B 51 26.26 -20.62 5.31
N ASN B 52 25.21 -21.36 5.66
CA ASN B 52 25.27 -22.34 6.73
C ASN B 52 25.82 -23.66 6.22
N GLU B 53 26.42 -24.42 7.14
CA GLU B 53 27.07 -25.68 6.82
C GLU B 53 26.06 -26.82 6.98
N ALA B 54 25.55 -27.32 5.87
CA ALA B 54 24.61 -28.43 5.86
C ALA B 54 25.32 -29.75 5.64
N THR B 55 24.77 -30.82 6.22
CA THR B 55 25.39 -32.14 6.11
C THR B 55 25.22 -32.68 4.71
N GLY B 56 26.33 -33.00 4.06
CA GLY B 56 26.31 -33.51 2.70
C GLY B 56 27.04 -32.60 1.74
N ASN B 57 28.02 -31.86 2.27
CA ASN B 57 28.78 -30.87 1.49
C ASN B 57 27.84 -29.92 0.76
N LYS B 58 26.86 -29.41 1.50
CA LYS B 58 25.84 -28.51 0.97
C LYS B 58 25.89 -27.19 1.72
N TYR B 59 25.75 -26.08 1.00
CA TYR B 59 25.77 -24.75 1.58
C TYR B 59 24.40 -24.11 1.40
N VAL B 60 23.78 -23.71 2.50
CA VAL B 60 22.43 -23.16 2.52
C VAL B 60 22.53 -21.69 2.93
N PRO B 61 22.00 -20.75 2.14
CA PRO B 61 22.06 -19.34 2.52
C PRO B 61 21.43 -19.10 3.89
N ARG B 62 22.11 -18.32 4.71
CA ARG B 62 21.56 -17.90 6.00
C ARG B 62 20.60 -16.73 5.77
N ALA B 63 19.53 -17.02 5.03
CA ALA B 63 18.57 -16.03 4.57
C ALA B 63 17.19 -16.34 5.14
N ILE B 64 16.47 -15.30 5.51
CA ILE B 64 15.09 -15.39 5.96
C ILE B 64 14.24 -14.55 5.02
N LEU B 65 13.21 -15.17 4.44
CA LEU B 65 12.38 -14.54 3.43
C LEU B 65 11.03 -14.21 4.04
N VAL B 66 10.61 -12.96 3.93
CA VAL B 66 9.43 -12.45 4.64
C VAL B 66 8.55 -11.69 3.66
N ASP B 67 7.24 -11.86 3.79
CA ASP B 67 6.28 -11.02 3.07
C ASP B 67 4.89 -11.24 3.64
N LEU B 68 4.10 -10.17 3.66
CA LEU B 68 2.69 -10.29 4.00
C LEU B 68 1.86 -10.84 2.85
N GLU B 69 2.41 -10.91 1.65
CA GLU B 69 1.73 -11.43 0.46
C GLU B 69 2.40 -12.73 0.03
N PRO B 70 1.64 -13.77 -0.29
CA PRO B 70 2.27 -15.05 -0.64
C PRO B 70 2.83 -15.12 -2.06
N GLY B 71 2.48 -14.17 -2.93
CA GLY B 71 2.88 -14.29 -4.33
C GLY B 71 4.38 -14.21 -4.52
N THR B 72 5.03 -13.26 -3.83
CA THR B 72 6.46 -13.06 -3.99
C THR B 72 7.25 -14.32 -3.61
N MET B 73 6.85 -14.97 -2.52
CA MET B 73 7.45 -16.25 -2.13
C MET B 73 7.47 -17.25 -3.29
N ASP B 74 6.30 -17.48 -3.90
CA ASP B 74 6.22 -18.39 -5.04
C ASP B 74 7.15 -17.96 -6.16
N SER B 75 7.22 -16.65 -6.45
CA SER B 75 8.09 -16.17 -7.51
C SER B 75 9.55 -16.45 -7.19
N VAL B 76 9.95 -16.23 -5.93
CA VAL B 76 11.31 -16.56 -5.53
C VAL B 76 11.53 -18.06 -5.61
N ARG B 77 10.56 -18.85 -5.15
CA ARG B 77 10.70 -20.30 -5.16
C ARG B 77 10.94 -20.84 -6.57
N SER B 78 10.18 -20.36 -7.54
CA SER B 78 10.33 -20.79 -8.92
C SER B 78 11.45 -20.07 -9.65
N GLY B 79 12.13 -19.12 -9.00
CA GLY B 79 13.21 -18.41 -9.61
C GLY B 79 14.41 -19.30 -9.86
N PRO B 80 15.48 -18.72 -10.40
CA PRO B 80 16.67 -19.51 -10.76
C PRO B 80 17.23 -20.30 -9.58
N PHE B 81 17.64 -19.59 -8.53
CA PHE B 81 18.19 -20.22 -7.33
C PHE B 81 17.14 -20.46 -6.27
N GLY B 82 15.88 -20.71 -6.65
CA GLY B 82 14.82 -20.84 -5.66
C GLY B 82 15.01 -22.00 -4.71
N GLN B 83 15.58 -23.10 -5.19
CA GLN B 83 15.70 -24.31 -4.40
C GLN B 83 16.82 -24.26 -3.38
N ILE B 84 17.64 -23.21 -3.37
CA ILE B 84 18.80 -23.17 -2.49
C ILE B 84 18.43 -22.75 -1.07
N PHE B 85 17.32 -22.06 -0.88
CA PHE B 85 16.97 -21.55 0.44
C PHE B 85 16.35 -22.66 1.29
N ARG B 86 16.53 -22.52 2.61
CA ARG B 86 15.89 -23.39 3.56
C ARG B 86 14.38 -23.22 3.46
N PRO B 87 13.62 -24.26 3.12
CA PRO B 87 12.19 -24.07 2.87
C PRO B 87 11.40 -23.60 4.09
N ASP B 88 11.90 -23.87 5.30
CA ASP B 88 11.27 -23.38 6.53
C ASP B 88 11.81 -22.01 6.97
N ASN B 89 12.57 -21.32 6.12
CA ASN B 89 12.89 -19.92 6.35
C ASN B 89 11.98 -18.98 5.56
N PHE B 90 11.02 -19.53 4.81
CA PHE B 90 9.98 -18.73 4.18
C PHE B 90 8.89 -18.44 5.22
N VAL B 91 8.67 -17.17 5.53
CA VAL B 91 7.62 -16.75 6.44
C VAL B 91 6.74 -15.75 5.71
N PHE B 92 5.55 -16.18 5.30
CA PHE B 92 4.66 -15.33 4.52
C PHE B 92 3.27 -15.30 5.12
N GLY B 93 2.66 -14.12 5.09
CA GLY B 93 1.29 -13.94 5.50
C GLY B 93 0.34 -14.16 4.33
N GLN B 94 -0.88 -13.64 4.48
CA GLN B 94 -1.91 -13.96 3.50
C GLN B 94 -2.64 -12.77 2.90
N SER B 95 -2.76 -11.66 3.63
CA SER B 95 -3.65 -10.59 3.19
C SER B 95 -2.92 -9.32 2.74
N GLY B 96 -1.61 -9.39 2.52
CA GLY B 96 -0.86 -8.24 2.02
C GLY B 96 -0.85 -7.06 2.98
N ALA B 97 -0.15 -5.99 2.55
CA ALA B 97 -0.05 -4.76 3.30
C ALA B 97 -0.74 -3.58 2.66
N GLY B 98 -1.26 -3.73 1.45
CA GLY B 98 -2.02 -2.67 0.82
C GLY B 98 -1.25 -1.40 0.55
N ASN B 99 0.06 -1.51 0.29
CA ASN B 99 0.93 -0.36 0.03
C ASN B 99 0.92 0.62 1.21
N ASN B 100 0.60 0.14 2.41
CA ASN B 100 0.34 1.00 3.56
C ASN B 100 1.34 0.69 4.64
N TRP B 101 2.21 1.67 4.93
CA TRP B 101 3.18 1.54 6.02
C TRP B 101 2.50 1.25 7.34
N ALA B 102 1.37 1.92 7.62
CA ALA B 102 0.66 1.69 8.87
C ALA B 102 0.20 0.25 9.03
N LYS B 103 -0.13 -0.41 7.92
CA LYS B 103 -0.54 -1.81 7.98
C LYS B 103 0.66 -2.73 8.19
N GLY B 104 1.76 -2.46 7.50
CA GLY B 104 2.96 -3.26 7.71
C GLY B 104 3.56 -3.06 9.09
N HIS B 105 3.48 -1.84 9.62
CA HIS B 105 4.15 -1.58 10.89
C HIS B 105 3.30 -1.96 12.09
N TYR B 106 1.99 -1.69 12.05
CA TYR B 106 1.12 -1.86 13.20
C TYR B 106 0.22 -3.09 13.08
N THR B 107 -0.68 -3.12 12.11
CA THR B 107 -1.71 -4.15 12.10
C THR B 107 -1.23 -5.48 11.53
N GLU B 108 -1.23 -5.63 10.20
CA GLU B 108 -0.87 -6.90 9.58
C GLU B 108 0.57 -7.30 9.90
N GLY B 109 1.47 -6.34 10.10
CA GLY B 109 2.85 -6.68 10.37
C GLY B 109 3.03 -7.31 11.74
N ALA B 110 2.30 -6.82 12.74
CA ALA B 110 2.44 -7.36 14.09
C ALA B 110 2.01 -8.83 14.16
N GLU B 111 0.95 -9.18 13.43
CA GLU B 111 0.42 -10.55 13.47
C GLU B 111 1.39 -11.57 12.90
N LEU B 112 2.32 -11.14 12.03
CA LEU B 112 3.32 -12.03 11.43
C LEU B 112 4.71 -11.87 12.04
N VAL B 113 4.95 -10.84 12.84
CA VAL B 113 6.33 -10.50 13.17
C VAL B 113 6.97 -11.53 14.09
N ASP B 114 6.19 -12.13 14.99
CA ASP B 114 6.74 -13.13 15.90
C ASP B 114 7.07 -14.44 15.17
N SER B 115 6.32 -14.77 14.12
CA SER B 115 6.72 -15.91 13.30
C SER B 115 8.07 -15.67 12.64
N VAL B 116 8.35 -14.41 12.28
CA VAL B 116 9.63 -14.09 11.67
C VAL B 116 10.74 -14.13 12.71
N LEU B 117 10.49 -13.59 13.90
CA LEU B 117 11.52 -13.55 14.93
C LEU B 117 11.89 -14.96 15.40
N ASP B 118 10.95 -15.90 15.33
CA ASP B 118 11.29 -17.29 15.67
C ASP B 118 12.33 -17.85 14.71
N VAL B 119 12.14 -17.63 13.41
CA VAL B 119 13.11 -18.11 12.43
C VAL B 119 14.42 -17.34 12.55
N VAL B 120 14.36 -16.06 12.92
CA VAL B 120 15.57 -15.28 13.17
C VAL B 120 16.32 -15.82 14.37
N ARG B 121 15.57 -16.19 15.42
CA ARG B 121 16.19 -16.71 16.63
C ARG B 121 16.80 -18.08 16.42
N LYS B 122 16.25 -18.88 15.50
CA LYS B 122 16.81 -20.19 15.24
C LYS B 122 18.13 -20.09 14.49
N GLU B 123 18.18 -19.24 13.45
CA GLU B 123 19.43 -19.05 12.72
C GLU B 123 20.50 -18.41 13.59
N SER B 124 20.08 -17.60 14.56
CA SER B 124 21.02 -16.92 15.45
C SER B 124 21.74 -17.88 16.38
N GLU B 125 21.08 -18.98 16.78
CA GLU B 125 21.71 -19.91 17.71
C GLU B 125 22.67 -20.86 17.01
N SER B 126 22.45 -21.15 15.73
CA SER B 126 23.41 -21.90 14.93
C SER B 126 24.62 -21.06 14.52
N CYS B 127 24.91 -19.98 15.24
CA CYS B 127 25.98 -19.05 14.90
C CYS B 127 27.08 -19.15 15.93
N ASP B 128 28.31 -19.40 15.47
CA ASP B 128 29.45 -19.39 16.36
C ASP B 128 29.68 -18.00 16.96
N CYS B 129 29.52 -16.95 16.14
CA CYS B 129 29.66 -15.58 16.64
C CYS B 129 28.88 -14.67 15.69
N LEU B 130 27.70 -14.22 16.12
CA LEU B 130 26.80 -13.47 15.26
C LEU B 130 27.35 -12.06 15.03
N GLN B 131 27.62 -11.75 13.78
CA GLN B 131 28.18 -10.46 13.41
C GLN B 131 27.10 -9.38 13.37
N GLY B 132 25.94 -9.71 12.81
CA GLY B 132 24.81 -8.80 12.79
C GLY B 132 23.79 -9.24 11.75
N PHE B 133 22.96 -8.28 11.34
CA PHE B 133 21.88 -8.53 10.40
C PHE B 133 21.99 -7.58 9.22
N GLN B 134 21.67 -8.09 8.02
CA GLN B 134 21.48 -7.24 6.85
C GLN B 134 20.07 -7.47 6.32
N LEU B 135 19.35 -6.38 6.08
CA LEU B 135 17.97 -6.42 5.64
C LEU B 135 17.86 -5.72 4.30
N THR B 136 17.20 -6.37 3.34
CA THR B 136 16.85 -5.77 2.08
C THR B 136 15.35 -5.48 2.06
N HIS B 137 15.00 -4.30 1.58
CA HIS B 137 13.61 -3.87 1.58
C HIS B 137 13.52 -2.55 0.83
N SER B 138 12.32 -2.18 0.44
CA SER B 138 12.01 -0.86 -0.08
C SER B 138 11.36 -0.03 1.02
N LEU B 139 11.46 1.28 0.88
CA LEU B 139 10.81 2.19 1.82
C LEU B 139 9.48 2.72 1.28
N GLY B 140 9.25 2.63 -0.03
CA GLY B 140 8.06 3.21 -0.61
C GLY B 140 6.79 2.37 -0.48
N GLY B 141 6.92 1.08 -0.22
CA GLY B 141 5.78 0.19 -0.10
C GLY B 141 5.28 0.04 1.32
N GLY B 142 4.63 -1.10 1.59
CA GLY B 142 4.04 -1.32 2.90
C GLY B 142 4.69 -2.39 3.76
N THR B 143 5.11 -3.50 3.15
CA THR B 143 5.64 -4.63 3.92
C THR B 143 7.11 -4.41 4.26
N GLY B 144 7.99 -4.40 3.25
CA GLY B 144 9.38 -4.10 3.49
C GLY B 144 9.61 -2.80 4.25
N SER B 145 8.72 -1.83 4.05
CA SER B 145 8.89 -0.51 4.67
C SER B 145 8.39 -0.50 6.11
N GLY B 146 7.08 -0.72 6.29
CA GLY B 146 6.47 -0.71 7.60
C GLY B 146 6.78 -1.94 8.44
N MET B 147 6.67 -3.14 7.87
CA MET B 147 6.99 -4.33 8.67
C MET B 147 8.49 -4.52 8.79
N GLY B 148 9.26 -4.09 7.78
CA GLY B 148 10.70 -4.17 7.87
C GLY B 148 11.27 -3.31 9.00
N THR B 149 10.76 -2.08 9.15
CA THR B 149 11.24 -1.24 10.25
C THR B 149 10.71 -1.73 11.58
N LEU B 150 9.54 -2.40 11.59
CA LEU B 150 9.10 -3.07 12.81
C LEU B 150 10.03 -4.23 13.17
N LEU B 151 10.43 -5.02 12.17
CA LEU B 151 11.41 -6.07 12.38
C LEU B 151 12.70 -5.51 12.96
N ILE B 152 13.20 -4.42 12.38
CA ILE B 152 14.44 -3.82 12.85
C ILE B 152 14.32 -3.43 14.32
N SER B 153 13.22 -2.79 14.68
CA SER B 153 13.05 -2.33 16.04
C SER B 153 12.98 -3.52 17.01
N LYS B 154 12.32 -4.60 16.62
CA LYS B 154 12.20 -5.75 17.52
C LYS B 154 13.51 -6.51 17.62
N ILE B 155 14.24 -6.62 16.50
CA ILE B 155 15.53 -7.29 16.51
C ILE B 155 16.53 -6.51 17.36
N ARG B 156 16.46 -5.18 17.32
CA ARG B 156 17.35 -4.38 18.16
C ARG B 156 17.03 -4.57 19.64
N GLU B 157 15.77 -4.80 19.99
CA GLU B 157 15.44 -5.01 21.40
C GLU B 157 15.95 -6.36 21.89
N GLU B 158 16.01 -7.36 21.00
CA GLU B 158 16.42 -8.71 21.38
C GLU B 158 17.92 -8.92 21.20
N TYR B 159 18.56 -8.16 20.31
CA TYR B 159 20.00 -8.23 20.08
C TYR B 159 20.58 -6.82 20.09
N PRO B 160 20.56 -6.14 21.25
CA PRO B 160 20.95 -4.72 21.26
C PRO B 160 22.41 -4.49 20.94
N ASP B 161 23.24 -5.53 20.94
CA ASP B 161 24.67 -5.37 20.76
C ASP B 161 25.15 -5.92 19.41
N ARG B 162 24.22 -6.22 18.50
CA ARG B 162 24.59 -6.65 17.16
C ARG B 162 24.41 -5.49 16.19
N ILE B 163 25.21 -5.51 15.12
CA ILE B 163 25.10 -4.49 14.09
C ILE B 163 23.83 -4.71 13.29
N MET B 164 23.15 -3.62 12.93
CA MET B 164 22.00 -3.66 12.03
C MET B 164 22.38 -2.92 10.75
N ASN B 165 22.30 -3.63 9.62
CA ASN B 165 22.65 -3.10 8.32
C ASN B 165 21.47 -3.30 7.37
N THR B 166 21.15 -2.28 6.59
CA THR B 166 20.04 -2.37 5.65
C THR B 166 20.46 -1.92 4.27
N PHE B 167 19.90 -2.59 3.27
CA PHE B 167 19.85 -2.09 1.90
C PHE B 167 18.44 -1.55 1.69
N SER B 168 18.31 -0.22 1.63
CA SER B 168 17.01 0.44 1.62
C SER B 168 16.81 1.11 0.25
N VAL B 169 15.83 0.62 -0.50
CA VAL B 169 15.53 1.14 -1.83
C VAL B 169 14.60 2.34 -1.68
N MET B 170 15.02 3.49 -2.22
CA MET B 170 14.29 4.76 -2.17
C MET B 170 13.33 4.88 -3.34
N PRO B 171 12.13 5.41 -3.10
CA PRO B 171 11.15 5.54 -4.18
C PRO B 171 11.39 6.74 -5.07
N SER B 172 10.90 6.63 -6.31
CA SER B 172 10.97 7.68 -7.30
C SER B 172 9.67 7.72 -8.11
N PRO B 173 9.09 8.90 -8.33
CA PRO B 173 7.95 9.00 -9.24
C PRO B 173 8.25 8.43 -10.61
N LYS B 174 9.53 8.34 -10.97
CA LYS B 174 9.94 7.77 -12.24
C LYS B 174 9.71 6.26 -12.31
N VAL B 175 9.67 5.57 -11.16
CA VAL B 175 9.40 4.13 -11.16
C VAL B 175 8.49 3.78 -9.99
N SER B 176 7.34 4.41 -9.89
CA SER B 176 6.51 4.22 -8.71
C SER B 176 5.58 3.02 -8.86
N ASP B 177 5.15 2.49 -7.71
CA ASP B 177 4.13 1.45 -7.64
C ASP B 177 2.90 1.86 -6.85
N THR B 178 2.96 2.95 -6.08
CA THR B 178 1.82 3.38 -5.30
C THR B 178 1.92 4.88 -5.07
N VAL B 179 0.75 5.51 -4.89
CA VAL B 179 0.69 6.97 -4.77
C VAL B 179 1.13 7.47 -3.41
N VAL B 180 1.31 6.59 -2.42
CA VAL B 180 1.59 7.01 -1.06
C VAL B 180 3.07 6.77 -0.69
N GLU B 181 3.93 6.55 -1.69
CA GLU B 181 5.35 6.37 -1.41
C GLU B 181 5.98 7.47 -0.56
N PRO B 182 5.70 8.76 -0.78
CA PRO B 182 6.31 9.77 0.10
C PRO B 182 6.00 9.58 1.57
N TYR B 183 4.78 9.15 1.90
CA TYR B 183 4.45 8.84 3.30
C TYR B 183 5.22 7.63 3.79
N ASN B 184 5.13 6.52 3.05
CA ASN B 184 5.80 5.29 3.45
C ASN B 184 7.30 5.49 3.64
N ALA B 185 7.92 6.28 2.76
CA ALA B 185 9.38 6.44 2.81
C ALA B 185 9.80 7.34 3.97
N THR B 186 9.08 8.45 4.17
CA THR B 186 9.42 9.36 5.27
C THR B 186 9.24 8.68 6.62
N LEU B 187 8.16 7.90 6.77
CA LEU B 187 7.92 7.22 8.04
C LEU B 187 9.00 6.19 8.33
N SER B 188 9.62 5.63 7.28
CA SER B 188 10.67 4.64 7.48
C SER B 188 12.04 5.27 7.69
N VAL B 189 12.33 6.40 7.04
CA VAL B 189 13.61 7.08 7.25
C VAL B 189 13.75 7.48 8.71
N HIS B 190 12.65 7.91 9.32
CA HIS B 190 12.59 8.15 10.75
C HIS B 190 13.08 6.93 11.55
N GLN B 191 12.56 5.75 11.21
CA GLN B 191 12.98 4.54 11.91
C GLN B 191 14.44 4.23 11.66
N LEU B 192 14.90 4.37 10.41
CA LEU B 192 16.28 4.02 10.07
C LEU B 192 17.28 4.92 10.76
N VAL B 193 16.94 6.20 10.95
CA VAL B 193 17.82 7.12 11.67
C VAL B 193 18.05 6.62 13.10
N GLU B 194 17.01 6.07 13.72
CA GLU B 194 17.09 5.71 15.13
C GLU B 194 17.66 4.32 15.36
N ASN B 195 17.41 3.38 14.44
CA ASN B 195 17.56 1.96 14.77
C ASN B 195 18.49 1.18 13.84
N THR B 196 19.18 1.82 12.90
CA THR B 196 20.19 1.10 12.14
C THR B 196 21.57 1.70 12.38
N ASP B 197 22.60 0.91 12.10
CA ASP B 197 23.99 1.31 12.22
C ASP B 197 24.60 1.69 10.88
N GLU B 198 24.09 1.09 9.79
CA GLU B 198 24.58 1.32 8.45
C GLU B 198 23.42 1.09 7.50
N THR B 199 23.20 2.03 6.57
CA THR B 199 22.15 1.89 5.58
C THR B 199 22.72 2.29 4.22
N TYR B 200 22.64 1.38 3.27
CA TYR B 200 22.97 1.72 1.90
C TYR B 200 21.74 2.31 1.23
N CYS B 201 21.83 3.56 0.79
CA CYS B 201 20.71 4.22 0.15
C CYS B 201 20.74 3.86 -1.34
N ILE B 202 19.85 2.96 -1.73
CA ILE B 202 19.69 2.54 -3.13
C ILE B 202 18.53 3.34 -3.70
N ASP B 203 18.84 4.36 -4.50
CA ASP B 203 17.83 5.30 -4.97
C ASP B 203 17.32 4.86 -6.34
N ASN B 204 16.04 4.45 -6.39
CA ASN B 204 15.44 4.11 -7.67
C ASN B 204 15.53 5.26 -8.67
N GLU B 205 15.47 6.49 -8.17
CA GLU B 205 15.68 7.65 -9.04
C GLU B 205 17.03 7.57 -9.75
N ALA B 206 18.08 7.19 -9.02
CA ALA B 206 19.41 7.12 -9.63
C ALA B 206 19.53 5.90 -10.53
N LEU B 207 18.96 4.76 -10.12
CA LEU B 207 19.03 3.57 -10.96
C LEU B 207 18.32 3.79 -12.30
N TYR B 208 17.22 4.54 -12.29
CA TYR B 208 16.52 4.85 -13.53
C TYR B 208 17.36 5.81 -14.38
N ASP B 209 17.83 6.90 -13.77
CA ASP B 209 18.63 7.89 -14.50
C ASP B 209 19.88 7.25 -15.11
N ILE B 210 20.46 6.26 -14.43
CA ILE B 210 21.64 5.59 -14.97
C ILE B 210 21.26 4.73 -16.17
N CYS B 211 20.12 4.05 -16.08
CA CYS B 211 19.69 3.18 -17.18
C CYS B 211 19.30 4.00 -18.40
N PHE B 212 18.62 5.12 -18.20
CA PHE B 212 18.16 5.91 -19.33
C PHE B 212 19.29 6.71 -19.95
N ARG B 213 20.07 7.41 -19.13
CA ARG B 213 21.06 8.35 -19.64
C ARG B 213 22.36 7.65 -20.03
N THR B 214 22.88 6.79 -19.17
CA THR B 214 24.18 6.19 -19.41
C THR B 214 24.08 4.89 -20.20
N LEU B 215 23.18 4.00 -19.80
CA LEU B 215 23.03 2.72 -20.49
C LEU B 215 22.15 2.80 -21.73
N LYS B 216 21.60 3.98 -22.05
CA LYS B 216 20.78 4.20 -23.25
C LYS B 216 19.60 3.23 -23.31
N LEU B 217 19.04 2.91 -22.14
CA LEU B 217 17.81 2.13 -22.07
C LEU B 217 16.63 3.09 -22.08
N THR B 218 15.88 3.10 -23.18
CA THR B 218 14.79 4.07 -23.33
C THR B 218 13.70 3.86 -22.31
N THR B 219 13.37 2.59 -22.02
CA THR B 219 12.30 2.24 -21.10
C THR B 219 12.87 1.27 -20.07
N PRO B 220 13.44 1.78 -18.98
CA PRO B 220 14.02 0.89 -17.96
C PRO B 220 12.94 0.10 -17.24
N THR B 221 13.25 -1.16 -16.97
CA THR B 221 12.41 -2.05 -16.20
C THR B 221 13.09 -2.35 -14.87
N TYR B 222 12.36 -3.03 -13.98
CA TYR B 222 12.96 -3.46 -12.72
C TYR B 222 14.13 -4.39 -12.94
N GLY B 223 14.08 -5.23 -13.97
CA GLY B 223 15.21 -6.09 -14.27
C GLY B 223 16.47 -5.29 -14.58
N ASP B 224 16.33 -4.15 -15.25
CA ASP B 224 17.47 -3.29 -15.53
C ASP B 224 17.98 -2.62 -14.26
N LEU B 225 17.07 -2.13 -13.41
CA LEU B 225 17.49 -1.50 -12.17
C LEU B 225 18.13 -2.52 -11.22
N ASN B 226 17.52 -3.70 -11.11
CA ASN B 226 18.05 -4.73 -10.21
C ASN B 226 19.42 -5.23 -10.65
N HIS B 227 19.76 -5.11 -11.93
CA HIS B 227 21.10 -5.47 -12.36
C HIS B 227 22.13 -4.56 -11.71
N LEU B 228 21.83 -3.26 -11.58
CA LEU B 228 22.71 -2.35 -10.84
C LEU B 228 22.76 -2.71 -9.37
N VAL B 229 21.61 -3.07 -8.78
CA VAL B 229 21.55 -3.36 -7.36
C VAL B 229 22.38 -4.60 -7.02
N SER B 230 22.27 -5.65 -7.84
CA SER B 230 23.02 -6.87 -7.56
C SER B 230 24.52 -6.61 -7.68
N ALA B 231 24.92 -5.80 -8.67
CA ALA B 231 26.33 -5.45 -8.80
C ALA B 231 26.82 -4.65 -7.61
N THR B 232 26.02 -3.66 -7.17
CA THR B 232 26.39 -2.87 -6.00
C THR B 232 26.45 -3.73 -4.75
N MET B 233 25.49 -4.64 -4.57
CA MET B 233 25.46 -5.45 -3.35
C MET B 233 26.63 -6.42 -3.30
N SER B 234 27.00 -6.98 -4.45
CA SER B 234 28.18 -7.82 -4.50
C SER B 234 29.43 -7.02 -4.12
N GLY B 235 29.54 -5.80 -4.63
CA GLY B 235 30.73 -5.01 -4.38
C GLY B 235 30.89 -4.63 -2.92
N VAL B 236 29.80 -4.14 -2.31
CA VAL B 236 29.87 -3.65 -0.93
C VAL B 236 29.92 -4.76 0.10
N THR B 237 29.78 -6.03 -0.31
CA THR B 237 29.96 -7.14 0.62
C THR B 237 31.23 -7.93 0.36
N THR B 238 31.99 -7.58 -0.68
CA THR B 238 33.19 -8.33 -1.03
C THR B 238 34.16 -8.45 0.15
N CYS B 239 34.38 -7.35 0.88
CA CYS B 239 35.33 -7.38 1.99
C CYS B 239 34.83 -8.22 3.16
N LEU B 240 33.53 -8.48 3.22
CA LEU B 240 32.97 -9.35 4.24
C LEU B 240 33.11 -10.82 3.86
N ARG B 241 33.17 -11.12 2.56
CA ARG B 241 33.10 -12.49 2.06
C ARG B 241 34.44 -13.07 1.68
N PHE B 242 35.42 -12.25 1.34
CA PHE B 242 36.71 -12.75 0.91
C PHE B 242 37.81 -12.24 1.85
N PRO B 243 38.88 -13.02 2.03
CA PRO B 243 39.88 -12.64 3.02
C PRO B 243 40.75 -11.48 2.55
N GLY B 244 41.30 -10.76 3.53
CA GLY B 244 42.12 -9.61 3.21
C GLY B 244 42.81 -9.05 4.44
N GLN B 245 43.44 -7.89 4.26
CA GLN B 245 44.22 -7.27 5.32
C GLN B 245 43.33 -6.72 6.43
N LEU B 246 42.16 -6.21 6.06
CA LEU B 246 41.32 -5.52 7.03
C LEU B 246 40.54 -6.47 7.92
N ASN B 247 40.47 -7.75 7.58
CA ASN B 247 39.58 -8.70 8.25
C ASN B 247 38.22 -8.03 8.48
N ALA B 248 37.69 -7.47 7.39
CA ALA B 248 36.54 -6.57 7.48
C ALA B 248 35.32 -7.29 8.02
N ASP B 249 34.57 -6.60 8.88
CA ASP B 249 33.28 -7.04 9.38
C ASP B 249 32.37 -5.81 9.53
N LEU B 250 31.11 -6.05 9.88
CA LEU B 250 30.11 -4.99 9.89
C LEU B 250 30.33 -3.98 11.02
N ARG B 251 30.88 -4.41 12.14
CA ARG B 251 31.15 -3.46 13.22
C ARG B 251 32.33 -2.57 12.87
N LYS B 252 33.36 -3.12 12.22
CA LYS B 252 34.48 -2.29 11.80
C LYS B 252 34.05 -1.31 10.72
N LEU B 253 33.18 -1.74 9.80
CA LEU B 253 32.66 -0.79 8.81
C LEU B 253 31.97 0.38 9.49
N ALA B 254 31.18 0.12 10.52
CA ALA B 254 30.48 1.22 11.20
C ALA B 254 31.44 2.12 11.96
N VAL B 255 32.47 1.55 12.60
CA VAL B 255 33.37 2.35 13.40
C VAL B 255 34.12 3.35 12.53
N ASN B 256 34.61 2.93 11.38
CA ASN B 256 35.40 3.80 10.52
C ASN B 256 34.56 4.66 9.59
N MET B 257 33.31 4.28 9.30
CA MET B 257 32.50 5.08 8.39
C MET B 257 31.51 6.00 9.08
N VAL B 258 31.22 5.80 10.35
CA VAL B 258 30.18 6.60 11.03
C VAL B 258 30.80 7.46 12.12
N PRO B 259 31.20 8.70 11.82
CA PRO B 259 31.74 9.58 12.88
C PRO B 259 30.70 10.09 13.84
N PHE B 260 29.43 10.13 13.45
CA PHE B 260 28.35 10.57 14.33
C PHE B 260 27.18 9.63 14.10
N PRO B 261 26.51 9.19 15.17
CA PRO B 261 25.61 8.04 15.05
C PRO B 261 24.47 8.22 14.04
N ARG B 262 23.88 9.41 13.96
CA ARG B 262 22.77 9.58 13.04
C ARG B 262 23.21 9.59 11.58
N LEU B 263 24.47 9.93 11.30
CA LEU B 263 24.92 10.11 9.93
C LEU B 263 25.51 8.79 9.41
N HIS B 264 24.61 7.83 9.17
CA HIS B 264 25.01 6.48 8.79
C HIS B 264 24.33 6.02 7.50
N PHE B 265 24.08 6.94 6.58
CA PHE B 265 23.45 6.64 5.30
C PHE B 265 24.48 6.79 4.19
N PHE B 266 24.79 5.68 3.52
CA PHE B 266 25.92 5.63 2.59
C PHE B 266 25.45 5.85 1.15
N MET B 267 26.31 6.50 0.37
CA MET B 267 26.14 6.62 -1.08
C MET B 267 26.94 5.50 -1.76
N PRO B 268 26.29 4.46 -2.25
CA PRO B 268 27.03 3.45 -3.02
C PRO B 268 27.39 3.95 -4.41
N GLY B 269 28.42 3.33 -4.98
CA GLY B 269 28.87 3.65 -6.32
C GLY B 269 29.54 2.46 -6.93
N PHE B 270 29.54 2.41 -8.26
CA PHE B 270 30.05 1.24 -8.96
C PHE B 270 30.61 1.65 -10.31
N ALA B 271 31.69 0.98 -10.73
CA ALA B 271 32.26 1.13 -12.05
C ALA B 271 32.85 -0.21 -12.47
N PRO B 272 32.71 -0.60 -13.74
CA PRO B 272 31.99 0.08 -14.83
C PRO B 272 30.49 -0.18 -14.79
N LEU B 273 29.68 0.78 -15.23
CA LEU B 273 28.25 0.59 -15.35
C LEU B 273 27.94 -0.23 -16.60
N THR B 274 27.15 -1.29 -16.42
CA THR B 274 26.89 -2.25 -17.49
C THR B 274 25.40 -2.52 -17.61
N SER B 275 24.93 -2.63 -18.85
CA SER B 275 23.59 -3.15 -19.11
C SER B 275 23.61 -4.67 -19.13
N ARG B 276 22.42 -5.26 -19.05
CA ARG B 276 22.30 -6.71 -18.98
C ARG B 276 22.77 -7.39 -20.27
N LEU B 284 38.20 -1.79 -18.53
CA LEU B 284 38.66 -0.41 -18.39
C LEU B 284 39.96 -0.35 -17.61
N THR B 285 40.55 0.83 -17.52
CA THR B 285 41.84 1.01 -16.88
C THR B 285 41.68 1.45 -15.42
N VAL B 286 42.79 1.41 -14.69
CA VAL B 286 42.77 1.85 -13.29
C VAL B 286 42.49 3.35 -13.16
N PRO B 287 43.14 4.24 -13.93
CA PRO B 287 42.82 5.67 -13.78
C PRO B 287 41.37 6.00 -14.11
N GLU B 288 40.73 5.21 -14.97
CA GLU B 288 39.30 5.40 -15.24
C GLU B 288 38.46 4.89 -14.09
N LEU B 289 38.76 3.68 -13.58
CA LEU B 289 38.03 3.14 -12.44
C LEU B 289 38.05 4.10 -11.27
N THR B 290 39.20 4.71 -11.01
CA THR B 290 39.31 5.65 -9.90
C THR B 290 38.44 6.88 -10.15
N GLN B 291 38.47 7.42 -11.37
CA GLN B 291 37.72 8.62 -11.68
C GLN B 291 36.22 8.34 -11.75
N GLN B 292 35.84 7.37 -12.59
CA GLN B 292 34.43 7.00 -12.73
C GLN B 292 33.77 6.72 -11.40
N MET B 293 34.53 6.26 -10.42
CA MET B 293 33.94 5.89 -9.14
C MET B 293 33.49 7.10 -8.34
N PHE B 294 34.23 8.21 -8.42
CA PHE B 294 33.83 9.46 -7.79
C PHE B 294 32.94 10.32 -8.68
N ASP B 295 32.47 9.76 -9.80
CA ASP B 295 31.64 10.50 -10.75
C ASP B 295 30.17 10.39 -10.36
N SER B 296 29.44 11.50 -10.52
CA SER B 296 28.03 11.52 -10.15
C SER B 296 27.22 10.52 -10.95
N LYS B 297 27.65 10.22 -12.18
CA LYS B 297 26.92 9.27 -13.02
C LYS B 297 27.05 7.83 -12.55
N ASN B 298 27.87 7.55 -11.55
CA ASN B 298 28.03 6.20 -11.00
C ASN B 298 27.42 6.04 -9.62
N MET B 299 26.81 7.08 -9.06
CA MET B 299 26.24 6.98 -7.71
C MET B 299 24.86 6.33 -7.75
N MET B 300 24.66 5.33 -6.90
CA MET B 300 23.37 4.68 -6.75
C MET B 300 22.41 5.46 -5.86
N ALA B 301 22.80 6.65 -5.41
CA ALA B 301 21.90 7.60 -4.79
C ALA B 301 21.89 8.86 -5.65
N ALA B 302 20.70 9.45 -5.84
CA ALA B 302 20.56 10.59 -6.77
C ALA B 302 21.02 11.86 -6.07
N CYS B 303 22.33 11.95 -5.88
CA CYS B 303 22.95 13.09 -5.25
C CYS B 303 24.26 13.37 -5.97
N ASP B 304 24.59 14.65 -6.13
CA ASP B 304 25.86 15.06 -6.70
C ASP B 304 26.88 15.11 -5.58
N PRO B 305 27.85 14.19 -5.52
CA PRO B 305 28.86 14.30 -4.46
C PRO B 305 29.65 15.59 -4.51
N ARG B 306 29.80 16.19 -5.70
CA ARG B 306 30.43 17.50 -5.81
C ARG B 306 29.55 18.62 -5.23
N HIS B 307 28.34 18.31 -4.76
CA HIS B 307 27.50 19.26 -4.04
C HIS B 307 27.75 19.25 -2.55
N GLY B 308 28.61 18.37 -2.05
CA GLY B 308 28.95 18.33 -0.64
C GLY B 308 30.38 17.92 -0.43
N ARG B 309 30.64 17.30 0.72
CA ARG B 309 31.96 16.83 1.09
C ARG B 309 31.86 15.41 1.65
N TYR B 310 32.84 14.58 1.28
CA TYR B 310 32.96 13.24 1.84
C TYR B 310 33.48 13.31 3.27
N LEU B 311 32.75 12.70 4.20
CA LEU B 311 33.30 12.46 5.53
C LEU B 311 34.30 11.32 5.49
N THR B 312 33.86 10.16 5.01
CA THR B 312 34.69 8.98 4.86
C THR B 312 34.32 8.27 3.56
N VAL B 313 35.28 7.54 3.00
CA VAL B 313 35.09 6.82 1.75
C VAL B 313 35.79 5.46 1.87
N ALA B 314 35.05 4.39 1.61
CA ALA B 314 35.61 3.04 1.53
C ALA B 314 35.42 2.53 0.11
N ALA B 315 36.51 2.08 -0.50
CA ALA B 315 36.51 1.68 -1.90
C ALA B 315 37.21 0.34 -2.06
N ILE B 316 36.60 -0.57 -2.82
CA ILE B 316 37.12 -1.90 -3.06
C ILE B 316 37.37 -2.08 -4.55
N PHE B 317 38.55 -2.56 -4.91
CA PHE B 317 38.92 -2.85 -6.28
C PHE B 317 39.01 -4.36 -6.47
N ARG B 318 38.41 -4.87 -7.54
CA ARG B 318 38.33 -6.30 -7.77
C ARG B 318 38.94 -6.65 -9.12
N GLY B 319 39.80 -7.65 -9.12
CA GLY B 319 40.53 -8.05 -10.32
C GLY B 319 42.03 -7.86 -10.15
N ARG B 320 42.76 -8.47 -11.07
CA ARG B 320 44.22 -8.36 -11.06
C ARG B 320 44.63 -7.02 -11.63
N MET B 321 45.36 -6.23 -10.83
CA MET B 321 45.81 -4.90 -11.20
C MET B 321 46.85 -4.46 -10.19
N SER B 322 47.59 -3.41 -10.55
CA SER B 322 48.61 -2.87 -9.65
C SER B 322 47.93 -2.11 -8.52
N MET B 323 48.01 -2.66 -7.30
CA MET B 323 47.57 -1.88 -6.15
C MET B 323 48.42 -0.64 -5.96
N LYS B 324 49.67 -0.66 -6.45
CA LYS B 324 50.49 0.55 -6.46
C LYS B 324 49.86 1.61 -7.34
N GLU B 325 49.47 1.24 -8.58
CA GLU B 325 48.82 2.19 -9.48
C GLU B 325 47.47 2.64 -8.92
N VAL B 326 46.71 1.71 -8.34
CA VAL B 326 45.43 2.08 -7.74
C VAL B 326 45.64 3.08 -6.60
N ASP B 327 46.55 2.75 -5.68
CA ASP B 327 46.82 3.64 -4.55
C ASP B 327 47.32 5.00 -5.03
N GLU B 328 48.11 5.03 -6.10
CA GLU B 328 48.52 6.28 -6.72
C GLU B 328 47.30 7.12 -7.10
N GLN B 329 46.41 6.55 -7.91
CA GLN B 329 45.28 7.30 -8.43
C GLN B 329 44.33 7.77 -7.33
N MET B 330 44.09 6.91 -6.33
CA MET B 330 43.21 7.31 -5.25
C MET B 330 43.76 8.54 -4.53
N LEU B 331 45.07 8.56 -4.25
CA LEU B 331 45.69 9.74 -3.66
C LEU B 331 45.63 10.94 -4.59
N ASN B 332 45.87 10.70 -5.89
CA ASN B 332 45.79 11.78 -6.86
C ASN B 332 44.42 12.44 -6.85
N VAL B 333 43.36 11.63 -6.94
CA VAL B 333 42.01 12.18 -6.93
C VAL B 333 41.76 12.98 -5.65
N GLN B 334 42.17 12.44 -4.51
CA GLN B 334 41.97 13.15 -3.25
C GLN B 334 42.62 14.52 -3.26
N ASN B 335 43.83 14.62 -3.81
CA ASN B 335 44.52 15.90 -3.84
C ASN B 335 43.89 16.87 -4.83
N LYS B 336 43.44 16.36 -5.98
CA LYS B 336 42.86 17.25 -6.99
C LYS B 336 41.50 17.78 -6.55
N ASN B 337 40.66 16.92 -5.97
CA ASN B 337 39.32 17.31 -5.52
C ASN B 337 39.29 17.60 -4.02
N SER B 338 40.33 18.25 -3.49
CA SER B 338 40.50 18.33 -2.04
C SER B 338 39.31 19.02 -1.36
N SER B 339 38.60 19.90 -2.06
CA SER B 339 37.49 20.63 -1.48
C SER B 339 36.21 19.78 -1.34
N TYR B 340 36.22 18.52 -1.80
CA TYR B 340 35.08 17.63 -1.62
C TYR B 340 35.32 16.59 -0.53
N PHE B 341 36.36 16.78 0.29
CA PHE B 341 36.64 15.94 1.44
C PHE B 341 36.79 16.83 2.66
N VAL B 342 36.25 16.38 3.80
CA VAL B 342 36.46 17.13 5.04
C VAL B 342 37.94 17.09 5.39
N GLU B 343 38.45 18.20 5.93
CA GLU B 343 39.86 18.28 6.30
C GLU B 343 40.13 17.79 7.71
N TRP B 344 39.10 17.67 8.55
CA TRP B 344 39.27 17.32 9.95
C TRP B 344 39.22 15.82 10.21
N ILE B 345 39.37 15.00 9.17
CA ILE B 345 39.42 13.55 9.35
C ILE B 345 40.61 13.02 8.55
N PRO B 346 41.78 12.89 9.16
CA PRO B 346 42.95 12.39 8.42
C PRO B 346 42.71 10.98 7.90
N ASN B 347 43.08 10.77 6.65
CA ASN B 347 43.06 9.44 6.03
C ASN B 347 41.65 8.85 6.02
N ASN B 348 40.71 9.62 5.46
CA ASN B 348 39.31 9.21 5.42
C ASN B 348 38.92 8.49 4.15
N VAL B 349 39.89 8.11 3.32
CA VAL B 349 39.65 7.35 2.10
C VAL B 349 40.50 6.08 2.17
N LYS B 350 39.85 4.94 2.36
CA LYS B 350 40.53 3.66 2.50
C LYS B 350 40.31 2.80 1.25
N THR B 351 41.37 2.11 0.84
CA THR B 351 41.33 1.25 -0.33
C THR B 351 41.51 -0.21 0.09
N ALA B 352 40.69 -1.09 -0.48
CA ALA B 352 40.87 -2.53 -0.35
C ALA B 352 40.86 -3.16 -1.73
N VAL B 353 41.41 -4.36 -1.82
CA VAL B 353 41.55 -5.06 -3.10
C VAL B 353 41.15 -6.52 -2.91
N CYS B 354 40.56 -7.10 -3.96
CA CYS B 354 40.23 -8.52 -3.99
C CYS B 354 40.55 -9.06 -5.37
N ASP B 355 41.28 -10.18 -5.41
CA ASP B 355 41.80 -10.68 -6.68
C ASP B 355 40.70 -11.21 -7.59
N ILE B 356 39.58 -11.65 -7.03
CA ILE B 356 38.50 -12.26 -7.81
C ILE B 356 37.62 -11.18 -8.40
N PRO B 357 37.55 -11.06 -9.73
CA PRO B 357 36.64 -10.08 -10.33
C PRO B 357 35.22 -10.61 -10.33
N PRO B 358 34.23 -9.73 -10.40
CA PRO B 358 32.84 -10.19 -10.51
C PRO B 358 32.61 -10.84 -11.85
N ARG B 359 31.52 -11.60 -11.93
CA ARG B 359 31.21 -12.38 -13.13
C ARG B 359 31.09 -11.46 -14.34
N GLY B 360 31.70 -11.87 -15.45
CA GLY B 360 31.58 -11.15 -16.70
C GLY B 360 32.61 -10.04 -16.85
N LEU B 361 33.03 -9.45 -15.74
CA LEU B 361 34.00 -8.36 -15.75
C LEU B 361 35.39 -8.87 -15.39
N LYS B 362 36.39 -8.12 -15.83
CA LYS B 362 37.76 -8.41 -15.42
C LYS B 362 38.31 -7.41 -14.42
N MET B 363 37.75 -6.21 -14.35
CA MET B 363 38.09 -5.23 -13.33
C MET B 363 36.83 -4.49 -12.92
N SER B 364 36.67 -4.26 -11.63
CA SER B 364 35.55 -3.50 -11.12
C SER B 364 36.00 -2.70 -9.90
N ALA B 365 35.22 -1.69 -9.57
CA ALA B 365 35.47 -0.88 -8.39
C ALA B 365 34.13 -0.49 -7.79
N THR B 366 34.02 -0.63 -6.47
CA THR B 366 32.79 -0.33 -5.75
C THR B 366 33.08 0.64 -4.62
N PHE B 367 32.20 1.62 -4.48
CA PHE B 367 32.44 2.81 -3.67
C PHE B 367 31.38 2.88 -2.57
N ILE B 368 31.85 2.95 -1.32
CA ILE B 368 30.98 3.29 -0.19
C ILE B 368 31.40 4.67 0.28
N GLY B 369 30.52 5.64 0.12
CA GLY B 369 30.79 7.01 0.54
C GLY B 369 29.82 7.48 1.59
N ASN B 370 30.34 8.15 2.61
CA ASN B 370 29.54 8.90 3.58
C ASN B 370 29.69 10.37 3.22
N SER B 371 28.78 10.87 2.39
CA SER B 371 28.83 12.22 1.86
C SER B 371 27.69 13.06 2.43
N THR B 372 27.99 14.32 2.77
CA THR B 372 26.95 15.27 3.16
C THR B 372 25.99 15.58 2.01
N ALA B 373 26.33 15.22 0.77
CA ALA B 373 25.42 15.43 -0.36
C ALA B 373 24.19 14.55 -0.28
N ILE B 374 24.25 13.46 0.49
CA ILE B 374 23.10 12.59 0.67
C ILE B 374 21.89 13.34 1.20
N GLN B 375 22.09 14.55 1.75
CA GLN B 375 20.94 15.35 2.16
C GLN B 375 20.02 15.68 0.98
N GLU B 376 20.54 15.64 -0.26
CA GLU B 376 19.69 15.90 -1.41
C GLU B 376 18.66 14.80 -1.60
N LEU B 377 19.03 13.55 -1.33
CA LEU B 377 18.05 12.47 -1.36
C LEU B 377 16.92 12.74 -0.36
N PHE B 378 17.28 13.14 0.86
CA PHE B 378 16.26 13.30 1.88
C PHE B 378 15.44 14.57 1.69
N LYS B 379 16.04 15.62 1.10
CA LYS B 379 15.28 16.82 0.77
C LYS B 379 14.23 16.54 -0.30
N ARG B 380 14.56 15.68 -1.27
CA ARG B 380 13.61 15.31 -2.31
C ARG B 380 12.42 14.55 -1.72
N ILE B 381 12.67 13.61 -0.79
CA ILE B 381 11.56 12.91 -0.16
C ILE B 381 10.75 13.87 0.70
N SER B 382 11.43 14.81 1.36
CA SER B 382 10.73 15.75 2.23
C SER B 382 9.81 16.67 1.44
N GLU B 383 10.20 17.04 0.21
CA GLU B 383 9.36 17.91 -0.61
C GLU B 383 8.13 17.15 -1.11
N GLN B 384 8.29 15.91 -1.55
CA GLN B 384 7.14 15.12 -1.95
C GLN B 384 6.23 14.81 -0.78
N PHE B 385 6.80 14.63 0.42
CA PHE B 385 5.98 14.39 1.60
C PHE B 385 5.14 15.61 1.95
N THR B 386 5.76 16.79 1.98
CA THR B 386 5.03 18.00 2.32
C THR B 386 3.99 18.34 1.26
N ALA B 387 4.26 18.01 -0.01
CA ALA B 387 3.27 18.29 -1.04
C ALA B 387 1.97 17.53 -0.79
N MET B 388 2.06 16.28 -0.35
CA MET B 388 0.85 15.51 -0.05
C MET B 388 0.28 15.87 1.31
N PHE B 389 1.15 15.95 2.32
CA PHE B 389 0.70 16.05 3.70
C PHE B 389 0.06 17.39 4.01
N ARG B 390 0.45 18.44 3.29
CA ARG B 390 -0.16 19.75 3.53
C ARG B 390 -1.64 19.75 3.14
N ARG B 391 -2.03 18.90 2.18
CA ARG B 391 -3.44 18.70 1.86
C ARG B 391 -4.04 17.50 2.55
N LYS B 392 -3.28 16.80 3.41
CA LYS B 392 -3.73 15.60 4.11
C LYS B 392 -4.20 14.52 3.14
N ALA B 393 -3.65 14.53 1.93
CA ALA B 393 -4.02 13.56 0.90
C ALA B 393 -3.74 12.13 1.37
N PHE B 394 -4.75 11.27 1.27
CA PHE B 394 -4.67 9.86 1.61
C PHE B 394 -4.40 9.60 3.08
N LEU B 395 -4.42 10.64 3.92
CA LEU B 395 -4.04 10.45 5.32
C LEU B 395 -5.02 9.55 6.06
N HIS B 396 -6.26 9.42 5.57
CA HIS B 396 -7.26 8.64 6.30
C HIS B 396 -6.96 7.15 6.28
N TRP B 397 -6.27 6.67 5.25
CA TRP B 397 -5.87 5.26 5.22
C TRP B 397 -4.85 4.94 6.30
N TYR B 398 -4.16 5.95 6.84
CA TYR B 398 -3.21 5.77 7.93
C TYR B 398 -3.82 6.01 9.30
N THR B 399 -4.64 7.06 9.44
CA THR B 399 -5.35 7.29 10.69
C THR B 399 -6.34 6.16 10.98
N GLY B 400 -6.91 5.56 9.93
CA GLY B 400 -7.82 4.45 10.11
C GLY B 400 -7.16 3.21 10.70
N GLU B 401 -5.84 3.10 10.58
CA GLU B 401 -5.10 2.01 11.20
C GLU B 401 -4.72 2.29 12.65
N GLY B 402 -5.01 3.49 13.17
CA GLY B 402 -4.69 3.85 14.53
C GLY B 402 -3.65 4.95 14.68
N MET B 403 -2.96 5.34 13.61
CA MET B 403 -1.91 6.34 13.72
C MET B 403 -2.49 7.71 14.00
N ASP B 404 -1.72 8.50 14.74
CA ASP B 404 -1.98 9.90 14.95
C ASP B 404 -1.25 10.72 13.90
N GLU B 405 -1.78 11.91 13.61
CA GLU B 405 -1.08 12.80 12.70
C GLU B 405 0.30 13.16 13.22
N MET B 406 0.48 13.20 14.55
CA MET B 406 1.76 13.59 15.13
C MET B 406 2.90 12.72 14.60
N GLU B 407 2.66 11.42 14.46
CA GLU B 407 3.72 10.54 13.96
C GLU B 407 4.21 10.99 12.59
N PHE B 408 3.32 11.56 11.77
CA PHE B 408 3.74 12.07 10.46
C PHE B 408 4.63 13.29 10.60
N THR B 409 4.21 14.26 11.42
CA THR B 409 5.01 15.47 11.56
C THR B 409 6.33 15.19 12.27
N GLU B 410 6.31 14.31 13.27
CA GLU B 410 7.54 13.95 13.97
C GLU B 410 8.53 13.28 13.02
N ALA B 411 8.05 12.37 12.17
CA ALA B 411 8.96 11.68 11.27
C ALA B 411 9.62 12.64 10.30
N GLU B 412 8.87 13.63 9.80
CA GLU B 412 9.46 14.57 8.84
C GLU B 412 10.36 15.59 9.52
N SER B 413 10.02 16.01 10.74
CA SER B 413 10.94 16.86 11.51
C SER B 413 12.26 16.16 11.77
N ASN B 414 12.21 14.87 12.11
CA ASN B 414 13.46 14.12 12.30
C ASN B 414 14.24 14.05 11.00
N MET B 415 13.55 13.84 9.87
CA MET B 415 14.25 13.76 8.59
C MET B 415 14.85 15.11 8.20
N ASN B 416 14.14 16.21 8.49
CA ASN B 416 14.72 17.52 8.22
C ASN B 416 15.88 17.83 9.17
N ASP B 417 15.82 17.35 10.42
CA ASP B 417 16.96 17.49 11.32
C ASP B 417 18.18 16.76 10.77
N LEU B 418 17.97 15.55 10.23
CA LEU B 418 19.08 14.83 9.61
C LEU B 418 19.67 15.63 8.46
N VAL B 419 18.82 16.30 7.68
CA VAL B 419 19.29 17.19 6.63
C VAL B 419 20.14 18.32 7.20
N SER B 420 19.63 18.98 8.24
CA SER B 420 20.40 20.06 8.87
C SER B 420 21.72 19.54 9.43
N GLU B 421 21.69 18.33 10.01
CA GLU B 421 22.89 17.76 10.59
C GLU B 421 23.95 17.51 9.53
N TYR B 422 23.54 16.94 8.38
CA TYR B 422 24.47 16.80 7.26
C TYR B 422 25.01 18.16 6.80
N GLN B 423 24.16 19.19 6.82
CA GLN B 423 24.59 20.51 6.41
C GLN B 423 25.60 21.10 7.38
N GLN B 424 25.38 20.88 8.68
CA GLN B 424 26.28 21.40 9.69
C GLN B 424 27.72 20.93 9.47
N TYR B 425 27.90 19.65 9.14
CA TYR B 425 29.24 19.13 8.90
C TYR B 425 29.74 19.39 7.48
N GLN B 426 28.86 19.85 6.60
CA GLN B 426 29.30 20.32 5.29
C GLN B 426 30.04 21.65 5.40
N ASP B 427 29.65 22.47 6.38
CA ASP B 427 30.19 23.81 6.56
C ASP B 427 31.26 23.89 7.65
N ALA B 428 31.46 22.81 8.41
CA ALA B 428 32.48 22.82 9.45
C ALA B 428 33.87 22.83 8.81
N THR B 429 34.77 23.60 9.41
CA THR B 429 36.14 23.73 8.94
C THR B 429 37.10 23.40 10.08
N ALA B 430 38.38 23.31 9.73
CA ALA B 430 39.42 23.09 10.74
C ALA B 430 39.90 24.42 11.31
N MET C 1 -8.89 -18.26 1.62
CA MET C 1 -8.04 -17.10 1.87
C MET C 1 -8.34 -15.99 0.85
N ARG C 2 -8.37 -14.75 1.33
CA ARG C 2 -8.55 -13.56 0.48
C ARG C 2 -9.87 -13.59 -0.28
N GLU C 3 -10.94 -14.01 0.39
CA GLU C 3 -12.23 -14.13 -0.27
C GLU C 3 -12.90 -12.77 -0.44
N CYS C 4 -13.59 -12.59 -1.57
CA CYS C 4 -14.49 -11.47 -1.80
C CYS C 4 -15.90 -12.01 -1.96
N ILE C 5 -16.84 -11.48 -1.19
CA ILE C 5 -18.26 -11.81 -1.28
C ILE C 5 -18.95 -10.78 -2.16
N SER C 6 -19.70 -11.24 -3.15
CA SER C 6 -20.43 -10.38 -4.08
C SER C 6 -21.91 -10.35 -3.73
N ILE C 7 -22.47 -9.15 -3.64
CA ILE C 7 -23.89 -8.97 -3.33
C ILE C 7 -24.52 -8.19 -4.48
N HIS C 8 -25.62 -8.73 -5.02
CA HIS C 8 -26.31 -8.15 -6.17
C HIS C 8 -27.73 -7.81 -5.76
N VAL C 9 -28.08 -6.53 -5.84
CA VAL C 9 -29.33 -6.01 -5.30
C VAL C 9 -30.15 -5.41 -6.43
N GLY C 10 -31.42 -5.78 -6.50
CA GLY C 10 -32.32 -5.21 -7.48
C GLY C 10 -32.09 -5.79 -8.87
N GLN C 11 -33.00 -5.47 -9.79
CA GLN C 11 -32.91 -6.01 -11.14
C GLN C 11 -31.56 -5.72 -11.77
N ALA C 12 -31.12 -4.45 -11.71
CA ALA C 12 -29.86 -4.09 -12.36
C ALA C 12 -28.70 -4.89 -11.81
N GLY C 13 -28.58 -4.94 -10.48
CA GLY C 13 -27.49 -5.70 -9.88
C GLY C 13 -27.55 -7.18 -10.21
N VAL C 14 -28.76 -7.75 -10.24
CA VAL C 14 -28.90 -9.18 -10.51
C VAL C 14 -28.55 -9.49 -11.96
N GLN C 15 -29.10 -8.72 -12.90
CA GLN C 15 -28.87 -9.00 -14.31
C GLN C 15 -27.40 -8.79 -14.67
N ILE C 16 -26.77 -7.76 -14.11
CA ILE C 16 -25.33 -7.60 -14.29
C ILE C 16 -24.57 -8.73 -13.62
N GLY C 17 -25.05 -9.19 -12.46
CA GLY C 17 -24.49 -10.39 -11.85
C GLY C 17 -24.53 -11.59 -12.77
N ASN C 18 -25.63 -11.74 -13.53
CA ASN C 18 -25.71 -12.84 -14.50
C ASN C 18 -24.60 -12.74 -15.52
N ALA C 19 -24.38 -11.55 -16.07
CA ALA C 19 -23.33 -11.36 -17.06
C ALA C 19 -21.96 -11.63 -16.47
N CYS C 20 -21.75 -11.23 -15.20
CA CYS C 20 -20.43 -11.34 -14.60
C CYS C 20 -20.09 -12.78 -14.20
N TRP C 21 -21.00 -13.45 -13.51
CA TRP C 21 -20.71 -14.81 -13.08
C TRP C 21 -20.65 -15.77 -14.27
N GLU C 22 -21.42 -15.52 -15.33
CA GLU C 22 -21.27 -16.31 -16.55
C GLU C 22 -19.87 -16.14 -17.12
N LEU C 23 -19.39 -14.90 -17.17
CA LEU C 23 -18.05 -14.64 -17.69
C LEU C 23 -16.97 -15.26 -16.82
N TYR C 24 -17.15 -15.22 -15.49
CA TYR C 24 -16.18 -15.85 -14.59
C TYR C 24 -16.07 -17.34 -14.87
N CYS C 25 -17.22 -18.02 -15.02
CA CYS C 25 -17.21 -19.44 -15.32
C CYS C 25 -16.45 -19.73 -16.61
N LEU C 26 -16.63 -18.88 -17.62
CA LEU C 26 -15.88 -19.06 -18.87
C LEU C 26 -14.40 -18.79 -18.65
N GLU C 27 -14.06 -17.74 -17.90
CA GLU C 27 -12.65 -17.43 -17.67
C GLU C 27 -11.94 -18.57 -16.93
N HIS C 28 -12.62 -19.20 -15.99
CA HIS C 28 -12.01 -20.23 -15.15
C HIS C 28 -12.36 -21.64 -15.58
N GLY C 29 -13.13 -21.81 -16.65
CA GLY C 29 -13.46 -23.15 -17.12
C GLY C 29 -14.43 -23.90 -16.24
N ILE C 30 -15.32 -23.19 -15.56
CA ILE C 30 -16.31 -23.81 -14.69
C ILE C 30 -17.57 -24.09 -15.51
N GLN C 31 -18.11 -25.29 -15.37
CA GLN C 31 -19.33 -25.68 -16.05
C GLN C 31 -20.56 -25.16 -15.29
N PRO C 32 -21.69 -25.03 -15.97
CA PRO C 32 -22.89 -24.49 -15.32
C PRO C 32 -23.37 -25.28 -14.09
N ASP C 33 -22.91 -26.51 -13.89
CA ASP C 33 -23.20 -27.24 -12.66
C ASP C 33 -22.13 -27.04 -11.59
N GLY C 34 -21.11 -26.22 -11.86
CA GLY C 34 -20.06 -25.96 -10.91
C GLY C 34 -18.87 -26.89 -11.01
N GLN C 35 -18.90 -27.85 -11.93
CA GLN C 35 -17.81 -28.81 -12.07
C GLN C 35 -16.73 -28.27 -13.01
N MET C 36 -15.50 -28.67 -12.74
CA MET C 36 -14.33 -28.14 -13.44
C MET C 36 -13.33 -29.26 -13.70
N PRO C 37 -12.91 -29.48 -14.95
CA PRO C 37 -11.87 -30.45 -15.31
C PRO C 37 -10.55 -30.20 -14.58
N ASP C 46 -3.02 -22.62 -10.65
CA ASP C 46 -3.64 -21.34 -10.32
C ASP C 46 -4.98 -21.54 -9.62
N ASP C 47 -4.96 -21.52 -8.29
CA ASP C 47 -6.16 -21.68 -7.48
C ASP C 47 -6.72 -20.34 -7.01
N SER C 48 -6.40 -19.25 -7.71
CA SER C 48 -6.83 -17.93 -7.28
C SER C 48 -8.31 -17.69 -7.49
N PHE C 49 -8.97 -18.46 -8.36
CA PHE C 49 -10.41 -18.35 -8.51
C PHE C 49 -11.17 -18.71 -7.23
N ASN C 50 -10.50 -19.33 -6.27
CA ASN C 50 -11.13 -19.68 -5.00
C ASN C 50 -11.52 -18.44 -4.20
N THR C 51 -10.96 -17.27 -4.49
CA THR C 51 -11.39 -16.05 -3.82
C THR C 51 -12.85 -15.72 -4.12
N PHE C 52 -13.38 -16.21 -5.25
CA PHE C 52 -14.76 -15.96 -5.64
C PHE C 52 -15.62 -17.22 -5.64
N PHE C 53 -15.03 -18.41 -5.59
CA PHE C 53 -15.77 -19.67 -5.58
C PHE C 53 -15.35 -20.51 -4.39
N SER C 54 -16.31 -20.82 -3.51
CA SER C 54 -16.10 -21.89 -2.57
C SER C 54 -16.20 -23.23 -3.28
N GLU C 55 -15.83 -24.31 -2.59
CA GLU C 55 -15.92 -25.64 -3.17
C GLU C 55 -16.56 -26.61 -2.19
N THR C 56 -17.48 -27.44 -2.70
CA THR C 56 -18.14 -28.48 -1.94
C THR C 56 -17.35 -29.79 -2.05
N GLY C 57 -17.70 -30.74 -1.18
CA GLY C 57 -17.01 -32.02 -1.18
C GLY C 57 -17.04 -32.74 -2.51
N ALA C 58 -18.10 -32.54 -3.30
CA ALA C 58 -18.26 -33.15 -4.61
C ALA C 58 -17.45 -32.44 -5.69
N GLY C 59 -16.60 -31.48 -5.33
CA GLY C 59 -15.85 -30.74 -6.33
C GLY C 59 -16.62 -29.65 -7.04
N LYS C 60 -17.75 -29.22 -6.49
CA LYS C 60 -18.61 -28.22 -7.12
C LYS C 60 -18.17 -26.83 -6.66
N HIS C 61 -17.97 -25.93 -7.62
CA HIS C 61 -17.47 -24.58 -7.34
C HIS C 61 -18.64 -23.59 -7.36
N VAL C 62 -18.99 -23.08 -6.19
CA VAL C 62 -20.18 -22.26 -5.98
C VAL C 62 -19.74 -20.81 -5.78
N PRO C 63 -20.33 -19.85 -6.50
CA PRO C 63 -19.97 -18.44 -6.28
C PRO C 63 -20.17 -18.01 -4.85
N ARG C 64 -19.29 -17.12 -4.38
CA ARG C 64 -19.49 -16.47 -3.08
C ARG C 64 -20.35 -15.24 -3.32
N ALA C 65 -21.66 -15.49 -3.47
CA ALA C 65 -22.55 -14.43 -3.93
C ALA C 65 -23.95 -14.60 -3.35
N VAL C 66 -24.60 -13.46 -3.10
CA VAL C 66 -26.01 -13.40 -2.76
C VAL C 66 -26.70 -12.58 -3.84
N PHE C 67 -27.83 -13.09 -4.34
CA PHE C 67 -28.70 -12.36 -5.24
C PHE C 67 -29.96 -12.00 -4.47
N VAL C 68 -30.22 -10.70 -4.33
CA VAL C 68 -31.36 -10.21 -3.57
C VAL C 68 -32.21 -9.35 -4.48
N ASP C 69 -33.51 -9.61 -4.48
CA ASP C 69 -34.47 -8.74 -5.16
C ASP C 69 -35.80 -8.87 -4.45
N LEU C 70 -36.46 -7.73 -4.24
CA LEU C 70 -37.72 -7.71 -3.50
C LEU C 70 -38.87 -8.33 -4.28
N GLU C 71 -38.72 -8.50 -5.59
CA GLU C 71 -39.71 -9.14 -6.43
C GLU C 71 -39.10 -10.36 -7.10
N PRO C 72 -39.87 -11.44 -7.32
CA PRO C 72 -39.25 -12.71 -7.73
C PRO C 72 -39.00 -12.84 -9.23
N THR C 73 -39.43 -11.90 -10.08
CA THR C 73 -39.45 -12.17 -11.51
C THR C 73 -38.05 -12.37 -12.06
N VAL C 74 -37.13 -11.46 -11.75
CA VAL C 74 -35.80 -11.52 -12.34
C VAL C 74 -35.01 -12.70 -11.81
N ILE C 75 -35.08 -12.95 -10.49
CA ILE C 75 -34.30 -14.04 -9.91
C ILE C 75 -34.89 -15.40 -10.28
N ASP C 76 -36.19 -15.46 -10.58
CA ASP C 76 -36.77 -16.69 -11.09
C ASP C 76 -36.14 -17.13 -12.40
N GLU C 77 -35.70 -16.18 -13.23
CA GLU C 77 -35.00 -16.56 -14.46
C GLU C 77 -33.67 -17.22 -14.14
N VAL C 78 -32.99 -16.76 -13.08
CA VAL C 78 -31.77 -17.45 -12.63
C VAL C 78 -32.12 -18.85 -12.13
N ARG C 79 -33.19 -18.95 -11.33
CA ARG C 79 -33.60 -20.23 -10.77
C ARG C 79 -34.01 -21.24 -11.83
N THR C 80 -34.32 -20.79 -13.05
CA THR C 80 -34.70 -21.69 -14.13
C THR C 80 -33.87 -21.46 -15.39
N GLY C 81 -32.74 -20.77 -15.28
CA GLY C 81 -31.91 -20.46 -16.42
C GLY C 81 -30.78 -21.46 -16.61
N THR C 82 -29.78 -21.04 -17.39
CA THR C 82 -28.65 -21.92 -17.70
C THR C 82 -27.91 -22.32 -16.43
N TYR C 83 -27.70 -21.38 -15.52
CA TYR C 83 -26.87 -21.60 -14.34
C TYR C 83 -27.70 -21.81 -13.08
N ARG C 84 -28.85 -22.47 -13.20
CA ARG C 84 -29.70 -22.67 -12.04
C ARG C 84 -29.07 -23.62 -11.02
N GLN C 85 -28.14 -24.48 -11.43
CA GLN C 85 -27.43 -25.34 -10.50
C GLN C 85 -26.11 -24.73 -10.04
N LEU C 86 -25.71 -23.58 -10.60
CA LEU C 86 -24.48 -22.92 -10.16
C LEU C 86 -24.59 -22.42 -8.73
N PHE C 87 -25.76 -21.89 -8.36
CA PHE C 87 -25.99 -21.33 -7.04
C PHE C 87 -26.77 -22.31 -6.18
N HIS C 88 -26.54 -22.25 -4.87
CA HIS C 88 -27.48 -22.85 -3.94
C HIS C 88 -28.76 -22.02 -3.90
N PRO C 89 -29.92 -22.66 -3.76
CA PRO C 89 -31.18 -21.89 -3.72
C PRO C 89 -31.22 -20.83 -2.63
N GLU C 90 -30.50 -21.05 -1.52
CA GLU C 90 -30.50 -20.12 -0.40
C GLU C 90 -29.72 -18.84 -0.71
N GLN C 91 -28.92 -18.83 -1.78
CA GLN C 91 -28.23 -17.62 -2.20
C GLN C 91 -29.10 -16.72 -3.07
N LEU C 92 -30.21 -17.24 -3.58
CA LEU C 92 -31.14 -16.48 -4.41
C LEU C 92 -32.34 -16.11 -3.54
N ILE C 93 -32.37 -14.86 -3.10
CA ILE C 93 -33.33 -14.39 -2.09
C ILE C 93 -34.30 -13.41 -2.76
N THR C 94 -35.58 -13.71 -2.68
CA THR C 94 -36.64 -12.87 -3.23
C THR C 94 -37.76 -12.69 -2.22
N GLY C 95 -38.39 -11.52 -2.28
CA GLY C 95 -39.68 -11.29 -1.66
C GLY C 95 -40.77 -11.49 -2.68
N LYS C 96 -41.93 -10.89 -2.41
CA LYS C 96 -43.06 -10.97 -3.33
C LYS C 96 -43.49 -9.64 -3.91
N GLU C 97 -43.05 -8.52 -3.33
CA GLU C 97 -43.41 -7.18 -3.79
C GLU C 97 -42.13 -6.37 -3.92
N ASP C 98 -41.98 -5.65 -5.03
CA ASP C 98 -40.78 -4.83 -5.19
C ASP C 98 -41.03 -3.46 -4.57
N ALA C 99 -40.08 -2.55 -4.73
CA ALA C 99 -40.15 -1.25 -4.08
C ALA C 99 -40.96 -0.24 -4.86
N ALA C 100 -41.53 -0.63 -6.01
CA ALA C 100 -42.33 0.27 -6.85
C ALA C 100 -41.60 1.58 -7.14
N ASN C 101 -40.33 1.46 -7.54
CA ASN C 101 -39.47 2.59 -7.91
C ASN C 101 -39.30 3.59 -6.78
N ASN C 102 -39.48 3.16 -5.53
CA ASN C 102 -39.54 4.05 -4.39
C ASN C 102 -38.45 3.66 -3.39
N TYR C 103 -37.46 4.55 -3.21
CA TYR C 103 -36.43 4.35 -2.21
C TYR C 103 -37.02 4.03 -0.85
N ALA C 104 -38.06 4.76 -0.45
CA ALA C 104 -38.63 4.59 0.89
C ALA C 104 -39.10 3.15 1.10
N ARG C 105 -39.63 2.52 0.06
CA ARG C 105 -40.10 1.14 0.20
C ARG C 105 -38.95 0.14 0.20
N GLY C 106 -37.93 0.37 -0.63
CA GLY C 106 -36.77 -0.51 -0.62
C GLY C 106 -36.01 -0.47 0.69
N HIS C 107 -35.95 0.71 1.33
CA HIS C 107 -35.18 0.91 2.55
C HIS C 107 -35.97 0.62 3.81
N TYR C 108 -37.28 0.86 3.81
CA TYR C 108 -38.07 0.67 5.02
C TYR C 108 -39.18 -0.35 4.82
N THR C 109 -40.27 0.11 4.18
CA THR C 109 -41.55 -0.62 4.21
C THR C 109 -41.40 -2.04 3.72
N ILE C 110 -40.83 -2.23 2.53
CA ILE C 110 -40.66 -3.57 1.99
C ILE C 110 -39.29 -4.15 2.32
N GLY C 111 -38.29 -3.30 2.55
CA GLY C 111 -36.94 -3.79 2.76
C GLY C 111 -36.71 -4.39 4.13
N LYS C 112 -37.40 -3.86 5.15
CA LYS C 112 -37.21 -4.38 6.50
C LYS C 112 -37.73 -5.81 6.66
N GLU C 113 -38.62 -6.26 5.77
CA GLU C 113 -39.19 -7.59 5.88
C GLU C 113 -38.27 -8.69 5.39
N ILE C 114 -37.13 -8.35 4.78
CA ILE C 114 -36.22 -9.34 4.22
C ILE C 114 -34.78 -9.07 4.58
N ILE C 115 -34.49 -8.02 5.33
CA ILE C 115 -33.10 -7.64 5.57
C ILE C 115 -32.41 -8.65 6.50
N ASP C 116 -33.13 -9.17 7.50
CA ASP C 116 -32.51 -10.13 8.41
C ASP C 116 -32.12 -11.41 7.68
N LEU C 117 -32.98 -11.88 6.78
CA LEU C 117 -32.70 -13.08 6.01
C LEU C 117 -31.45 -12.89 5.16
N VAL C 118 -31.30 -11.71 4.54
CA VAL C 118 -30.13 -11.44 3.71
C VAL C 118 -28.86 -11.45 4.55
N LEU C 119 -28.89 -10.79 5.70
CA LEU C 119 -27.71 -10.75 6.56
C LEU C 119 -27.35 -12.15 7.07
N ASP C 120 -28.36 -12.96 7.40
CA ASP C 120 -28.08 -14.32 7.85
C ASP C 120 -27.39 -15.13 6.77
N ARG C 121 -27.82 -14.97 5.52
CA ARG C 121 -27.17 -15.69 4.42
C ARG C 121 -25.79 -15.14 4.11
N ILE C 122 -25.58 -13.83 4.28
CA ILE C 122 -24.26 -13.26 4.10
C ILE C 122 -23.32 -13.74 5.21
N ARG C 123 -23.82 -13.81 6.45
CA ARG C 123 -23.01 -14.27 7.57
C ARG C 123 -22.61 -15.73 7.40
N LYS C 124 -23.47 -16.56 6.80
CA LYS C 124 -23.07 -17.92 6.48
C LYS C 124 -22.00 -17.97 5.39
N LEU C 125 -22.04 -17.03 4.44
CA LEU C 125 -20.95 -16.93 3.48
C LEU C 125 -19.66 -16.45 4.15
N ALA C 126 -19.78 -15.50 5.08
CA ALA C 126 -18.60 -14.99 5.77
C ALA C 126 -17.95 -16.09 6.62
N ASP C 127 -18.78 -16.97 7.20
CA ASP C 127 -18.27 -18.08 7.97
C ASP C 127 -17.48 -19.09 7.14
N GLN C 128 -17.55 -19.00 5.81
CA GLN C 128 -16.80 -19.87 4.92
C GLN C 128 -15.53 -19.23 4.40
N CYS C 129 -15.11 -18.10 4.97
CA CYS C 129 -13.93 -17.38 4.54
C CYS C 129 -12.88 -17.42 5.65
N THR C 130 -11.64 -17.73 5.29
CA THR C 130 -10.54 -17.64 6.24
C THR C 130 -9.84 -16.30 6.22
N GLY C 131 -10.07 -15.49 5.20
CA GLY C 131 -9.49 -14.15 5.15
C GLY C 131 -10.28 -13.20 4.27
N LEU C 132 -11.50 -12.87 4.70
CA LEU C 132 -12.39 -12.00 3.93
C LEU C 132 -11.76 -10.64 3.67
N GLN C 133 -11.54 -10.34 2.37
CA GLN C 133 -11.10 -9.01 1.97
C GLN C 133 -12.21 -7.98 2.14
N GLY C 134 -13.42 -8.31 1.69
CA GLY C 134 -14.52 -7.39 1.82
C GLY C 134 -15.68 -7.79 0.90
N PHE C 135 -16.58 -6.83 0.69
CA PHE C 135 -17.79 -7.06 -0.07
C PHE C 135 -17.80 -6.20 -1.33
N LEU C 136 -18.40 -6.75 -2.38
CA LEU C 136 -18.67 -6.04 -3.63
C LEU C 136 -20.16 -5.98 -3.81
N VAL C 137 -20.73 -4.78 -3.85
CA VAL C 137 -22.17 -4.59 -3.89
C VAL C 137 -22.54 -4.00 -5.25
N PHE C 138 -23.28 -4.77 -6.03
CA PHE C 138 -23.75 -4.39 -7.35
C PHE C 138 -25.20 -3.93 -7.25
N HIS C 139 -25.48 -2.72 -7.74
CA HIS C 139 -26.82 -2.15 -7.63
C HIS C 139 -26.92 -0.94 -8.56
N SER C 140 -28.16 -0.52 -8.81
CA SER C 140 -28.43 0.70 -9.54
C SER C 140 -28.75 1.84 -8.58
N PHE C 141 -28.66 3.07 -9.11
CA PHE C 141 -29.05 4.26 -8.36
C PHE C 141 -30.56 4.49 -8.38
N GLY C 142 -31.19 4.26 -9.54
CA GLY C 142 -32.55 4.73 -9.76
C GLY C 142 -33.64 3.82 -9.27
N GLY C 143 -33.40 2.51 -9.23
CA GLY C 143 -34.42 1.60 -8.77
C GLY C 143 -34.75 1.80 -7.31
N GLY C 144 -35.96 1.41 -6.94
CA GLY C 144 -36.37 1.49 -5.54
C GLY C 144 -35.65 0.49 -4.68
N THR C 145 -35.36 -0.70 -5.24
CA THR C 145 -34.59 -1.68 -4.49
C THR C 145 -33.10 -1.41 -4.59
N GLY C 146 -32.62 -1.08 -5.81
CA GLY C 146 -31.22 -0.74 -5.97
C GLY C 146 -30.77 0.41 -5.08
N SER C 147 -31.66 1.38 -4.85
CA SER C 147 -31.32 2.51 -3.98
C SER C 147 -31.60 2.21 -2.51
N GLY C 148 -32.87 1.96 -2.17
CA GLY C 148 -33.26 1.90 -0.78
C GLY C 148 -32.76 0.66 -0.05
N PHE C 149 -32.82 -0.50 -0.71
CA PHE C 149 -32.39 -1.72 -0.02
C PHE C 149 -30.87 -1.78 0.09
N THR C 150 -30.15 -1.27 -0.92
CA THR C 150 -28.70 -1.25 -0.84
C THR C 150 -28.23 -0.38 0.33
N SER C 151 -28.84 0.81 0.48
CA SER C 151 -28.52 1.67 1.61
C SER C 151 -28.73 0.96 2.94
N LEU C 152 -29.88 0.27 3.09
CA LEU C 152 -30.13 -0.49 4.30
C LEU C 152 -29.06 -1.57 4.48
N LEU C 153 -28.80 -2.34 3.44
CA LEU C 153 -27.78 -3.38 3.50
C LEU C 153 -26.42 -2.79 3.90
N MET C 154 -25.99 -1.71 3.24
CA MET C 154 -24.70 -1.11 3.57
C MET C 154 -24.65 -0.68 5.03
N GLU C 155 -25.71 -0.07 5.53
CA GLU C 155 -25.77 0.30 6.94
C GLU C 155 -25.64 -0.95 7.82
N ARG C 156 -26.45 -1.97 7.55
CA ARG C 156 -26.41 -3.18 8.35
C ARG C 156 -25.07 -3.89 8.23
N LEU C 157 -24.40 -3.80 7.08
CA LEU C 157 -23.09 -4.42 6.92
C LEU C 157 -22.04 -3.70 7.75
N SER C 158 -22.14 -2.38 7.86
CA SER C 158 -21.23 -1.63 8.73
C SER C 158 -21.38 -2.04 10.18
N VAL C 159 -22.60 -2.36 10.61
CA VAL C 159 -22.81 -2.80 11.98
C VAL C 159 -22.27 -4.21 12.19
N ASP C 160 -22.53 -5.12 11.26
CA ASP C 160 -22.14 -6.51 11.46
C ASP C 160 -20.64 -6.73 11.22
N TYR C 161 -19.99 -5.89 10.40
CA TYR C 161 -18.61 -6.14 10.02
C TYR C 161 -17.71 -4.92 10.20
N GLY C 162 -18.18 -3.88 10.88
CA GLY C 162 -17.31 -2.76 11.18
C GLY C 162 -16.79 -2.09 9.93
N LYS C 163 -15.51 -1.76 9.95
CA LYS C 163 -14.84 -1.09 8.82
C LYS C 163 -14.37 -2.05 7.75
N LYS C 164 -14.85 -3.30 7.75
CA LYS C 164 -14.51 -4.24 6.68
C LYS C 164 -14.83 -3.62 5.32
N SER C 165 -13.92 -3.83 4.36
CA SER C 165 -14.01 -3.17 3.06
C SER C 165 -15.37 -3.43 2.39
N LYS C 166 -16.01 -2.34 1.98
CA LYS C 166 -17.24 -2.41 1.21
C LYS C 166 -17.08 -1.55 -0.03
N LEU C 167 -17.16 -2.19 -1.20
CA LEU C 167 -17.05 -1.51 -2.48
C LEU C 167 -18.30 -1.74 -3.31
N GLU C 168 -18.61 -0.78 -4.18
CA GLU C 168 -19.82 -0.79 -4.98
C GLU C 168 -19.50 -0.79 -6.46
N PHE C 169 -20.46 -1.29 -7.24
CA PHE C 169 -20.56 -1.08 -8.68
C PHE C 169 -21.96 -0.51 -8.93
N SER C 170 -22.03 0.80 -9.16
CA SER C 170 -23.29 1.52 -9.19
C SER C 170 -23.62 1.93 -10.61
N ILE C 171 -24.87 1.77 -10.99
CA ILE C 171 -25.37 2.14 -12.31
C ILE C 171 -25.99 3.53 -12.21
N TYR C 172 -25.30 4.50 -12.78
CA TYR C 172 -25.77 5.88 -12.85
C TYR C 172 -26.89 5.98 -13.88
N PRO C 173 -27.99 6.67 -13.57
CA PRO C 173 -29.19 6.57 -14.41
C PRO C 173 -29.12 7.42 -15.67
N ALA C 174 -29.81 6.92 -16.71
CA ALA C 174 -29.82 7.55 -18.03
C ALA C 174 -31.23 7.56 -18.62
N PRO C 175 -31.66 8.68 -19.19
CA PRO C 175 -33.03 8.75 -19.75
C PRO C 175 -33.31 7.67 -20.79
N GLN C 176 -32.32 7.32 -21.63
CA GLN C 176 -32.59 6.39 -22.72
C GLN C 176 -33.08 5.04 -22.24
N VAL C 177 -32.60 4.58 -21.07
CA VAL C 177 -32.97 3.24 -20.60
C VAL C 177 -33.65 3.32 -19.23
N SER C 178 -34.38 4.39 -18.99
CA SER C 178 -34.94 4.63 -17.67
C SER C 178 -36.08 3.67 -17.36
N THR C 179 -36.42 3.60 -16.07
CA THR C 179 -37.60 2.88 -15.61
C THR C 179 -38.50 3.72 -14.71
N ALA C 180 -38.02 4.83 -14.17
CA ALA C 180 -38.86 5.66 -13.32
C ALA C 180 -38.47 7.12 -13.49
N VAL C 181 -39.45 8.00 -13.27
CA VAL C 181 -39.19 9.43 -13.34
C VAL C 181 -38.60 9.95 -12.04
N VAL C 182 -38.72 9.19 -10.95
CA VAL C 182 -38.19 9.64 -9.67
C VAL C 182 -36.78 9.10 -9.46
N GLU C 183 -36.18 8.58 -10.54
CA GLU C 183 -34.82 8.07 -10.43
C GLU C 183 -33.83 9.09 -9.87
N PRO C 184 -33.88 10.39 -10.23
CA PRO C 184 -32.98 11.34 -9.54
C PRO C 184 -33.16 11.39 -8.03
N TYR C 185 -34.39 11.24 -7.54
CA TYR C 185 -34.61 11.20 -6.09
C TYR C 185 -33.93 9.99 -5.47
N ASN C 186 -34.16 8.80 -6.04
CA ASN C 186 -33.56 7.60 -5.49
C ASN C 186 -32.04 7.71 -5.50
N SER C 187 -31.48 8.32 -6.55
CA SER C 187 -30.04 8.44 -6.69
C SER C 187 -29.43 9.26 -5.55
N ILE C 188 -29.99 10.45 -5.31
CA ILE C 188 -29.45 11.33 -4.27
C ILE C 188 -29.65 10.71 -2.89
N LEU C 189 -30.82 10.09 -2.65
CA LEU C 189 -31.10 9.51 -1.34
C LEU C 189 -30.12 8.40 -1.00
N THR C 190 -29.88 7.47 -1.93
CA THR C 190 -28.97 6.38 -1.62
C THR C 190 -27.52 6.85 -1.55
N THR C 191 -27.17 7.93 -2.27
CA THR C 191 -25.80 8.41 -2.23
C THR C 191 -25.50 9.07 -0.89
N HIS C 192 -26.45 9.83 -0.36
CA HIS C 192 -26.31 10.40 0.98
C HIS C 192 -26.18 9.30 2.03
N THR C 193 -27.09 8.32 1.99
CA THR C 193 -27.15 7.34 3.07
C THR C 193 -25.95 6.39 3.04
N THR C 194 -25.47 6.05 1.84
CA THR C 194 -24.40 5.08 1.67
C THR C 194 -23.01 5.70 1.80
N LEU C 195 -22.90 7.03 1.71
CA LEU C 195 -21.59 7.68 1.63
C LEU C 195 -20.66 7.27 2.76
N GLU C 196 -21.15 7.30 4.00
CA GLU C 196 -20.33 6.93 5.17
C GLU C 196 -19.95 5.45 5.17
N HIS C 197 -20.67 4.61 4.45
CA HIS C 197 -20.55 3.17 4.62
C HIS C 197 -19.76 2.51 3.49
N SER C 198 -19.42 3.22 2.43
CA SER C 198 -18.70 2.65 1.32
C SER C 198 -17.28 3.20 1.29
N ASP C 199 -16.32 2.32 1.02
CA ASP C 199 -14.92 2.71 0.92
C ASP C 199 -14.56 3.17 -0.49
N CYS C 200 -15.21 2.61 -1.50
CA CYS C 200 -14.90 2.89 -2.89
C CYS C 200 -16.09 2.46 -3.73
N ALA C 201 -16.48 3.29 -4.69
CA ALA C 201 -17.66 3.02 -5.50
C ALA C 201 -17.36 3.30 -6.96
N PHE C 202 -17.44 2.26 -7.79
CA PHE C 202 -17.20 2.40 -9.23
C PHE C 202 -18.53 2.70 -9.92
N MET C 203 -18.68 3.90 -10.47
CA MET C 203 -19.91 4.29 -11.15
C MET C 203 -19.87 3.93 -12.62
N VAL C 204 -21.01 3.51 -13.14
CA VAL C 204 -21.19 3.17 -14.54
C VAL C 204 -22.41 3.93 -15.06
N ASP C 205 -22.18 4.87 -15.97
CA ASP C 205 -23.23 5.67 -16.58
C ASP C 205 -23.88 4.88 -17.71
N ASN C 206 -25.17 4.59 -17.58
CA ASN C 206 -25.85 3.81 -18.62
C ASN C 206 -25.78 4.52 -19.97
N GLU C 207 -25.88 5.85 -19.98
CA GLU C 207 -25.81 6.58 -21.24
C GLU C 207 -24.43 6.43 -21.89
N ALA C 208 -23.37 6.47 -21.09
CA ALA C 208 -22.04 6.25 -21.64
C ALA C 208 -21.89 4.85 -22.22
N ILE C 209 -22.42 3.84 -21.53
CA ILE C 209 -22.40 2.49 -22.08
C ILE C 209 -23.33 2.40 -23.29
N TYR C 210 -24.45 3.14 -23.25
CA TYR C 210 -25.36 3.15 -24.38
C TYR C 210 -24.68 3.66 -25.65
N ASP C 211 -23.90 4.75 -25.52
CA ASP C 211 -23.26 5.35 -26.68
C ASP C 211 -22.13 4.47 -27.21
N ILE C 212 -21.36 3.84 -26.32
CA ILE C 212 -20.29 2.95 -26.78
C ILE C 212 -20.87 1.81 -27.60
N CYS C 213 -22.00 1.25 -27.16
CA CYS C 213 -22.62 0.14 -27.88
C CYS C 213 -23.04 0.54 -29.28
N ARG C 214 -23.32 1.83 -29.50
CA ARG C 214 -23.74 2.32 -30.80
C ARG C 214 -22.55 2.67 -31.70
N ARG C 215 -21.56 3.37 -31.15
CA ARG C 215 -20.41 3.78 -31.95
C ARG C 215 -19.48 2.60 -32.24
N ASN C 216 -18.98 1.96 -31.19
CA ASN C 216 -17.96 0.94 -31.36
C ASN C 216 -18.52 -0.39 -31.82
N LEU C 217 -19.76 -0.70 -31.45
CA LEU C 217 -20.32 -2.03 -31.70
C LEU C 217 -21.42 -2.03 -32.74
N ASP C 218 -21.81 -0.86 -33.25
CA ASP C 218 -22.79 -0.74 -34.33
C ASP C 218 -24.11 -1.41 -33.98
N ILE C 219 -24.55 -1.21 -32.75
CA ILE C 219 -25.83 -1.73 -32.26
C ILE C 219 -26.80 -0.55 -32.19
N GLU C 220 -27.89 -0.66 -32.95
CA GLU C 220 -28.78 0.47 -33.15
C GLU C 220 -29.58 0.79 -31.90
N ARG C 221 -30.20 -0.22 -31.29
CA ARG C 221 -30.99 -0.05 -30.07
C ARG C 221 -30.46 -1.04 -29.03
N PRO C 222 -29.42 -0.67 -28.30
CA PRO C 222 -28.82 -1.59 -27.33
C PRO C 222 -29.81 -1.99 -26.25
N THR C 223 -29.86 -3.29 -25.97
CA THR C 223 -30.65 -3.79 -24.87
C THR C 223 -29.79 -3.89 -23.61
N TYR C 224 -30.46 -4.10 -22.48
CA TYR C 224 -29.76 -4.41 -21.23
C TYR C 224 -28.71 -5.49 -21.44
N THR C 225 -29.09 -6.56 -22.15
CA THR C 225 -28.15 -7.64 -22.43
C THR C 225 -26.91 -7.13 -23.15
N ASN C 226 -27.09 -6.20 -24.09
CA ASN C 226 -25.92 -5.60 -24.76
C ASN C 226 -25.14 -4.73 -23.79
N LEU C 227 -25.83 -3.90 -23.01
CA LEU C 227 -25.17 -3.07 -22.02
C LEU C 227 -24.43 -3.93 -20.99
N ASN C 228 -25.09 -4.99 -20.50
CA ASN C 228 -24.52 -5.76 -19.41
C ASN C 228 -23.27 -6.53 -19.83
N ARG C 229 -23.24 -7.01 -21.08
CA ARG C 229 -22.07 -7.77 -21.53
C ARG C 229 -20.84 -6.88 -21.63
N LEU C 230 -21.01 -5.61 -21.99
CA LEU C 230 -19.89 -4.68 -21.92
C LEU C 230 -19.55 -4.37 -20.46
N ILE C 231 -20.56 -4.17 -19.62
CA ILE C 231 -20.31 -3.87 -18.21
C ILE C 231 -19.59 -5.05 -17.54
N SER C 232 -19.95 -6.27 -17.92
CA SER C 232 -19.30 -7.44 -17.33
C SER C 232 -17.82 -7.48 -17.66
N GLN C 233 -17.44 -7.01 -18.85
CA GLN C 233 -16.02 -6.96 -19.20
C GLN C 233 -15.26 -6.01 -18.27
N ILE C 234 -15.85 -4.85 -17.96
CA ILE C 234 -15.21 -3.94 -17.03
C ILE C 234 -15.11 -4.58 -15.64
N VAL C 235 -16.22 -5.17 -15.18
CA VAL C 235 -16.19 -5.82 -13.87
C VAL C 235 -15.15 -6.92 -13.83
N SER C 236 -15.09 -7.74 -14.88
CA SER C 236 -14.10 -8.82 -14.93
C SER C 236 -12.69 -8.27 -14.81
N SER C 237 -12.42 -7.14 -15.48
CA SER C 237 -11.08 -6.54 -15.40
C SER C 237 -10.73 -6.17 -13.97
N ILE C 238 -11.68 -5.60 -13.23
CA ILE C 238 -11.40 -5.18 -11.85
C ILE C 238 -11.08 -6.39 -10.98
N THR C 239 -11.90 -7.43 -11.05
CA THR C 239 -11.77 -8.57 -10.17
C THR C 239 -10.81 -9.63 -10.69
N ALA C 240 -10.30 -9.48 -11.90
CA ALA C 240 -9.33 -10.43 -12.42
C ALA C 240 -8.03 -10.41 -11.62
N SER C 241 -7.68 -9.24 -11.07
CA SER C 241 -6.50 -9.13 -10.21
C SER C 241 -6.66 -9.96 -8.94
N LEU C 242 -7.90 -10.29 -8.57
CA LEU C 242 -8.17 -11.12 -7.41
C LEU C 242 -8.44 -12.58 -7.75
N ARG C 243 -8.89 -12.86 -8.99
CA ARG C 243 -9.24 -14.21 -9.39
C ARG C 243 -8.13 -14.93 -10.15
N PHE C 244 -7.15 -14.20 -10.67
CA PHE C 244 -6.03 -14.78 -11.41
C PHE C 244 -4.73 -14.37 -10.75
N ASP C 245 -3.75 -15.28 -10.78
CA ASP C 245 -2.40 -14.94 -10.36
C ASP C 245 -1.63 -14.42 -11.57
N GLY C 246 -1.51 -13.09 -11.67
CA GLY C 246 -0.78 -12.45 -12.74
C GLY C 246 0.50 -11.79 -12.23
N ALA C 247 1.20 -11.15 -13.18
CA ALA C 247 2.47 -10.49 -12.86
C ALA C 247 2.29 -9.45 -11.76
N LEU C 248 1.47 -8.43 -12.03
CA LEU C 248 1.18 -7.38 -11.06
C LEU C 248 -0.27 -7.53 -10.63
N ASN C 249 -0.48 -7.86 -9.35
CA ASN C 249 -1.81 -7.99 -8.79
C ASN C 249 -2.17 -6.76 -7.97
N VAL C 250 -3.46 -6.49 -7.87
CA VAL C 250 -4.00 -5.38 -7.08
C VAL C 250 -5.16 -5.93 -6.27
N ASP C 251 -5.00 -6.01 -4.95
CA ASP C 251 -6.07 -6.55 -4.12
C ASP C 251 -7.03 -5.42 -3.73
N LEU C 252 -8.10 -5.80 -3.02
CA LEU C 252 -9.12 -4.82 -2.64
C LEU C 252 -8.52 -3.67 -1.84
N THR C 253 -7.55 -3.96 -0.98
CA THR C 253 -6.96 -2.92 -0.15
C THR C 253 -6.14 -1.95 -0.98
N GLU C 254 -5.45 -2.44 -2.01
CA GLU C 254 -4.65 -1.55 -2.85
C GLU C 254 -5.52 -0.67 -3.73
N PHE C 255 -6.68 -1.16 -4.16
CA PHE C 255 -7.64 -0.29 -4.85
C PHE C 255 -8.02 0.90 -3.99
N GLN C 256 -8.40 0.64 -2.75
CA GLN C 256 -8.84 1.70 -1.85
C GLN C 256 -7.70 2.65 -1.51
N THR C 257 -6.48 2.13 -1.37
CA THR C 257 -5.37 2.99 -0.98
C THR C 257 -4.98 3.94 -2.10
N ASN C 258 -4.91 3.42 -3.32
CA ASN C 258 -4.37 4.16 -4.46
C ASN C 258 -5.43 4.94 -5.24
N LEU C 259 -6.72 4.80 -4.92
CA LEU C 259 -7.75 5.52 -5.67
C LEU C 259 -8.56 6.52 -4.86
N VAL C 260 -8.46 6.53 -3.54
CA VAL C 260 -9.33 7.31 -2.68
C VAL C 260 -8.48 8.26 -1.84
N PRO C 261 -8.34 9.52 -2.26
CA PRO C 261 -7.53 10.48 -1.47
C PRO C 261 -8.23 11.02 -0.23
N TYR C 262 -9.56 10.99 -0.20
CA TYR C 262 -10.35 11.44 0.94
C TYR C 262 -11.55 10.52 1.06
N PRO C 263 -12.06 10.30 2.27
CA PRO C 263 -13.17 9.35 2.45
C PRO C 263 -14.38 9.61 1.56
N ARG C 264 -14.77 10.87 1.35
CA ARG C 264 -15.94 11.11 0.51
C ARG C 264 -15.59 11.04 -0.98
N ILE C 265 -14.36 11.38 -1.36
CA ILE C 265 -13.94 11.41 -2.77
C ILE C 265 -13.54 10.01 -3.20
N HIS C 266 -14.51 9.09 -3.27
CA HIS C 266 -14.20 7.67 -3.48
C HIS C 266 -14.92 7.09 -4.70
N PHE C 267 -15.11 7.89 -5.74
CA PHE C 267 -15.85 7.48 -6.94
C PHE C 267 -14.90 7.49 -8.14
N PRO C 268 -14.18 6.40 -8.39
CA PRO C 268 -13.30 6.36 -9.55
C PRO C 268 -14.08 6.32 -10.86
N LEU C 269 -13.43 6.81 -11.91
CA LEU C 269 -13.98 6.80 -13.26
C LEU C 269 -13.39 5.61 -14.02
N ALA C 270 -14.25 4.71 -14.49
CA ALA C 270 -13.80 3.55 -15.25
C ALA C 270 -13.76 3.87 -16.74
N THR C 271 -12.73 3.34 -17.41
CA THR C 271 -12.62 3.39 -18.87
C THR C 271 -12.13 2.02 -19.35
N TYR C 272 -12.47 1.68 -20.60
CA TYR C 272 -12.12 0.38 -21.14
C TYR C 272 -11.74 0.51 -22.61
N ALA C 273 -10.72 -0.26 -23.01
CA ALA C 273 -10.30 -0.33 -24.39
C ALA C 273 -9.52 -1.62 -24.59
N PRO C 274 -9.63 -2.28 -25.75
CA PRO C 274 -10.42 -1.89 -26.93
C PRO C 274 -11.86 -2.40 -26.88
N VAL C 275 -12.78 -1.64 -27.46
CA VAL C 275 -14.17 -2.07 -27.67
C VAL C 275 -14.34 -2.22 -29.18
N ILE C 276 -14.31 -3.47 -29.65
CA ILE C 276 -14.27 -3.78 -31.07
C ILE C 276 -15.45 -4.68 -31.42
N SER C 277 -16.04 -4.44 -32.59
CA SER C 277 -17.19 -5.19 -33.05
C SER C 277 -16.78 -6.58 -33.56
N ALA C 278 -17.42 -7.61 -33.03
CA ALA C 278 -17.13 -8.98 -33.45
C ALA C 278 -17.56 -9.22 -34.89
N GLN C 285 -4.36 -6.33 -34.23
CA GLN C 285 -4.31 -6.16 -32.78
C GLN C 285 -3.74 -4.79 -32.41
N LEU C 286 -4.42 -4.11 -31.49
CA LEU C 286 -3.98 -2.80 -31.02
C LEU C 286 -2.83 -2.95 -30.04
N SER C 287 -1.89 -2.02 -30.08
CA SER C 287 -0.72 -2.07 -29.23
C SER C 287 -1.07 -1.66 -27.80
N VAL C 288 -0.12 -1.90 -26.89
CA VAL C 288 -0.28 -1.45 -25.51
C VAL C 288 -0.38 0.07 -25.46
N ALA C 289 0.37 0.76 -26.34
CA ALA C 289 0.33 2.21 -26.39
C ALA C 289 -1.03 2.72 -26.88
N GLU C 290 -1.62 2.05 -27.89
CA GLU C 290 -2.88 2.51 -28.44
C GLU C 290 -4.01 2.42 -27.42
N ILE C 291 -4.18 1.24 -26.82
CA ILE C 291 -5.28 1.05 -25.87
C ILE C 291 -5.07 1.90 -24.63
N THR C 292 -3.81 2.20 -24.27
CA THR C 292 -3.54 3.06 -23.13
C THR C 292 -3.94 4.50 -23.44
N ASN C 293 -3.58 5.00 -24.63
CA ASN C 293 -3.99 6.34 -25.03
C ASN C 293 -5.51 6.43 -25.15
N ALA C 294 -6.16 5.33 -25.51
CA ALA C 294 -7.62 5.34 -25.62
C ALA C 294 -8.30 5.57 -24.28
N CYS C 295 -7.66 5.16 -23.17
CA CYS C 295 -8.27 5.31 -21.85
C CYS C 295 -8.42 6.76 -21.45
N PHE C 296 -7.67 7.68 -22.05
CA PHE C 296 -7.81 9.10 -21.78
C PHE C 296 -8.62 9.83 -22.85
N GLU C 297 -9.05 9.14 -23.90
CA GLU C 297 -10.04 9.71 -24.82
C GLU C 297 -11.41 9.65 -24.17
N PRO C 298 -12.12 10.78 -24.02
CA PRO C 298 -13.42 10.75 -23.34
C PRO C 298 -14.45 9.82 -23.97
N ALA C 299 -14.27 9.36 -25.20
CA ALA C 299 -15.28 8.52 -25.82
C ALA C 299 -15.37 7.13 -25.19
N ASN C 300 -14.31 6.65 -24.55
CA ASN C 300 -14.31 5.30 -23.98
C ASN C 300 -14.63 5.28 -22.50
N GLN C 301 -15.14 6.38 -21.95
CA GLN C 301 -15.36 6.48 -20.51
C GLN C 301 -16.72 5.92 -20.12
N MET C 302 -16.76 5.31 -18.93
CA MET C 302 -17.99 4.72 -18.42
C MET C 302 -18.88 5.74 -17.73
N VAL C 303 -18.43 6.98 -17.56
CA VAL C 303 -19.24 8.06 -17.03
C VAL C 303 -19.04 9.28 -17.93
N LYS C 304 -20.14 9.87 -18.39
CA LYS C 304 -20.07 11.03 -19.27
C LYS C 304 -19.56 12.22 -18.48
N CYS C 305 -18.36 12.69 -18.83
CA CYS C 305 -17.74 13.89 -18.28
C CYS C 305 -16.50 14.18 -19.11
N ASP C 306 -15.92 15.36 -18.89
CA ASP C 306 -14.74 15.79 -19.64
C ASP C 306 -13.52 15.88 -18.73
N PRO C 307 -12.63 14.88 -18.73
CA PRO C 307 -11.47 14.94 -17.83
C PRO C 307 -10.49 16.06 -18.17
N ARG C 308 -10.42 16.46 -19.44
CA ARG C 308 -9.58 17.60 -19.80
C ARG C 308 -10.03 18.87 -19.11
N HIS C 309 -11.26 18.91 -18.63
CA HIS C 309 -11.77 20.01 -17.82
C HIS C 309 -11.59 19.76 -16.32
N GLY C 310 -10.86 18.70 -15.94
CA GLY C 310 -10.62 18.43 -14.54
C GLY C 310 -9.18 18.07 -14.24
N LYS C 311 -8.91 17.62 -13.02
CA LYS C 311 -7.58 17.19 -12.62
C LYS C 311 -7.65 15.77 -12.09
N TYR C 312 -6.74 14.93 -12.57
CA TYR C 312 -6.60 13.57 -12.05
C TYR C 312 -5.98 13.60 -10.66
N MET C 313 -6.44 12.69 -9.82
CA MET C 313 -5.87 12.47 -8.51
C MET C 313 -5.28 11.09 -8.33
N ALA C 314 -5.58 10.16 -9.25
CA ALA C 314 -5.12 8.78 -9.17
C ALA C 314 -5.50 8.06 -10.47
N CYS C 315 -4.58 7.27 -10.99
CA CYS C 315 -4.82 6.50 -12.20
C CYS C 315 -4.38 5.06 -11.98
N CYS C 316 -5.34 4.15 -11.96
CA CYS C 316 -5.07 2.73 -11.81
C CYS C 316 -5.38 2.03 -13.14
N LEU C 317 -4.35 1.51 -13.79
CA LEU C 317 -4.50 0.83 -15.07
C LEU C 317 -4.36 -0.67 -14.86
N LEU C 318 -5.39 -1.42 -15.26
CA LEU C 318 -5.44 -2.86 -15.11
C LEU C 318 -5.42 -3.48 -16.51
N TYR C 319 -4.27 -4.02 -16.89
CA TYR C 319 -4.11 -4.68 -18.19
C TYR C 319 -4.33 -6.18 -18.05
N ARG C 320 -4.84 -6.78 -19.11
CA ARG C 320 -4.97 -8.23 -19.15
C ARG C 320 -4.59 -8.73 -20.54
N GLY C 321 -4.02 -9.92 -20.59
CA GLY C 321 -3.66 -10.55 -21.84
C GLY C 321 -2.19 -10.47 -22.19
N ASP C 322 -1.89 -10.16 -23.45
CA ASP C 322 -0.53 -10.17 -23.98
C ASP C 322 0.06 -8.78 -23.79
N VAL C 323 0.60 -8.54 -22.59
CA VAL C 323 1.14 -7.24 -22.21
C VAL C 323 2.47 -7.45 -21.51
N VAL C 324 3.47 -6.66 -21.89
CA VAL C 324 4.80 -6.73 -21.27
C VAL C 324 5.03 -5.46 -20.47
N PRO C 325 5.61 -5.55 -19.26
CA PRO C 325 5.79 -4.34 -18.43
C PRO C 325 6.58 -3.24 -19.11
N LYS C 326 7.58 -3.57 -19.93
CA LYS C 326 8.31 -2.52 -20.64
C LYS C 326 7.35 -1.68 -21.47
N ASP C 327 6.36 -2.32 -22.11
CA ASP C 327 5.41 -1.59 -22.94
C ASP C 327 4.50 -0.69 -22.09
N VAL C 328 4.09 -1.17 -20.91
CA VAL C 328 3.28 -0.33 -20.02
C VAL C 328 4.09 0.86 -19.53
N ASN C 329 5.36 0.63 -19.15
CA ASN C 329 6.21 1.74 -18.73
C ASN C 329 6.35 2.76 -19.84
N ALA C 330 6.57 2.29 -21.07
CA ALA C 330 6.70 3.21 -22.20
C ALA C 330 5.40 3.95 -22.46
N ALA C 331 4.26 3.25 -22.36
CA ALA C 331 2.97 3.91 -22.59
C ALA C 331 2.69 4.96 -21.54
N ILE C 332 2.90 4.62 -20.27
CA ILE C 332 2.64 5.56 -19.19
C ILE C 332 3.61 6.74 -19.22
N ALA C 333 4.85 6.50 -19.65
CA ALA C 333 5.78 7.61 -19.76
C ALA C 333 5.29 8.64 -20.78
N THR C 334 4.73 8.16 -21.90
CA THR C 334 4.15 9.07 -22.88
C THR C 334 2.99 9.86 -22.28
N ILE C 335 2.13 9.19 -21.52
CA ILE C 335 0.99 9.86 -20.88
C ILE C 335 1.48 10.98 -19.96
N LYS C 336 2.59 10.76 -19.26
CA LYS C 336 3.10 11.76 -18.33
C LYS C 336 3.65 13.00 -19.04
N THR C 337 3.84 12.95 -20.36
CA THR C 337 4.28 14.12 -21.13
C THR C 337 3.12 14.96 -21.65
N LYS C 338 1.93 14.39 -21.79
CA LYS C 338 0.81 15.12 -22.37
C LYS C 338 0.30 16.20 -21.41
N ARG C 339 0.32 17.45 -21.85
CA ARG C 339 -0.16 18.56 -21.02
C ARG C 339 -1.67 18.56 -20.85
N SER C 340 -2.41 17.93 -21.77
CA SER C 340 -3.86 17.84 -21.62
C SER C 340 -4.28 16.92 -20.48
N ILE C 341 -3.34 16.19 -19.88
CA ILE C 341 -3.63 15.29 -18.77
C ILE C 341 -3.00 15.90 -17.53
N GLN C 342 -3.81 16.59 -16.74
CA GLN C 342 -3.33 17.38 -15.60
C GLN C 342 -3.63 16.66 -14.30
N PHE C 343 -2.62 16.58 -13.42
CA PHE C 343 -2.75 16.03 -12.09
C PHE C 343 -2.73 17.14 -11.05
N VAL C 344 -3.26 16.83 -9.86
CA VAL C 344 -3.32 17.83 -8.80
C VAL C 344 -1.91 18.13 -8.28
N ASP C 345 -1.77 19.32 -7.68
CA ASP C 345 -0.48 19.75 -7.14
C ASP C 345 0.06 18.75 -6.13
N TRP C 346 -0.81 18.11 -5.36
CA TRP C 346 -0.41 17.33 -4.20
C TRP C 346 -0.27 15.85 -4.51
N CYS C 347 -0.08 15.47 -5.78
CA CYS C 347 0.06 14.07 -6.16
C CYS C 347 1.37 13.87 -6.90
N PRO C 348 2.47 13.61 -6.19
CA PRO C 348 3.76 13.37 -6.87
C PRO C 348 3.69 12.30 -7.94
N THR C 349 2.85 11.28 -7.75
CA THR C 349 2.55 10.33 -8.82
C THR C 349 1.25 9.61 -8.51
N GLY C 350 0.37 9.53 -9.50
CA GLY C 350 -0.93 8.92 -9.31
C GLY C 350 -1.13 7.63 -10.07
N PHE C 351 -0.04 6.97 -10.48
CA PHE C 351 -0.11 5.82 -11.36
C PHE C 351 0.10 4.51 -10.59
N LYS C 352 -0.85 3.59 -10.76
CA LYS C 352 -0.81 2.23 -10.23
C LYS C 352 -1.13 1.27 -11.36
N VAL C 353 -0.34 0.20 -11.50
CA VAL C 353 -0.40 -0.66 -12.66
C VAL C 353 -0.58 -2.11 -12.24
N GLY C 354 -1.52 -2.79 -12.87
CA GLY C 354 -1.68 -4.23 -12.71
C GLY C 354 -1.74 -4.92 -14.05
N ILE C 355 -1.12 -6.09 -14.12
CA ILE C 355 -1.03 -6.85 -15.38
C ILE C 355 -1.30 -8.31 -15.07
N ASN C 356 -2.46 -8.80 -15.50
CA ASN C 356 -2.78 -10.22 -15.44
C ASN C 356 -2.67 -10.82 -16.83
N TYR C 357 -2.11 -12.03 -16.91
CA TYR C 357 -1.67 -12.56 -18.18
C TYR C 357 -2.76 -13.29 -18.96
N GLN C 358 -3.88 -13.63 -18.34
CA GLN C 358 -4.92 -14.35 -19.05
C GLN C 358 -5.73 -13.41 -19.92
N PRO C 359 -5.84 -13.66 -21.22
CA PRO C 359 -6.47 -12.69 -22.13
C PRO C 359 -7.95 -12.53 -21.82
N PRO C 360 -8.58 -11.47 -22.33
CA PRO C 360 -9.99 -11.23 -22.00
C PRO C 360 -10.90 -12.22 -22.72
N THR C 361 -11.74 -12.88 -21.94
CA THR C 361 -12.69 -13.85 -22.47
C THR C 361 -13.92 -13.15 -23.00
N VAL C 362 -14.51 -13.70 -24.07
CA VAL C 362 -15.71 -13.17 -24.67
C VAL C 362 -16.77 -14.27 -24.74
N VAL C 363 -18.00 -13.92 -24.42
CA VAL C 363 -19.11 -14.87 -24.46
C VAL C 363 -19.41 -15.23 -25.90
N PRO C 364 -19.29 -16.49 -26.29
CA PRO C 364 -19.65 -16.88 -27.67
C PRO C 364 -21.09 -16.51 -27.97
N GLY C 365 -21.31 -15.94 -29.15
CA GLY C 365 -22.61 -15.40 -29.48
C GLY C 365 -22.84 -13.99 -29.01
N GLY C 366 -21.81 -13.33 -28.48
CA GLY C 366 -21.91 -11.94 -28.08
C GLY C 366 -21.56 -10.99 -29.21
N ASP C 367 -21.38 -9.72 -28.84
CA ASP C 367 -21.07 -8.67 -29.79
C ASP C 367 -19.62 -8.22 -29.77
N LEU C 368 -18.88 -8.52 -28.71
CA LEU C 368 -17.50 -8.09 -28.58
C LEU C 368 -16.55 -9.08 -29.23
N ALA C 369 -15.51 -8.56 -29.87
CA ALA C 369 -14.52 -9.37 -30.55
C ALA C 369 -13.42 -9.81 -29.58
N LYS C 370 -12.92 -11.02 -29.78
CA LYS C 370 -11.79 -11.51 -29.00
C LYS C 370 -10.54 -10.69 -29.33
N VAL C 371 -9.86 -10.21 -28.29
CA VAL C 371 -8.67 -9.40 -28.47
C VAL C 371 -7.53 -9.99 -27.67
N GLN C 372 -6.30 -9.72 -28.11
CA GLN C 372 -5.13 -10.30 -27.46
C GLN C 372 -4.73 -9.53 -26.21
N ARG C 373 -5.06 -8.25 -26.10
CA ARG C 373 -4.73 -7.46 -24.93
C ARG C 373 -5.80 -6.40 -24.74
N ALA C 374 -6.01 -6.00 -23.49
CA ALA C 374 -7.00 -4.99 -23.17
C ALA C 374 -6.62 -4.34 -21.85
N VAL C 375 -7.25 -3.20 -21.57
CA VAL C 375 -6.93 -2.45 -20.36
C VAL C 375 -8.21 -1.80 -19.85
N CYS C 376 -8.35 -1.77 -18.52
CA CYS C 376 -9.38 -1.00 -17.84
C CYS C 376 -8.69 -0.03 -16.90
N MET C 377 -8.90 1.27 -17.14
CA MET C 377 -8.32 2.29 -16.27
C MET C 377 -9.35 2.76 -15.27
N LEU C 378 -8.96 2.79 -14.00
CA LEU C 378 -9.74 3.40 -12.94
C LEU C 378 -9.02 4.70 -12.57
N SER C 379 -9.70 5.82 -12.75
CA SER C 379 -9.10 7.13 -12.51
C SER C 379 -10.03 7.92 -11.62
N ASN C 380 -9.45 8.56 -10.61
CA ASN C 380 -10.20 9.45 -9.70
C ASN C 380 -9.90 10.87 -10.16
N THR C 381 -10.86 11.47 -10.87
CA THR C 381 -10.71 12.81 -11.44
C THR C 381 -11.78 13.74 -10.86
N THR C 382 -11.42 15.02 -10.75
CA THR C 382 -12.41 16.01 -10.33
C THR C 382 -13.51 16.20 -11.36
N ALA C 383 -13.33 15.70 -12.59
CA ALA C 383 -14.33 15.86 -13.63
C ALA C 383 -15.60 15.07 -13.36
N ILE C 384 -15.52 14.00 -12.57
CA ILE C 384 -16.72 13.21 -12.28
C ILE C 384 -17.76 14.04 -11.54
N ALA C 385 -17.35 15.14 -10.91
CA ALA C 385 -18.31 16.05 -10.29
C ALA C 385 -19.33 16.59 -11.28
N GLU C 386 -18.97 16.65 -12.57
CA GLU C 386 -19.93 17.03 -13.61
C GLU C 386 -21.12 16.08 -13.59
N ALA C 387 -20.87 14.78 -13.43
CA ALA C 387 -21.96 13.82 -13.33
C ALA C 387 -22.79 14.05 -12.08
N TRP C 388 -22.16 14.42 -10.97
CA TRP C 388 -22.95 14.75 -9.78
C TRP C 388 -23.78 16.00 -9.98
N ALA C 389 -23.28 16.94 -10.80
CA ALA C 389 -24.01 18.17 -11.07
C ALA C 389 -25.28 17.92 -11.87
N ARG C 390 -25.18 17.09 -12.93
CA ARG C 390 -26.36 16.80 -13.73
C ARG C 390 -27.44 16.10 -12.91
N LEU C 391 -27.03 15.16 -12.05
CA LEU C 391 -27.99 14.47 -11.19
C LEU C 391 -28.65 15.46 -10.23
N ASP C 392 -27.84 16.29 -9.56
CA ASP C 392 -28.39 17.22 -8.58
C ASP C 392 -29.30 18.25 -9.24
N HIS C 393 -29.08 18.57 -10.51
CA HIS C 393 -29.96 19.54 -11.16
C HIS C 393 -31.33 18.93 -11.43
N LYS C 394 -31.36 17.69 -11.95
CA LYS C 394 -32.64 17.00 -12.14
C LYS C 394 -33.39 16.87 -10.81
N PHE C 395 -32.67 16.56 -9.74
CA PHE C 395 -33.26 16.55 -8.40
C PHE C 395 -33.91 17.89 -8.08
N ASP C 396 -33.18 18.98 -8.32
CA ASP C 396 -33.67 20.31 -7.92
C ASP C 396 -34.92 20.70 -8.71
N LEU C 397 -34.95 20.40 -10.01
CA LEU C 397 -36.11 20.74 -10.83
C LEU C 397 -37.39 20.22 -10.20
N MET C 398 -37.40 18.94 -9.81
CA MET C 398 -38.63 18.37 -9.26
C MET C 398 -38.84 18.75 -7.81
N TYR C 399 -37.76 18.76 -7.00
CA TYR C 399 -37.89 19.03 -5.58
C TYR C 399 -38.30 20.47 -5.29
N ALA C 400 -37.99 21.40 -6.20
CA ALA C 400 -38.45 22.77 -6.02
C ALA C 400 -39.96 22.86 -5.93
N LYS C 401 -40.69 21.92 -6.56
CA LYS C 401 -42.13 21.86 -6.46
C LYS C 401 -42.61 20.74 -5.55
N ARG C 402 -41.69 20.03 -4.91
CA ARG C 402 -42.00 18.83 -4.13
C ARG C 402 -42.72 17.78 -4.97
N ALA C 403 -42.45 17.74 -6.28
CA ALA C 403 -43.08 16.77 -7.16
C ALA C 403 -42.73 15.35 -6.74
N PHE C 404 -43.77 14.50 -6.58
CA PHE C 404 -43.66 13.08 -6.24
C PHE C 404 -43.23 12.84 -4.80
N VAL C 405 -42.90 13.89 -4.05
CA VAL C 405 -42.35 13.70 -2.71
C VAL C 405 -43.36 13.01 -1.79
N HIS C 406 -44.65 13.19 -2.07
CA HIS C 406 -45.69 12.59 -1.23
C HIS C 406 -45.61 11.06 -1.23
N TRP C 407 -45.11 10.46 -2.32
CA TRP C 407 -44.98 9.01 -2.35
C TRP C 407 -43.94 8.53 -1.34
N TYR C 408 -42.95 9.36 -1.02
CA TYR C 408 -41.94 8.98 -0.04
C TYR C 408 -42.40 9.30 1.37
N VAL C 409 -43.06 10.44 1.57
CA VAL C 409 -43.56 10.80 2.88
C VAL C 409 -44.62 9.78 3.34
N GLY C 410 -45.44 9.29 2.41
CA GLY C 410 -46.46 8.31 2.76
C GLY C 410 -45.91 7.00 3.27
N GLU C 411 -44.67 6.67 2.94
CA GLU C 411 -44.04 5.46 3.44
C GLU C 411 -43.26 5.70 4.74
N GLY C 412 -43.34 6.90 5.30
CA GLY C 412 -42.73 7.19 6.59
C GLY C 412 -41.57 8.17 6.54
N MET C 413 -41.03 8.46 5.36
CA MET C 413 -39.94 9.40 5.25
C MET C 413 -40.42 10.81 5.57
N GLU C 414 -39.47 11.67 5.90
CA GLU C 414 -39.72 13.07 6.20
C GLU C 414 -39.03 13.94 5.16
N GLU C 415 -39.60 15.12 4.91
CA GLU C 415 -39.00 16.04 3.93
C GLU C 415 -37.59 16.43 4.35
N GLY C 416 -37.32 16.49 5.65
CA GLY C 416 -35.97 16.81 6.10
C GLY C 416 -34.93 15.86 5.57
N GLU C 417 -35.31 14.60 5.31
CA GLU C 417 -34.37 13.64 4.76
C GLU C 417 -33.98 14.00 3.33
N PHE C 418 -34.87 14.66 2.59
CA PHE C 418 -34.57 15.07 1.23
C PHE C 418 -33.55 16.21 1.20
N SER C 419 -33.82 17.28 1.95
CA SER C 419 -32.90 18.41 1.93
C SER C 419 -31.56 18.07 2.55
N GLU C 420 -31.58 17.26 3.62
CA GLU C 420 -30.33 16.79 4.22
C GLU C 420 -29.51 15.98 3.23
N ALA C 421 -30.17 15.16 2.40
CA ALA C 421 -29.45 14.44 1.36
C ALA C 421 -28.96 15.38 0.26
N ARG C 422 -29.77 16.39 -0.07
CA ARG C 422 -29.37 17.31 -1.13
C ARG C 422 -28.26 18.25 -0.68
N GLU C 423 -28.25 18.61 0.61
CA GLU C 423 -27.15 19.41 1.15
C GLU C 423 -25.86 18.62 1.18
N ASP C 424 -25.92 17.31 1.49
CA ASP C 424 -24.72 16.49 1.46
C ASP C 424 -24.13 16.45 0.04
N MET C 425 -24.99 16.45 -0.98
CA MET C 425 -24.54 16.48 -2.36
C MET C 425 -23.97 17.85 -2.72
N ALA C 426 -24.46 18.92 -2.10
CA ALA C 426 -23.84 20.22 -2.31
C ALA C 426 -22.45 20.25 -1.70
N ALA C 427 -22.32 19.73 -0.47
CA ALA C 427 -21.00 19.64 0.16
C ALA C 427 -20.06 18.78 -0.68
N LEU C 428 -20.57 17.69 -1.25
CA LEU C 428 -19.75 16.82 -2.08
C LEU C 428 -19.26 17.56 -3.32
N GLU C 429 -20.15 18.30 -3.99
CA GLU C 429 -19.73 19.07 -5.16
C GLU C 429 -18.66 20.08 -4.78
N LYS C 430 -18.84 20.78 -3.65
CA LYS C 430 -17.84 21.73 -3.19
C LYS C 430 -16.52 21.05 -2.87
N ASP C 431 -16.58 19.82 -2.33
CA ASP C 431 -15.36 19.11 -1.98
C ASP C 431 -14.50 18.80 -3.21
N TYR C 432 -15.14 18.36 -4.30
CA TYR C 432 -14.40 18.19 -5.56
C TYR C 432 -13.75 19.50 -5.99
N GLU C 433 -14.42 20.62 -5.77
CA GLU C 433 -13.85 21.91 -6.13
C GLU C 433 -12.64 22.24 -5.25
N GLU C 434 -12.72 21.96 -3.95
CA GLU C 434 -11.62 22.25 -3.04
C GLU C 434 -10.38 21.43 -3.37
N VAL C 435 -10.54 20.12 -3.53
CA VAL C 435 -9.37 19.27 -3.78
C VAL C 435 -8.75 19.55 -5.14
N GLY C 436 -9.41 20.30 -6.01
CA GLY C 436 -8.84 20.61 -7.31
C GLY C 436 -8.00 21.86 -7.38
N VAL C 437 -7.98 22.68 -6.33
CA VAL C 437 -7.20 23.91 -6.35
C VAL C 437 -5.72 23.58 -6.15
N ASP C 438 -4.89 24.61 -6.08
CA ASP C 438 -3.45 24.42 -5.94
C ASP C 438 -2.94 24.79 -4.55
N MET D 1 -47.22 -8.23 -6.45
CA MET D 1 -48.09 -7.40 -7.27
C MET D 1 -48.51 -8.15 -8.53
N ARG D 2 -49.58 -8.94 -8.44
CA ARG D 2 -50.09 -9.59 -9.63
C ARG D 2 -51.60 -9.38 -9.75
N GLU D 3 -52.37 -9.83 -8.76
CA GLU D 3 -53.82 -9.84 -8.89
C GLU D 3 -54.42 -8.44 -8.78
N ILE D 4 -55.36 -8.14 -9.69
CA ILE D 4 -56.21 -6.97 -9.61
C ILE D 4 -57.63 -7.45 -9.39
N VAL D 5 -58.37 -6.77 -8.53
CA VAL D 5 -59.77 -7.07 -8.27
C VAL D 5 -60.62 -6.01 -8.98
N HIS D 6 -61.47 -6.47 -9.91
CA HIS D 6 -62.29 -5.59 -10.74
C HIS D 6 -63.69 -5.46 -10.16
N ILE D 7 -64.23 -4.24 -10.19
CA ILE D 7 -65.58 -3.97 -9.70
C ILE D 7 -66.29 -3.07 -10.72
N GLN D 8 -67.52 -3.45 -11.09
CA GLN D 8 -68.35 -2.63 -11.96
C GLN D 8 -69.68 -2.33 -11.27
N ALA D 9 -70.09 -1.06 -11.30
CA ALA D 9 -71.23 -0.61 -10.50
C ALA D 9 -72.16 0.28 -11.34
N GLY D 10 -73.46 -0.01 -11.27
CA GLY D 10 -74.45 0.73 -12.04
C GLY D 10 -74.55 0.25 -13.47
N GLN D 11 -75.46 0.89 -14.21
CA GLN D 11 -75.70 0.51 -15.60
C GLN D 11 -74.48 0.78 -16.47
N CYS D 12 -73.99 2.02 -16.46
CA CYS D 12 -72.81 2.34 -17.25
C CYS D 12 -71.61 1.53 -16.80
N GLY D 13 -71.43 1.39 -15.48
CA GLY D 13 -70.32 0.59 -14.97
C GLY D 13 -70.33 -0.83 -15.51
N ASN D 14 -71.50 -1.48 -15.45
CA ASN D 14 -71.60 -2.87 -15.90
C ASN D 14 -71.55 -2.99 -17.41
N GLN D 15 -72.01 -1.97 -18.13
CA GLN D 15 -71.95 -1.99 -19.58
C GLN D 15 -70.52 -1.88 -20.08
N ILE D 16 -69.77 -0.87 -19.61
CA ILE D 16 -68.39 -0.78 -20.08
C ILE D 16 -67.53 -1.84 -19.43
N GLY D 17 -67.90 -2.29 -18.23
CA GLY D 17 -67.19 -3.41 -17.61
C GLY D 17 -67.34 -4.70 -18.41
N ALA D 18 -68.55 -4.98 -18.88
CA ALA D 18 -68.75 -6.18 -19.69
C ALA D 18 -67.94 -6.11 -20.97
N LYS D 19 -68.04 -5.00 -21.71
CA LYS D 19 -67.26 -4.82 -22.93
C LYS D 19 -65.77 -4.99 -22.66
N PHE D 20 -65.29 -4.46 -21.52
CA PHE D 20 -63.89 -4.65 -21.17
C PHE D 20 -63.52 -6.13 -21.06
N TRP D 21 -64.42 -6.93 -20.49
CA TRP D 21 -64.12 -8.35 -20.33
C TRP D 21 -64.25 -9.12 -21.64
N GLU D 22 -65.19 -8.75 -22.50
CA GLU D 22 -65.22 -9.37 -23.82
C GLU D 22 -63.93 -9.09 -24.59
N VAL D 23 -63.45 -7.84 -24.53
CA VAL D 23 -62.33 -7.44 -25.37
C VAL D 23 -61.02 -8.09 -24.88
N ILE D 24 -60.75 -8.03 -23.58
CA ILE D 24 -59.49 -8.61 -23.12
C ILE D 24 -59.54 -10.13 -23.08
N SER D 25 -60.74 -10.72 -22.96
CA SER D 25 -60.82 -12.18 -23.08
C SER D 25 -60.44 -12.64 -24.48
N ASP D 26 -60.94 -11.95 -25.51
CA ASP D 26 -60.50 -12.25 -26.86
C ASP D 26 -58.99 -12.06 -27.00
N GLU D 27 -58.45 -11.01 -26.38
CA GLU D 27 -57.01 -10.76 -26.48
C GLU D 27 -56.21 -11.87 -25.81
N HIS D 28 -56.76 -12.53 -24.80
CA HIS D 28 -56.08 -13.60 -24.09
C HIS D 28 -56.56 -14.98 -24.49
N GLY D 29 -57.47 -15.07 -25.46
CA GLY D 29 -57.92 -16.35 -25.96
C GLY D 29 -58.83 -17.11 -25.02
N ILE D 30 -59.81 -16.42 -24.43
CA ILE D 30 -60.78 -17.03 -23.53
C ILE D 30 -62.16 -16.87 -24.15
N ASP D 31 -62.87 -17.98 -24.28
CA ASP D 31 -64.21 -17.97 -24.88
C ASP D 31 -65.27 -17.77 -23.80
N PRO D 32 -66.53 -17.50 -24.18
CA PRO D 32 -67.55 -17.19 -23.17
C PRO D 32 -67.80 -18.28 -22.13
N THR D 33 -67.15 -19.44 -22.27
CA THR D 33 -67.28 -20.50 -21.28
C THR D 33 -66.11 -20.56 -20.32
N GLY D 34 -65.08 -19.75 -20.52
CA GLY D 34 -63.93 -19.72 -19.63
C GLY D 34 -62.74 -20.53 -20.10
N SER D 35 -62.85 -21.23 -21.23
CA SER D 35 -61.78 -22.09 -21.71
C SER D 35 -60.80 -21.31 -22.57
N TYR D 36 -59.51 -21.64 -22.43
CA TYR D 36 -58.47 -21.00 -23.22
C TYR D 36 -58.38 -21.67 -24.59
N HIS D 37 -58.60 -20.91 -25.65
CA HIS D 37 -58.52 -21.41 -27.01
C HIS D 37 -57.47 -20.66 -27.83
N GLY D 38 -56.55 -19.96 -27.17
CA GLY D 38 -55.57 -19.15 -27.86
C GLY D 38 -54.39 -19.95 -28.36
N ASP D 39 -53.54 -19.27 -29.15
CA ASP D 39 -52.40 -19.90 -29.79
C ASP D 39 -51.07 -19.55 -29.17
N SER D 40 -50.93 -18.36 -28.59
CA SER D 40 -49.66 -17.92 -28.02
C SER D 40 -49.64 -18.13 -26.51
N ASP D 41 -48.42 -18.28 -25.96
CA ASP D 41 -48.25 -18.41 -24.53
C ASP D 41 -48.21 -17.05 -23.83
N LEU D 42 -47.85 -15.98 -24.53
CA LEU D 42 -47.87 -14.65 -23.92
C LEU D 42 -49.27 -14.24 -23.50
N GLN D 43 -50.31 -14.82 -24.12
CA GLN D 43 -51.67 -14.54 -23.68
C GLN D 43 -51.89 -15.01 -22.24
N LEU D 44 -51.16 -16.05 -21.81
CA LEU D 44 -51.37 -16.69 -20.53
C LEU D 44 -50.33 -16.33 -19.47
N GLU D 45 -49.27 -15.62 -19.83
CA GLU D 45 -48.17 -15.39 -18.90
C GLU D 45 -48.62 -14.60 -17.68
N ARG D 46 -49.14 -13.39 -17.90
CA ARG D 46 -49.65 -12.57 -16.81
C ARG D 46 -51.18 -12.59 -16.74
N ILE D 47 -51.80 -13.67 -17.20
CA ILE D 47 -53.26 -13.72 -17.23
C ILE D 47 -53.86 -13.76 -15.83
N ASN D 48 -53.06 -14.03 -14.81
CA ASN D 48 -53.59 -14.05 -13.44
C ASN D 48 -53.78 -12.65 -12.86
N VAL D 49 -53.37 -11.60 -13.58
CA VAL D 49 -53.61 -10.25 -13.13
C VAL D 49 -55.11 -9.98 -13.06
N TYR D 50 -55.87 -10.55 -13.99
CA TYR D 50 -57.31 -10.35 -14.06
C TYR D 50 -58.15 -11.61 -13.93
N TYR D 51 -57.56 -12.80 -14.07
CA TYR D 51 -58.33 -14.04 -14.06
C TYR D 51 -57.87 -14.95 -12.94
N ASN D 52 -58.84 -15.59 -12.29
CA ASN D 52 -58.58 -16.75 -11.44
C ASN D 52 -58.64 -18.01 -12.29
N GLU D 53 -57.90 -19.04 -11.85
CA GLU D 53 -57.91 -20.34 -12.52
C GLU D 53 -58.88 -21.26 -11.77
N ALA D 54 -60.07 -21.45 -12.33
CA ALA D 54 -61.03 -22.39 -11.78
C ALA D 54 -60.78 -23.78 -12.33
N THR D 55 -60.90 -24.79 -11.47
CA THR D 55 -60.65 -26.15 -11.90
C THR D 55 -61.64 -26.55 -12.99
N GLY D 56 -61.18 -27.42 -13.88
CA GLY D 56 -61.84 -27.63 -15.15
C GLY D 56 -61.16 -26.94 -16.30
N ASN D 57 -59.90 -26.53 -16.14
CA ASN D 57 -59.12 -25.82 -17.15
C ASN D 57 -59.70 -24.47 -17.52
N LYS D 58 -60.45 -23.85 -16.61
CA LYS D 58 -61.21 -22.64 -16.94
C LYS D 58 -60.60 -21.42 -16.26
N TYR D 59 -60.98 -20.24 -16.78
CA TYR D 59 -60.54 -18.96 -16.25
C TYR D 59 -61.77 -18.12 -15.97
N VAL D 60 -61.93 -17.69 -14.73
CA VAL D 60 -63.04 -16.84 -14.31
C VAL D 60 -62.50 -15.43 -14.09
N PRO D 61 -63.09 -14.40 -14.69
CA PRO D 61 -62.68 -13.03 -14.37
C PRO D 61 -62.79 -12.74 -12.88
N ARG D 62 -61.76 -12.10 -12.34
CA ARG D 62 -61.80 -11.62 -10.95
C ARG D 62 -62.62 -10.34 -10.91
N ALA D 63 -63.93 -10.51 -11.11
CA ALA D 63 -64.83 -9.38 -11.33
C ALA D 63 -66.01 -9.47 -10.37
N ILE D 64 -66.43 -8.31 -9.86
CA ILE D 64 -67.59 -8.20 -8.98
C ILE D 64 -68.57 -7.23 -9.60
N LEU D 65 -69.80 -7.69 -9.84
CA LEU D 65 -70.81 -6.94 -10.57
C LEU D 65 -71.86 -6.45 -9.59
N VAL D 66 -72.10 -5.13 -9.58
CA VAL D 66 -72.93 -4.48 -8.58
C VAL D 66 -73.93 -3.56 -9.26
N ASP D 67 -75.18 -3.60 -8.81
CA ASP D 67 -76.16 -2.59 -9.20
C ASP D 67 -77.35 -2.65 -8.25
N LEU D 68 -77.86 -1.47 -7.90
CA LEU D 68 -79.10 -1.39 -7.13
C LEU D 68 -80.30 -1.77 -8.00
N GLU D 69 -80.26 -1.42 -9.28
CA GLU D 69 -81.29 -1.86 -10.21
C GLU D 69 -81.08 -3.33 -10.55
N PRO D 70 -82.10 -4.17 -10.43
CA PRO D 70 -81.91 -5.59 -10.76
C PRO D 70 -81.71 -5.86 -12.24
N GLY D 71 -82.27 -5.03 -13.12
CA GLY D 71 -82.37 -5.38 -14.52
C GLY D 71 -81.06 -5.40 -15.26
N THR D 72 -80.12 -4.52 -14.88
CA THR D 72 -78.88 -4.37 -15.65
C THR D 72 -78.02 -5.63 -15.62
N MET D 73 -78.06 -6.39 -14.53
CA MET D 73 -77.26 -7.61 -14.50
C MET D 73 -77.95 -8.78 -15.18
N ASP D 74 -79.29 -8.76 -15.25
CA ASP D 74 -79.97 -9.69 -16.14
C ASP D 74 -79.46 -9.51 -17.57
N SER D 75 -79.28 -8.26 -17.99
CA SER D 75 -78.75 -8.00 -19.32
C SER D 75 -77.29 -8.42 -19.44
N VAL D 76 -76.55 -8.42 -18.33
CA VAL D 76 -75.16 -8.87 -18.37
C VAL D 76 -75.10 -10.37 -18.65
N ARG D 77 -75.83 -11.17 -17.85
CA ARG D 77 -75.91 -12.60 -18.10
C ARG D 77 -76.41 -12.88 -19.51
N SER D 78 -77.30 -12.04 -20.04
CA SER D 78 -77.86 -12.29 -21.37
C SER D 78 -76.89 -11.90 -22.47
N GLY D 79 -76.02 -10.93 -22.23
CA GLY D 79 -75.07 -10.49 -23.23
C GLY D 79 -74.01 -11.53 -23.49
N PRO D 80 -73.24 -11.35 -24.57
CA PRO D 80 -72.13 -12.26 -24.84
C PRO D 80 -71.13 -12.23 -23.70
N PHE D 81 -70.66 -13.43 -23.32
CA PHE D 81 -69.81 -13.68 -22.15
C PHE D 81 -70.56 -13.54 -20.84
N GLY D 82 -71.90 -13.47 -20.87
CA GLY D 82 -72.65 -13.40 -19.62
C GLY D 82 -72.39 -14.60 -18.73
N GLN D 83 -72.10 -15.75 -19.32
CA GLN D 83 -71.89 -16.98 -18.59
C GLN D 83 -70.47 -17.13 -18.05
N ILE D 84 -69.56 -16.18 -18.34
CA ILE D 84 -68.18 -16.34 -17.91
C ILE D 84 -67.95 -15.88 -16.48
N PHE D 85 -68.82 -15.01 -15.95
CA PHE D 85 -68.59 -14.46 -14.63
C PHE D 85 -69.02 -15.46 -13.56
N ARG D 86 -68.36 -15.38 -12.43
CA ARG D 86 -68.70 -16.18 -11.26
C ARG D 86 -70.09 -15.82 -10.78
N PRO D 87 -71.06 -16.75 -10.80
CA PRO D 87 -72.45 -16.36 -10.49
C PRO D 87 -72.61 -15.75 -9.11
N ASP D 88 -71.75 -16.11 -8.16
CA ASP D 88 -71.84 -15.59 -6.81
C ASP D 88 -71.29 -14.18 -6.68
N ASN D 89 -70.64 -13.64 -7.71
CA ASN D 89 -70.15 -12.27 -7.68
C ASN D 89 -71.16 -11.26 -8.21
N PHE D 90 -72.38 -11.70 -8.53
CA PHE D 90 -73.45 -10.79 -8.89
C PHE D 90 -74.14 -10.33 -7.61
N VAL D 91 -74.20 -9.02 -7.39
CA VAL D 91 -74.80 -8.44 -6.19
C VAL D 91 -75.80 -7.37 -6.64
N PHE D 92 -77.09 -7.68 -6.53
CA PHE D 92 -78.14 -6.84 -7.07
C PHE D 92 -79.16 -6.50 -5.99
N GLY D 93 -79.63 -5.26 -6.00
CA GLY D 93 -80.80 -4.86 -5.25
C GLY D 93 -82.05 -4.94 -6.12
N GLN D 94 -83.14 -4.37 -5.60
CA GLN D 94 -84.40 -4.39 -6.32
C GLN D 94 -84.95 -3.00 -6.61
N SER D 95 -84.26 -1.93 -6.20
CA SER D 95 -84.67 -0.58 -6.57
C SER D 95 -83.44 0.23 -6.88
N GLY D 96 -83.40 0.81 -8.07
CA GLY D 96 -82.28 1.65 -8.48
C GLY D 96 -82.14 2.90 -7.63
N ALA D 97 -81.24 3.78 -8.03
CA ALA D 97 -80.98 4.99 -7.27
C ALA D 97 -81.67 6.20 -7.86
N GLY D 98 -82.53 6.01 -8.86
CA GLY D 98 -83.23 7.11 -9.51
C GLY D 98 -82.34 8.26 -9.92
N ASN D 99 -81.13 7.97 -10.42
CA ASN D 99 -80.15 9.00 -10.79
C ASN D 99 -79.86 9.95 -9.64
N ASN D 100 -79.90 9.44 -8.40
CA ASN D 100 -79.73 10.23 -7.19
C ASN D 100 -78.49 9.74 -6.45
N TRP D 101 -77.45 10.59 -6.42
CA TRP D 101 -76.21 10.23 -5.74
C TRP D 101 -76.46 9.87 -4.29
N ALA D 102 -77.33 10.61 -3.60
CA ALA D 102 -77.58 10.34 -2.19
C ALA D 102 -78.17 8.96 -1.97
N LYS D 103 -79.03 8.50 -2.88
CA LYS D 103 -79.58 7.17 -2.74
C LYS D 103 -78.51 6.10 -2.86
N GLY D 104 -77.55 6.31 -3.77
CA GLY D 104 -76.47 5.35 -3.95
C GLY D 104 -75.45 5.38 -2.83
N HIS D 105 -75.17 6.56 -2.30
CA HIS D 105 -74.11 6.74 -1.31
C HIS D 105 -74.57 6.58 0.13
N TYR D 106 -75.79 7.03 0.44
CA TYR D 106 -76.22 7.18 1.82
C TYR D 106 -77.34 6.24 2.24
N THR D 107 -78.34 6.00 1.38
CA THR D 107 -79.52 5.27 1.81
C THR D 107 -79.51 3.89 1.17
N GLU D 108 -80.00 3.73 -0.06
CA GLU D 108 -80.18 2.38 -0.61
C GLU D 108 -78.85 1.69 -0.87
N GLY D 109 -77.86 2.41 -1.38
CA GLY D 109 -76.57 1.79 -1.66
C GLY D 109 -75.87 1.33 -0.41
N ALA D 110 -76.05 2.05 0.70
CA ALA D 110 -75.43 1.65 1.96
C ALA D 110 -76.06 0.38 2.51
N GLU D 111 -77.32 0.10 2.16
CA GLU D 111 -77.98 -1.12 2.59
C GLU D 111 -77.59 -2.33 1.75
N LEU D 112 -76.78 -2.15 0.72
CA LEU D 112 -76.30 -3.24 -0.11
C LEU D 112 -74.79 -3.40 -0.07
N VAL D 113 -74.06 -2.45 0.52
CA VAL D 113 -72.61 -2.42 0.36
C VAL D 113 -71.94 -3.56 1.14
N ASP D 114 -72.48 -3.93 2.30
CA ASP D 114 -71.91 -5.06 3.04
C ASP D 114 -72.03 -6.35 2.26
N SER D 115 -73.12 -6.50 1.49
CA SER D 115 -73.24 -7.65 0.61
C SER D 115 -72.17 -7.63 -0.47
N VAL D 116 -71.76 -6.44 -0.91
CA VAL D 116 -70.68 -6.35 -1.89
C VAL D 116 -69.33 -6.62 -1.23
N LEU D 117 -69.13 -6.09 -0.02
CA LEU D 117 -67.88 -6.35 0.69
C LEU D 117 -67.66 -7.83 0.94
N ASP D 118 -68.74 -8.60 1.09
CA ASP D 118 -68.65 -10.06 1.14
C ASP D 118 -67.83 -10.59 -0.04
N VAL D 119 -68.28 -10.30 -1.25
CA VAL D 119 -67.62 -10.82 -2.44
C VAL D 119 -66.21 -10.23 -2.58
N VAL D 120 -66.06 -8.95 -2.22
CA VAL D 120 -64.75 -8.31 -2.34
C VAL D 120 -63.71 -9.01 -1.47
N ARG D 121 -64.10 -9.38 -0.25
CA ARG D 121 -63.14 -10.04 0.65
C ARG D 121 -62.75 -11.42 0.13
N LYS D 122 -63.72 -12.19 -0.37
CA LYS D 122 -63.40 -13.53 -0.84
C LYS D 122 -62.40 -13.49 -2.00
N GLU D 123 -62.58 -12.55 -2.94
CA GLU D 123 -61.64 -12.46 -4.04
C GLU D 123 -60.30 -11.88 -3.60
N SER D 124 -60.29 -11.05 -2.55
CA SER D 124 -59.06 -10.39 -2.12
C SER D 124 -58.19 -11.32 -1.28
N GLU D 125 -58.80 -12.12 -0.41
CA GLU D 125 -58.03 -13.04 0.42
C GLU D 125 -57.47 -14.20 -0.39
N SER D 126 -58.09 -14.54 -1.51
CA SER D 126 -57.59 -15.57 -2.40
C SER D 126 -56.38 -15.11 -3.22
N CYS D 127 -55.97 -13.85 -3.10
CA CYS D 127 -54.88 -13.29 -3.89
C CYS D 127 -53.53 -13.62 -3.28
N ASP D 128 -52.58 -14.03 -4.12
CA ASP D 128 -51.21 -14.19 -3.68
C ASP D 128 -50.59 -12.85 -3.32
N CYS D 129 -50.78 -11.84 -4.17
CA CYS D 129 -50.17 -10.52 -3.95
C CYS D 129 -51.05 -9.48 -4.64
N LEU D 130 -51.90 -8.82 -3.85
CA LEU D 130 -52.97 -7.98 -4.39
C LEU D 130 -52.43 -6.62 -4.82
N GLN D 131 -52.48 -6.33 -6.12
CA GLN D 131 -52.18 -4.98 -6.59
C GLN D 131 -53.17 -3.98 -6.03
N GLY D 132 -54.45 -4.19 -6.29
CA GLY D 132 -55.48 -3.29 -5.84
C GLY D 132 -56.77 -3.52 -6.61
N PHE D 133 -57.52 -2.45 -6.80
CA PHE D 133 -58.88 -2.52 -7.32
C PHE D 133 -59.03 -1.57 -8.50
N GLN D 134 -59.78 -2.00 -9.51
CA GLN D 134 -60.21 -1.08 -10.55
C GLN D 134 -61.73 -1.11 -10.65
N LEU D 135 -62.31 0.09 -10.65
CA LEU D 135 -63.76 0.27 -10.61
C LEU D 135 -64.22 1.00 -11.86
N THR D 136 -65.21 0.45 -12.55
CA THR D 136 -65.88 1.11 -13.65
C THR D 136 -67.25 1.58 -13.18
N HIS D 137 -67.59 2.82 -13.56
CA HIS D 137 -68.81 3.46 -13.11
C HIS D 137 -68.96 4.79 -13.81
N SER D 138 -70.21 5.25 -13.91
CA SER D 138 -70.48 6.60 -14.34
C SER D 138 -70.53 7.53 -13.12
N LEU D 139 -70.30 8.81 -13.36
CA LEU D 139 -70.42 9.80 -12.30
C LEU D 139 -71.74 10.55 -12.34
N GLY D 140 -72.54 10.39 -13.39
CA GLY D 140 -73.75 11.18 -13.55
C GLY D 140 -75.01 10.56 -12.99
N GLY D 141 -74.99 9.27 -12.72
CA GLY D 141 -76.14 8.56 -12.20
C GLY D 141 -76.17 8.52 -10.68
N GLY D 142 -76.69 7.41 -10.15
CA GLY D 142 -76.83 7.26 -8.71
C GLY D 142 -76.07 6.09 -8.16
N THR D 143 -76.12 4.94 -8.83
CA THR D 143 -75.47 3.76 -8.29
C THR D 143 -73.97 3.80 -8.51
N GLY D 144 -73.54 4.00 -9.76
CA GLY D 144 -72.11 4.06 -10.03
C GLY D 144 -71.44 5.25 -9.37
N SER D 145 -72.11 6.39 -9.35
CA SER D 145 -71.52 7.57 -8.74
C SER D 145 -71.59 7.50 -7.22
N GLY D 146 -72.79 7.27 -6.68
CA GLY D 146 -73.01 7.30 -5.24
C GLY D 146 -72.52 6.06 -4.54
N MET D 147 -73.07 4.90 -4.90
CA MET D 147 -72.64 3.65 -4.27
C MET D 147 -71.23 3.26 -4.70
N GLY D 148 -70.80 3.70 -5.88
CA GLY D 148 -69.44 3.45 -6.31
C GLY D 148 -68.43 4.18 -5.44
N THR D 149 -68.68 5.45 -5.14
CA THR D 149 -67.75 6.19 -4.28
C THR D 149 -67.85 5.74 -2.83
N LEU D 150 -69.02 5.25 -2.42
CA LEU D 150 -69.13 4.63 -1.09
C LEU D 150 -68.33 3.34 -1.04
N LEU D 151 -68.45 2.51 -2.08
CA LEU D 151 -67.70 1.27 -2.15
C LEU D 151 -66.20 1.55 -2.07
N ILE D 152 -65.73 2.55 -2.81
CA ILE D 152 -64.32 2.93 -2.75
C ILE D 152 -63.91 3.20 -1.30
N SER D 153 -64.67 4.06 -0.62
CA SER D 153 -64.35 4.44 0.76
C SER D 153 -64.27 3.22 1.66
N LYS D 154 -65.28 2.35 1.58
CA LYS D 154 -65.30 1.17 2.44
C LYS D 154 -64.14 0.23 2.11
N ILE D 155 -63.85 0.03 0.83
CA ILE D 155 -62.73 -0.84 0.47
C ILE D 155 -61.41 -0.24 0.95
N ARG D 156 -61.26 1.08 0.84
CA ARG D 156 -60.03 1.73 1.27
C ARG D 156 -59.81 1.59 2.77
N GLU D 157 -60.89 1.39 3.54
CA GLU D 157 -60.76 1.18 4.98
C GLU D 157 -60.13 -0.17 5.30
N GLU D 158 -60.55 -1.22 4.61
CA GLU D 158 -60.04 -2.56 4.86
C GLU D 158 -58.74 -2.84 4.14
N TYR D 159 -58.46 -2.14 3.04
CA TYR D 159 -57.24 -2.35 2.24
C TYR D 159 -56.57 -1.01 1.95
N PRO D 160 -56.11 -0.31 2.99
CA PRO D 160 -55.55 1.04 2.79
C PRO D 160 -54.18 1.07 2.14
N ASP D 161 -53.46 -0.06 2.11
CA ASP D 161 -52.15 -0.13 1.50
C ASP D 161 -52.18 -0.63 0.06
N ARG D 162 -53.36 -0.72 -0.53
CA ARG D 162 -53.51 -1.17 -1.92
C ARG D 162 -53.89 0.01 -2.79
N ILE D 163 -53.72 -0.15 -4.10
CA ILE D 163 -53.97 0.91 -5.05
C ILE D 163 -55.45 0.91 -5.42
N MET D 164 -56.04 2.10 -5.49
CA MET D 164 -57.44 2.27 -5.85
C MET D 164 -57.51 3.00 -7.18
N ASN D 165 -58.01 2.31 -8.20
CA ASN D 165 -58.03 2.82 -9.57
C ASN D 165 -59.47 2.83 -10.10
N THR D 166 -59.82 3.85 -10.87
CA THR D 166 -61.16 3.93 -11.42
C THR D 166 -61.13 4.33 -12.90
N PHE D 167 -62.11 3.84 -13.64
CA PHE D 167 -62.51 4.37 -14.94
C PHE D 167 -63.83 5.10 -14.68
N SER D 168 -63.81 6.42 -14.74
CA SER D 168 -64.94 7.24 -14.35
C SER D 168 -65.49 7.97 -15.57
N VAL D 169 -66.75 7.69 -15.90
CA VAL D 169 -67.39 8.26 -17.08
C VAL D 169 -68.09 9.56 -16.68
N MET D 170 -67.65 10.68 -17.26
CA MET D 170 -68.16 12.02 -17.00
C MET D 170 -69.43 12.26 -17.80
N PRO D 171 -70.43 12.89 -17.20
CA PRO D 171 -71.69 13.16 -17.91
C PRO D 171 -71.56 14.35 -18.85
N SER D 172 -72.46 14.37 -19.84
CA SER D 172 -72.52 15.42 -20.83
C SER D 172 -73.95 15.67 -21.25
N PRO D 173 -74.37 16.94 -21.36
CA PRO D 173 -75.74 17.21 -21.84
C PRO D 173 -76.00 16.67 -23.24
N LYS D 174 -74.97 16.38 -24.04
CA LYS D 174 -75.21 15.78 -25.36
C LYS D 174 -75.66 14.33 -25.25
N VAL D 175 -75.32 13.66 -24.15
CA VAL D 175 -75.74 12.29 -23.87
C VAL D 175 -76.20 12.23 -22.42
N SER D 176 -77.39 12.74 -22.13
CA SER D 176 -77.81 13.01 -20.76
C SER D 176 -78.90 12.04 -20.30
N ASP D 177 -78.87 11.70 -19.01
CA ASP D 177 -79.90 10.87 -18.40
C ASP D 177 -80.72 11.61 -17.33
N THR D 178 -80.37 12.86 -16.99
CA THR D 178 -81.11 13.68 -16.05
C THR D 178 -80.40 15.04 -15.99
N VAL D 179 -81.11 16.05 -15.47
CA VAL D 179 -80.53 17.38 -15.33
C VAL D 179 -79.67 17.52 -14.09
N VAL D 180 -79.69 16.55 -13.18
CA VAL D 180 -78.92 16.68 -11.95
C VAL D 180 -77.58 15.96 -12.08
N GLU D 181 -77.22 15.53 -13.29
CA GLU D 181 -75.90 14.96 -13.50
C GLU D 181 -74.76 15.87 -13.06
N PRO D 182 -74.81 17.20 -13.26
CA PRO D 182 -73.77 18.04 -12.65
C PRO D 182 -73.67 17.88 -11.14
N TYR D 183 -74.80 17.67 -10.45
CA TYR D 183 -74.76 17.39 -9.02
C TYR D 183 -74.08 16.06 -8.72
N ASN D 184 -74.52 14.99 -9.39
CA ASN D 184 -73.97 13.67 -9.11
C ASN D 184 -72.48 13.63 -9.42
N ALA D 185 -72.06 14.29 -10.50
CA ALA D 185 -70.65 14.24 -10.88
C ALA D 185 -69.78 15.06 -9.93
N THR D 186 -70.27 16.21 -9.49
CA THR D 186 -69.48 17.00 -8.56
C THR D 186 -69.37 16.31 -7.21
N LEU D 187 -70.44 15.67 -6.73
CA LEU D 187 -70.37 14.95 -5.46
C LEU D 187 -69.43 13.77 -5.54
N SER D 188 -69.38 13.09 -6.69
CA SER D 188 -68.49 11.96 -6.86
C SER D 188 -67.04 12.40 -7.00
N VAL D 189 -66.81 13.53 -7.70
CA VAL D 189 -65.44 14.01 -7.91
C VAL D 189 -64.80 14.38 -6.58
N HIS D 190 -65.59 14.96 -5.68
CA HIS D 190 -65.13 15.21 -4.31
C HIS D 190 -64.58 13.94 -3.68
N GLN D 191 -65.33 12.84 -3.76
CA GLN D 191 -64.87 11.58 -3.21
C GLN D 191 -63.62 11.07 -3.93
N LEU D 192 -63.57 11.23 -5.25
CA LEU D 192 -62.45 10.67 -6.01
C LEU D 192 -61.16 11.43 -5.73
N VAL D 193 -61.26 12.74 -5.51
CA VAL D 193 -60.07 13.53 -5.21
C VAL D 193 -59.41 13.05 -3.93
N GLU D 194 -60.21 12.51 -3.00
CA GLU D 194 -59.72 12.11 -1.69
C GLU D 194 -59.37 10.62 -1.59
N ASN D 195 -60.07 9.74 -2.31
CA ASN D 195 -59.99 8.31 -2.00
C ASN D 195 -59.45 7.42 -3.11
N THR D 196 -59.08 7.94 -4.28
CA THR D 196 -58.49 7.10 -5.31
C THR D 196 -57.07 7.57 -5.62
N ASP D 197 -56.26 6.66 -6.13
CA ASP D 197 -54.88 6.98 -6.48
C ASP D 197 -54.75 7.35 -7.95
N GLU D 198 -55.61 6.77 -8.79
CA GLU D 198 -55.56 6.92 -10.24
C GLU D 198 -56.99 6.88 -10.76
N THR D 199 -57.36 7.87 -11.57
CA THR D 199 -58.67 7.90 -12.20
C THR D 199 -58.49 8.22 -13.68
N TYR D 200 -58.99 7.35 -14.55
CA TYR D 200 -59.08 7.66 -15.97
C TYR D 200 -60.36 8.43 -16.24
N CYS D 201 -60.22 9.58 -16.90
CA CYS D 201 -61.37 10.45 -17.18
C CYS D 201 -61.93 10.11 -18.55
N ILE D 202 -63.08 9.45 -18.53
CA ILE D 202 -63.80 9.04 -19.73
C ILE D 202 -64.94 10.01 -19.88
N ASP D 203 -64.83 10.93 -20.83
CA ASP D 203 -65.76 12.04 -20.95
C ASP D 203 -66.78 11.70 -22.04
N ASN D 204 -68.05 11.53 -21.64
CA ASN D 204 -69.09 11.26 -22.64
C ASN D 204 -69.17 12.40 -23.67
N GLU D 205 -68.81 13.62 -23.27
CA GLU D 205 -68.79 14.72 -24.22
C GLU D 205 -67.80 14.45 -25.35
N ALA D 206 -66.57 14.08 -24.98
CA ALA D 206 -65.57 13.77 -25.99
C ALA D 206 -65.97 12.55 -26.82
N LEU D 207 -66.60 11.56 -26.19
CA LEU D 207 -67.00 10.34 -26.90
C LEU D 207 -68.10 10.64 -27.91
N TYR D 208 -69.07 11.48 -27.54
CA TYR D 208 -70.11 11.88 -28.47
C TYR D 208 -69.51 12.72 -29.60
N ASP D 209 -68.69 13.72 -29.26
CA ASP D 209 -68.07 14.57 -30.27
C ASP D 209 -67.29 13.73 -31.28
N ILE D 210 -66.53 12.74 -30.80
CA ILE D 210 -65.75 11.88 -31.69
C ILE D 210 -66.67 11.07 -32.59
N CYS D 211 -67.70 10.47 -32.01
CA CYS D 211 -68.63 9.67 -32.82
C CYS D 211 -69.31 10.53 -33.87
N PHE D 212 -69.73 11.74 -33.49
CA PHE D 212 -70.48 12.61 -34.40
C PHE D 212 -69.57 13.29 -35.42
N ARG D 213 -68.43 13.83 -34.97
CA ARG D 213 -67.58 14.64 -35.85
C ARG D 213 -66.62 13.77 -36.66
N THR D 214 -65.94 12.82 -36.00
CA THR D 214 -64.92 12.06 -36.70
C THR D 214 -65.47 10.80 -37.34
N LEU D 215 -66.32 10.06 -36.63
CA LEU D 215 -66.90 8.84 -37.18
C LEU D 215 -68.18 9.10 -37.97
N LYS D 216 -68.68 10.34 -37.97
CA LYS D 216 -69.82 10.74 -38.79
C LYS D 216 -71.09 9.92 -38.46
N LEU D 217 -71.22 9.48 -37.20
CA LEU D 217 -72.47 8.92 -36.72
C LEU D 217 -73.40 10.08 -36.35
N THR D 218 -74.48 10.24 -37.11
CA THR D 218 -75.38 11.37 -36.88
C THR D 218 -76.08 11.26 -35.53
N THR D 219 -76.50 10.06 -35.13
CA THR D 219 -77.13 9.83 -33.83
C THR D 219 -76.42 8.66 -33.15
N PRO D 220 -75.29 8.93 -32.48
CA PRO D 220 -74.55 7.84 -31.84
C PRO D 220 -75.28 7.29 -30.61
N THR D 221 -75.05 6.01 -30.36
CA THR D 221 -75.63 5.29 -29.22
C THR D 221 -74.54 4.93 -28.22
N TYR D 222 -74.99 4.38 -27.07
CA TYR D 222 -74.03 3.92 -26.07
C TYR D 222 -73.12 2.84 -26.60
N GLY D 223 -73.62 1.97 -27.48
CA GLY D 223 -72.74 1.02 -28.16
C GLY D 223 -71.62 1.72 -28.92
N ASP D 224 -71.95 2.82 -29.60
CA ASP D 224 -70.92 3.59 -30.30
C ASP D 224 -69.92 4.20 -29.33
N LEU D 225 -70.42 4.84 -28.27
CA LEU D 225 -69.52 5.42 -27.28
C LEU D 225 -68.66 4.35 -26.63
N ASN D 226 -69.23 3.17 -26.36
CA ASN D 226 -68.51 2.17 -25.59
C ASN D 226 -67.45 1.45 -26.40
N HIS D 227 -67.55 1.49 -27.73
CA HIS D 227 -66.44 1.01 -28.55
C HIS D 227 -65.18 1.83 -28.30
N LEU D 228 -65.33 3.15 -28.09
CA LEU D 228 -64.17 3.96 -27.75
C LEU D 228 -63.71 3.68 -26.32
N VAL D 229 -64.63 3.38 -25.42
CA VAL D 229 -64.26 3.09 -24.04
C VAL D 229 -63.47 1.78 -23.96
N SER D 230 -63.94 0.74 -24.65
CA SER D 230 -63.25 -0.54 -24.51
C SER D 230 -61.91 -0.52 -25.23
N ALA D 231 -61.80 0.22 -26.33
CA ALA D 231 -60.49 0.40 -26.95
C ALA D 231 -59.53 1.10 -25.98
N THR D 232 -60.03 2.09 -25.24
CA THR D 232 -59.16 2.78 -24.29
C THR D 232 -58.80 1.89 -23.11
N MET D 233 -59.77 1.15 -22.57
CA MET D 233 -59.49 0.32 -21.39
C MET D 233 -58.50 -0.79 -21.74
N SER D 234 -58.62 -1.35 -22.94
CA SER D 234 -57.64 -2.35 -23.39
C SER D 234 -56.25 -1.73 -23.47
N GLY D 235 -56.15 -0.56 -24.11
CA GLY D 235 -54.84 0.07 -24.28
C GLY D 235 -54.16 0.40 -22.96
N VAL D 236 -54.90 0.94 -22.00
CA VAL D 236 -54.25 1.42 -20.77
C VAL D 236 -54.00 0.30 -19.77
N THR D 237 -54.47 -0.91 -20.05
CA THR D 237 -54.16 -2.07 -19.22
C THR D 237 -53.23 -3.04 -19.93
N THR D 238 -52.82 -2.73 -21.17
CA THR D 238 -51.92 -3.62 -21.91
C THR D 238 -50.65 -3.90 -21.11
N CYS D 239 -50.04 -2.87 -20.52
CA CYS D 239 -48.80 -3.09 -19.79
C CYS D 239 -49.01 -3.88 -18.50
N LEU D 240 -50.25 -4.03 -18.04
CA LEU D 240 -50.54 -4.86 -16.88
C LEU D 240 -50.81 -6.32 -17.24
N ARG D 241 -51.24 -6.58 -18.47
CA ARG D 241 -51.68 -7.90 -18.88
C ARG D 241 -50.63 -8.67 -19.67
N PHE D 242 -49.65 -7.99 -20.25
CA PHE D 242 -48.68 -8.64 -21.11
C PHE D 242 -47.26 -8.40 -20.60
N PRO D 243 -46.31 -9.27 -20.94
CA PRO D 243 -44.94 -9.09 -20.46
C PRO D 243 -44.21 -7.97 -21.19
N GLY D 244 -43.56 -7.11 -20.43
CA GLY D 244 -42.81 -6.01 -21.00
C GLY D 244 -41.57 -5.65 -20.21
N GLN D 245 -40.97 -4.50 -20.53
CA GLN D 245 -39.73 -4.09 -19.87
C GLN D 245 -39.99 -3.54 -18.47
N LEU D 246 -41.10 -2.85 -18.27
CA LEU D 246 -41.31 -2.11 -17.04
C LEU D 246 -41.81 -2.95 -15.87
N ASN D 247 -42.14 -4.23 -16.10
CA ASN D 247 -42.82 -5.03 -15.08
C ASN D 247 -43.98 -4.23 -14.48
N ALA D 248 -44.77 -3.64 -15.38
CA ALA D 248 -45.71 -2.60 -14.98
C ALA D 248 -46.79 -3.14 -14.06
N ASP D 249 -47.15 -2.33 -13.06
CA ASP D 249 -48.27 -2.62 -12.18
C ASP D 249 -48.93 -1.30 -11.79
N LEU D 250 -50.00 -1.41 -11.02
CA LEU D 250 -50.81 -0.23 -10.72
C LEU D 250 -50.07 0.78 -9.84
N ARG D 251 -49.15 0.32 -8.99
CA ARG D 251 -48.45 1.25 -8.11
C ARG D 251 -47.35 2.00 -8.84
N LYS D 252 -46.57 1.30 -9.67
CA LYS D 252 -45.56 1.98 -10.46
C LYS D 252 -46.18 3.06 -11.35
N LEU D 253 -47.37 2.77 -11.91
CA LEU D 253 -48.05 3.81 -12.70
C LEU D 253 -48.36 5.02 -11.84
N ALA D 254 -48.90 4.81 -10.64
CA ALA D 254 -49.25 5.93 -9.77
C ALA D 254 -48.00 6.72 -9.37
N VAL D 255 -46.93 6.00 -9.00
CA VAL D 255 -45.71 6.67 -8.52
C VAL D 255 -45.16 7.62 -9.58
N ASN D 256 -45.13 7.17 -10.84
CA ASN D 256 -44.52 7.95 -11.91
C ASN D 256 -45.47 8.91 -12.60
N MET D 257 -46.79 8.73 -12.48
CA MET D 257 -47.72 9.60 -13.18
C MET D 257 -48.37 10.65 -12.29
N VAL D 258 -48.26 10.55 -10.96
CA VAL D 258 -49.00 11.43 -10.07
C VAL D 258 -48.03 12.26 -9.23
N PRO D 259 -47.56 13.41 -9.73
CA PRO D 259 -46.60 14.22 -8.93
C PRO D 259 -47.21 14.82 -7.68
N PHE D 260 -48.51 15.04 -7.65
CA PHE D 260 -49.16 15.62 -6.48
C PHE D 260 -50.40 14.79 -6.23
N PRO D 261 -50.65 14.40 -4.97
CA PRO D 261 -51.68 13.36 -4.71
C PRO D 261 -53.05 13.65 -5.28
N ARG D 262 -53.50 14.91 -5.28
CA ARG D 262 -54.83 15.21 -5.77
C ARG D 262 -54.90 15.24 -7.29
N LEU D 263 -53.77 15.45 -7.96
CA LEU D 263 -53.74 15.60 -9.42
C LEU D 263 -53.48 14.24 -10.06
N HIS D 264 -54.48 13.36 -9.93
CA HIS D 264 -54.39 11.98 -10.39
C HIS D 264 -55.50 11.64 -11.39
N PHE D 265 -55.94 12.62 -12.18
CA PHE D 265 -57.03 12.42 -13.13
C PHE D 265 -56.46 12.42 -14.54
N PHE D 266 -56.44 11.26 -15.18
CA PHE D 266 -55.69 11.09 -16.42
C PHE D 266 -56.57 11.39 -17.63
N MET D 267 -55.96 11.97 -18.66
CA MET D 267 -56.59 12.22 -19.94
C MET D 267 -56.13 11.14 -20.91
N PRO D 268 -56.95 10.14 -21.20
CA PRO D 268 -56.55 9.08 -22.13
C PRO D 268 -56.79 9.45 -23.58
N GLY D 269 -55.90 8.97 -24.44
CA GLY D 269 -56.03 9.15 -25.87
C GLY D 269 -55.79 7.83 -26.59
N PHE D 270 -56.21 7.79 -27.85
CA PHE D 270 -56.17 6.54 -28.59
C PHE D 270 -56.11 6.81 -30.09
N ALA D 271 -55.26 6.06 -30.79
CA ALA D 271 -55.17 6.12 -32.23
C ALA D 271 -54.96 4.70 -32.73
N PRO D 272 -55.64 4.30 -33.81
CA PRO D 272 -56.59 5.09 -34.60
C PRO D 272 -58.01 5.05 -34.03
N LEU D 273 -58.79 6.11 -34.26
CA LEU D 273 -60.21 6.11 -33.95
C LEU D 273 -60.98 5.34 -35.02
N THR D 274 -61.86 4.43 -34.60
CA THR D 274 -62.63 3.61 -35.52
C THR D 274 -64.06 3.46 -35.02
N SER D 275 -64.96 3.16 -35.95
CA SER D 275 -66.32 2.74 -35.59
C SER D 275 -66.33 1.25 -35.27
N ARG D 276 -67.31 0.85 -34.45
CA ARG D 276 -67.36 -0.54 -34.04
C ARG D 276 -67.64 -1.45 -35.23
N GLY D 277 -67.16 -2.68 -35.14
CA GLY D 277 -67.29 -3.64 -36.21
C GLY D 277 -67.00 -3.09 -37.59
N SER D 278 -65.90 -2.36 -37.75
CA SER D 278 -65.53 -1.79 -39.04
C SER D 278 -64.15 -2.28 -39.43
N GLN D 279 -64.00 -2.79 -40.66
CA GLN D 279 -62.70 -3.20 -41.18
C GLN D 279 -61.86 -1.96 -41.53
N GLN D 280 -60.58 -1.98 -41.13
CA GLN D 280 -59.62 -0.92 -41.46
C GLN D 280 -58.89 -1.36 -42.73
N TYR D 281 -59.15 -0.65 -43.84
CA TYR D 281 -58.55 -1.04 -45.11
C TYR D 281 -57.06 -0.70 -45.14
N ARG D 282 -56.64 0.39 -44.49
CA ARG D 282 -55.24 0.81 -44.47
C ARG D 282 -54.80 1.01 -43.02
N ALA D 283 -53.73 0.35 -42.63
CA ALA D 283 -53.21 0.50 -41.28
C ALA D 283 -52.47 1.83 -41.14
N LEU D 284 -52.25 2.23 -39.88
CA LEU D 284 -51.56 3.48 -39.60
C LEU D 284 -50.06 3.25 -39.46
N THR D 285 -49.29 4.27 -39.81
CA THR D 285 -47.84 4.25 -39.68
C THR D 285 -47.41 4.89 -38.37
N VAL D 286 -46.18 4.57 -37.96
CA VAL D 286 -45.67 5.08 -36.69
C VAL D 286 -45.71 6.60 -36.60
N PRO D 287 -45.35 7.37 -37.64
CA PRO D 287 -45.55 8.81 -37.55
C PRO D 287 -47.01 9.21 -37.42
N GLU D 288 -47.91 8.48 -38.09
CA GLU D 288 -49.34 8.76 -37.96
C GLU D 288 -49.83 8.45 -36.56
N LEU D 289 -49.48 7.29 -36.02
CA LEU D 289 -49.85 6.95 -34.65
C LEU D 289 -49.37 8.00 -33.67
N THR D 290 -48.14 8.50 -33.85
CA THR D 290 -47.55 9.41 -32.88
C THR D 290 -48.19 10.79 -32.96
N GLN D 291 -48.39 11.32 -34.18
CA GLN D 291 -48.96 12.64 -34.31
C GLN D 291 -50.43 12.64 -33.91
N GLN D 292 -51.18 11.62 -34.34
CA GLN D 292 -52.60 11.50 -34.04
C GLN D 292 -52.85 11.22 -32.57
N MET D 293 -51.86 10.69 -31.85
CA MET D 293 -52.05 10.38 -30.44
C MET D 293 -52.06 11.65 -29.59
N PHE D 294 -51.19 12.62 -29.90
CA PHE D 294 -51.19 13.90 -29.19
C PHE D 294 -52.16 14.90 -29.80
N ASP D 295 -53.08 14.45 -30.63
CA ASP D 295 -54.08 15.31 -31.26
C ASP D 295 -55.30 15.43 -30.35
N SER D 296 -55.85 16.65 -30.28
CA SER D 296 -57.01 16.88 -29.43
C SER D 296 -58.24 16.11 -29.91
N LYS D 297 -58.28 15.70 -31.18
CA LYS D 297 -59.40 14.92 -31.67
C LYS D 297 -59.37 13.48 -31.18
N ASN D 298 -58.30 13.06 -30.49
CA ASN D 298 -58.15 11.68 -30.05
C ASN D 298 -58.24 11.53 -28.53
N MET D 299 -58.53 12.61 -27.82
CA MET D 299 -58.65 12.55 -26.38
C MET D 299 -60.04 12.05 -25.97
N MET D 300 -60.06 11.13 -25.01
CA MET D 300 -61.29 10.69 -24.38
C MET D 300 -61.78 11.64 -23.30
N ALA D 301 -61.13 12.79 -23.11
CA ALA D 301 -61.65 13.89 -22.31
C ALA D 301 -61.74 15.13 -23.20
N ALA D 302 -62.84 15.88 -23.07
CA ALA D 302 -63.09 17.04 -23.94
C ALA D 302 -62.28 18.23 -23.43
N CYS D 303 -60.96 18.11 -23.62
CA CYS D 303 -60.00 19.13 -23.23
C CYS D 303 -58.97 19.25 -24.34
N ASP D 304 -58.61 20.48 -24.67
CA ASP D 304 -57.55 20.67 -25.64
C ASP D 304 -56.22 20.58 -24.91
N PRO D 305 -55.38 19.58 -25.20
CA PRO D 305 -54.08 19.51 -24.53
C PRO D 305 -53.19 20.71 -24.81
N ARG D 306 -53.42 21.41 -25.91
CA ARG D 306 -52.64 22.61 -26.19
C ARG D 306 -53.09 23.81 -25.37
N HIS D 307 -54.13 23.66 -24.56
CA HIS D 307 -54.54 24.68 -23.60
C HIS D 307 -53.88 24.53 -22.25
N GLY D 308 -53.00 23.55 -22.09
CA GLY D 308 -52.34 23.34 -20.83
C GLY D 308 -50.97 22.74 -21.05
N ARG D 309 -50.45 22.04 -20.05
CA ARG D 309 -49.14 21.41 -20.16
C ARG D 309 -49.18 20.04 -19.52
N TYR D 310 -48.49 19.08 -20.13
CA TYR D 310 -48.38 17.74 -19.57
C TYR D 310 -47.41 17.74 -18.40
N LEU D 311 -47.85 17.16 -17.28
CA LEU D 311 -46.92 16.84 -16.20
C LEU D 311 -46.14 15.58 -16.55
N THR D 312 -46.87 14.53 -16.96
CA THR D 312 -46.32 13.22 -17.28
C THR D 312 -47.15 12.61 -18.40
N VAL D 313 -46.52 11.77 -19.21
CA VAL D 313 -47.16 11.09 -20.33
C VAL D 313 -46.66 9.66 -20.37
N ALA D 314 -47.58 8.69 -20.45
CA ALA D 314 -47.24 7.30 -20.68
C ALA D 314 -47.93 6.85 -21.96
N ALA D 315 -47.16 6.24 -22.87
CA ALA D 315 -47.66 5.90 -24.19
C ALA D 315 -47.28 4.46 -24.49
N ILE D 316 -48.25 3.68 -24.96
CA ILE D 316 -48.05 2.27 -25.27
C ILE D 316 -48.40 2.07 -26.75
N PHE D 317 -47.45 1.53 -27.51
CA PHE D 317 -47.67 1.18 -28.90
C PHE D 317 -47.86 -0.33 -29.03
N ARG D 318 -48.85 -0.74 -29.80
CA ARG D 318 -49.20 -2.14 -29.97
C ARG D 318 -49.13 -2.51 -31.44
N GLY D 319 -48.49 -3.64 -31.73
CA GLY D 319 -48.27 -4.11 -33.08
C GLY D 319 -46.81 -4.35 -33.35
N ARG D 320 -46.54 -4.84 -34.55
CA ARG D 320 -45.17 -5.09 -35.00
C ARG D 320 -44.63 -3.83 -35.65
N MET D 321 -43.70 -3.16 -34.98
CA MET D 321 -43.14 -1.92 -35.50
C MET D 321 -41.75 -1.72 -34.93
N SER D 322 -40.99 -0.83 -35.56
CA SER D 322 -39.63 -0.53 -35.14
C SER D 322 -39.66 0.28 -33.85
N MET D 323 -39.22 -0.32 -32.75
CA MET D 323 -39.05 0.44 -31.52
C MET D 323 -38.09 1.61 -31.73
N LYS D 324 -37.17 1.49 -32.70
CA LYS D 324 -36.30 2.61 -33.04
C LYS D 324 -37.09 3.74 -33.68
N GLU D 325 -37.94 3.41 -34.64
CA GLU D 325 -38.78 4.40 -35.31
C GLU D 325 -39.77 5.02 -34.34
N VAL D 326 -40.29 4.24 -33.40
CA VAL D 326 -41.17 4.79 -32.36
C VAL D 326 -40.39 5.78 -31.49
N ASP D 327 -39.19 5.39 -31.06
CA ASP D 327 -38.40 6.23 -30.17
C ASP D 327 -38.07 7.58 -30.80
N GLU D 328 -37.89 7.61 -32.12
CA GLU D 328 -37.51 8.86 -32.78
C GLU D 328 -38.70 9.72 -33.14
N GLN D 329 -39.90 9.14 -33.29
CA GLN D 329 -41.09 9.96 -33.46
C GLN D 329 -41.50 10.59 -32.13
N MET D 330 -41.46 9.81 -31.05
CA MET D 330 -41.85 10.34 -29.74
C MET D 330 -40.93 11.47 -29.31
N LEU D 331 -39.61 11.23 -29.31
CA LEU D 331 -38.68 12.27 -28.91
C LEU D 331 -38.81 13.49 -29.80
N ASN D 332 -39.12 13.28 -31.08
CA ASN D 332 -39.35 14.40 -32.00
C ASN D 332 -40.58 15.19 -31.61
N VAL D 333 -41.70 14.49 -31.36
CA VAL D 333 -42.94 15.16 -30.96
C VAL D 333 -42.71 16.00 -29.71
N GLN D 334 -41.90 15.50 -28.78
CA GLN D 334 -41.59 16.26 -27.58
C GLN D 334 -40.79 17.52 -27.91
N ASN D 335 -39.72 17.35 -28.70
CA ASN D 335 -38.84 18.48 -28.98
C ASN D 335 -39.53 19.54 -29.83
N LYS D 336 -40.43 19.14 -30.73
CA LYS D 336 -41.14 20.13 -31.54
C LYS D 336 -42.17 20.87 -30.71
N ASN D 337 -43.00 20.14 -29.95
CA ASN D 337 -44.05 20.73 -29.11
C ASN D 337 -43.57 20.94 -27.69
N SER D 338 -42.37 21.48 -27.54
CA SER D 338 -41.73 21.58 -26.24
C SER D 338 -42.55 22.41 -25.24
N SER D 339 -43.41 23.31 -25.72
CA SER D 339 -44.08 24.24 -24.82
C SER D 339 -45.32 23.65 -24.15
N TYR D 340 -45.67 22.40 -24.44
CA TYR D 340 -46.80 21.75 -23.79
C TYR D 340 -46.37 20.69 -22.79
N PHE D 341 -45.08 20.64 -22.48
CA PHE D 341 -44.55 19.78 -21.42
C PHE D 341 -43.91 20.66 -20.36
N VAL D 342 -44.23 20.40 -19.10
CA VAL D 342 -43.55 21.12 -18.03
C VAL D 342 -42.07 20.84 -18.12
N GLU D 343 -41.27 21.84 -17.78
CA GLU D 343 -39.83 21.72 -17.92
C GLU D 343 -39.15 21.17 -16.68
N TRP D 344 -39.85 21.16 -15.54
CA TRP D 344 -39.27 20.82 -14.26
C TRP D 344 -39.51 19.37 -13.85
N ILE D 345 -39.93 18.52 -14.77
CA ILE D 345 -39.99 17.08 -14.53
C ILE D 345 -39.20 16.39 -15.63
N PRO D 346 -37.91 16.14 -15.44
CA PRO D 346 -37.10 15.52 -16.51
C PRO D 346 -37.62 14.14 -16.87
N ASN D 347 -37.52 13.81 -18.15
CA ASN D 347 -37.88 12.47 -18.64
C ASN D 347 -39.33 12.12 -18.29
N ASN D 348 -40.24 13.07 -18.47
CA ASN D 348 -41.61 12.90 -18.03
C ASN D 348 -42.51 12.29 -19.11
N VAL D 349 -41.94 11.78 -20.20
CA VAL D 349 -42.68 11.11 -21.25
C VAL D 349 -42.05 9.72 -21.44
N LYS D 350 -42.82 8.68 -21.13
CA LYS D 350 -42.34 7.31 -21.17
C LYS D 350 -43.06 6.51 -22.25
N THR D 351 -42.33 5.64 -22.93
CA THR D 351 -42.86 4.88 -24.05
C THR D 351 -42.70 3.39 -23.78
N ALA D 352 -43.72 2.61 -24.14
CA ALA D 352 -43.65 1.17 -24.10
C ALA D 352 -44.17 0.61 -25.41
N VAL D 353 -43.79 -0.64 -25.69
CA VAL D 353 -44.24 -1.32 -26.90
C VAL D 353 -44.70 -2.73 -26.52
N CYS D 354 -45.75 -3.19 -27.18
CA CYS D 354 -46.24 -4.56 -27.07
C CYS D 354 -46.46 -5.08 -28.48
N ASP D 355 -45.93 -6.27 -28.77
CA ASP D 355 -45.98 -6.79 -30.13
C ASP D 355 -47.39 -7.19 -30.54
N ILE D 356 -48.25 -7.55 -29.59
CA ILE D 356 -49.59 -8.04 -29.91
C ILE D 356 -50.52 -6.86 -30.09
N PRO D 357 -51.04 -6.61 -31.30
CA PRO D 357 -52.00 -5.53 -31.47
C PRO D 357 -53.37 -5.94 -30.99
N PRO D 358 -54.28 -4.99 -30.81
CA PRO D 358 -55.66 -5.36 -30.48
C PRO D 358 -56.41 -5.86 -31.70
N ARG D 359 -57.52 -6.54 -31.44
CA ARG D 359 -58.28 -7.17 -32.51
C ARG D 359 -58.74 -6.14 -33.53
N GLY D 360 -58.57 -6.47 -34.81
CA GLY D 360 -59.02 -5.62 -35.89
C GLY D 360 -58.03 -4.57 -36.35
N LEU D 361 -56.94 -4.36 -35.62
CA LEU D 361 -55.95 -3.36 -35.95
C LEU D 361 -54.58 -4.00 -36.09
N LYS D 362 -53.86 -3.64 -37.14
CA LYS D 362 -52.47 -4.07 -37.25
C LYS D 362 -51.57 -3.26 -36.32
N MET D 363 -51.89 -1.99 -36.09
CA MET D 363 -51.09 -1.13 -35.23
C MET D 363 -51.99 -0.13 -34.51
N SER D 364 -51.65 0.15 -33.25
CA SER D 364 -52.42 1.10 -32.46
C SER D 364 -51.50 1.74 -31.44
N ALA D 365 -51.89 2.93 -30.99
CA ALA D 365 -51.21 3.61 -29.90
C ALA D 365 -52.24 4.07 -28.89
N THR D 366 -51.84 4.05 -27.62
CA THR D 366 -52.71 4.48 -26.53
C THR D 366 -51.94 5.44 -25.64
N PHE D 367 -52.62 6.48 -25.20
CA PHE D 367 -52.01 7.65 -24.57
C PHE D 367 -52.61 7.81 -23.19
N ILE D 368 -51.75 7.98 -22.19
CA ILE D 368 -52.17 8.31 -20.83
C ILE D 368 -51.44 9.57 -20.44
N GLY D 369 -52.16 10.68 -20.31
CA GLY D 369 -51.57 11.96 -20.00
C GLY D 369 -52.08 12.49 -18.67
N ASN D 370 -51.17 13.09 -17.90
CA ASN D 370 -51.54 13.90 -16.75
C ASN D 370 -51.26 15.34 -17.18
N SER D 371 -52.26 15.95 -17.81
CA SER D 371 -52.17 17.31 -18.34
C SER D 371 -52.97 18.26 -17.48
N THR D 372 -52.46 19.49 -17.31
CA THR D 372 -53.22 20.49 -16.59
C THR D 372 -54.49 20.91 -17.33
N ALA D 373 -54.57 20.62 -18.63
CA ALA D 373 -55.75 20.99 -19.42
C ALA D 373 -57.01 20.27 -18.96
N ILE D 374 -56.88 19.21 -18.16
CA ILE D 374 -58.02 18.49 -17.61
C ILE D 374 -58.86 19.37 -16.71
N GLN D 375 -58.33 20.54 -16.32
CA GLN D 375 -59.15 21.50 -15.60
C GLN D 375 -60.33 21.99 -16.44
N GLU D 376 -60.26 21.90 -17.77
CA GLU D 376 -61.39 22.32 -18.59
C GLU D 376 -62.60 21.41 -18.37
N LEU D 377 -62.36 20.12 -18.14
CA LEU D 377 -63.44 19.21 -17.79
C LEU D 377 -64.11 19.62 -16.49
N PHE D 378 -63.30 19.85 -15.44
CA PHE D 378 -63.87 20.18 -14.14
C PHE D 378 -64.50 21.57 -14.14
N LYS D 379 -63.96 22.51 -14.92
CA LYS D 379 -64.63 23.80 -15.05
C LYS D 379 -65.99 23.66 -15.73
N ARG D 380 -66.07 22.80 -16.75
CA ARG D 380 -67.35 22.56 -17.42
C ARG D 380 -68.38 22.00 -16.44
N ILE D 381 -68.00 21.01 -15.65
CA ILE D 381 -68.90 20.47 -14.64
C ILE D 381 -69.26 21.55 -13.61
N SER D 382 -68.27 22.36 -13.21
CA SER D 382 -68.50 23.33 -12.15
C SER D 382 -69.46 24.44 -12.58
N GLU D 383 -69.34 24.89 -13.83
CA GLU D 383 -70.29 25.87 -14.35
C GLU D 383 -71.70 25.29 -14.40
N GLN D 384 -71.84 24.04 -14.86
CA GLN D 384 -73.14 23.40 -14.88
C GLN D 384 -73.68 23.19 -13.47
N PHE D 385 -72.80 22.83 -12.52
CA PHE D 385 -73.23 22.71 -11.13
C PHE D 385 -73.76 24.04 -10.60
N THR D 386 -73.04 25.13 -10.86
CA THR D 386 -73.40 26.42 -10.29
C THR D 386 -74.71 26.95 -10.85
N ALA D 387 -74.95 26.77 -12.14
CA ALA D 387 -76.20 27.25 -12.75
C ALA D 387 -77.41 26.68 -12.02
N MET D 388 -77.32 25.42 -11.59
CA MET D 388 -78.41 24.82 -10.82
C MET D 388 -78.37 25.26 -9.36
N PHE D 389 -77.19 25.16 -8.74
CA PHE D 389 -77.10 25.39 -7.30
C PHE D 389 -77.37 26.84 -6.93
N ARG D 390 -77.13 27.79 -7.86
CA ARG D 390 -77.55 29.17 -7.66
C ARG D 390 -79.03 29.23 -7.27
N ARG D 391 -79.85 28.45 -7.98
CA ARG D 391 -81.30 28.43 -7.79
C ARG D 391 -81.76 27.34 -6.83
N LYS D 392 -80.83 26.58 -6.25
CA LYS D 392 -81.15 25.41 -5.43
C LYS D 392 -82.11 24.48 -6.16
N ALA D 393 -81.92 24.37 -7.48
CA ALA D 393 -82.75 23.49 -8.29
C ALA D 393 -82.58 22.05 -7.87
N PHE D 394 -83.69 21.36 -7.66
CA PHE D 394 -83.73 19.93 -7.38
C PHE D 394 -83.03 19.53 -6.09
N LEU D 395 -82.70 20.50 -5.23
CA LEU D 395 -82.04 20.16 -3.97
C LEU D 395 -82.89 19.24 -3.11
N HIS D 396 -84.22 19.38 -3.19
CA HIS D 396 -85.09 18.53 -2.36
C HIS D 396 -85.02 17.06 -2.75
N TRP D 397 -84.52 16.75 -3.95
CA TRP D 397 -84.24 15.35 -4.25
C TRP D 397 -83.16 14.79 -3.35
N TYR D 398 -82.25 15.64 -2.88
CA TYR D 398 -81.12 15.21 -2.07
C TYR D 398 -81.37 15.39 -0.58
N THR D 399 -81.81 16.59 -0.17
CA THR D 399 -82.18 16.79 1.23
C THR D 399 -83.26 15.80 1.67
N GLY D 400 -84.17 15.43 0.77
CA GLY D 400 -85.17 14.43 1.11
C GLY D 400 -84.61 13.08 1.48
N GLU D 401 -83.34 12.82 1.14
CA GLU D 401 -82.69 11.56 1.51
C GLU D 401 -81.79 11.71 2.73
N GLY D 402 -81.55 12.93 3.21
CA GLY D 402 -80.78 13.13 4.41
C GLY D 402 -79.70 14.19 4.28
N MET D 403 -79.39 14.60 3.06
CA MET D 403 -78.25 15.47 2.86
C MET D 403 -78.57 16.92 3.26
N ASP D 404 -77.53 17.75 3.22
CA ASP D 404 -77.57 19.14 3.64
C ASP D 404 -76.87 19.98 2.58
N GLU D 405 -77.32 21.23 2.44
CA GLU D 405 -76.71 22.16 1.49
C GLU D 405 -75.20 22.26 1.66
N MET D 406 -74.72 22.11 2.89
CA MET D 406 -73.28 22.30 3.14
C MET D 406 -72.46 21.27 2.38
N GLU D 407 -72.97 20.06 2.26
CA GLU D 407 -72.24 19.01 1.53
C GLU D 407 -72.13 19.35 0.04
N PHE D 408 -73.07 20.11 -0.49
CA PHE D 408 -72.96 20.60 -1.87
C PHE D 408 -71.92 21.70 -1.96
N THR D 409 -71.98 22.68 -1.05
CA THR D 409 -71.02 23.77 -1.06
C THR D 409 -69.60 23.26 -0.92
N GLU D 410 -69.40 22.26 -0.06
CA GLU D 410 -68.05 21.72 0.17
C GLU D 410 -67.53 21.02 -1.07
N ALA D 411 -68.34 20.16 -1.69
CA ALA D 411 -67.89 19.43 -2.87
C ALA D 411 -67.59 20.39 -4.02
N GLU D 412 -68.39 21.45 -4.17
CA GLU D 412 -68.12 22.46 -5.19
C GLU D 412 -66.84 23.22 -4.87
N SER D 413 -66.62 23.52 -3.59
CA SER D 413 -65.38 24.17 -3.18
C SER D 413 -64.16 23.31 -3.51
N ASN D 414 -64.23 22.01 -3.20
CA ASN D 414 -63.07 21.15 -3.43
C ASN D 414 -62.76 21.00 -4.92
N MET D 415 -63.79 20.98 -5.77
CA MET D 415 -63.52 20.85 -7.19
C MET D 415 -62.97 22.15 -7.77
N ASN D 416 -63.45 23.30 -7.29
CA ASN D 416 -62.84 24.56 -7.70
C ASN D 416 -61.42 24.68 -7.15
N ASP D 417 -61.15 24.10 -5.97
CA ASP D 417 -59.77 24.02 -5.48
C ASP D 417 -58.91 23.19 -6.42
N LEU D 418 -59.42 22.04 -6.85
CA LEU D 418 -58.69 21.20 -7.80
C LEU D 418 -58.35 21.98 -9.07
N VAL D 419 -59.28 22.81 -9.54
CA VAL D 419 -59.03 23.61 -10.74
C VAL D 419 -57.89 24.58 -10.52
N SER D 420 -57.86 25.22 -9.33
CA SER D 420 -56.80 26.17 -9.01
C SER D 420 -55.42 25.51 -9.01
N GLU D 421 -55.28 24.33 -8.43
CA GLU D 421 -53.93 23.76 -8.35
C GLU D 421 -53.47 23.24 -9.71
N TYR D 422 -54.38 22.77 -10.56
CA TYR D 422 -54.01 22.52 -11.95
C TYR D 422 -53.47 23.79 -12.60
N GLN D 423 -54.10 24.94 -12.31
CA GLN D 423 -53.66 26.21 -12.87
C GLN D 423 -52.33 26.64 -12.27
N GLN D 424 -52.15 26.39 -10.96
CA GLN D 424 -50.87 26.69 -10.32
C GLN D 424 -49.71 26.02 -11.06
N TYR D 425 -49.82 24.72 -11.34
CA TYR D 425 -48.71 24.03 -11.99
C TYR D 425 -48.65 24.28 -13.47
N GLN D 426 -49.76 24.68 -14.09
CA GLN D 426 -49.73 25.13 -15.48
C GLN D 426 -48.86 26.36 -15.65
N ASP D 427 -48.86 27.26 -14.68
CA ASP D 427 -48.11 28.51 -14.74
C ASP D 427 -46.73 28.40 -14.07
N ALA D 428 -46.48 27.33 -13.33
CA ALA D 428 -45.22 27.19 -12.61
C ALA D 428 -44.04 27.21 -13.56
N THR D 429 -42.99 27.92 -13.17
CA THR D 429 -41.77 28.04 -13.94
C THR D 429 -40.67 27.17 -13.35
N ALA D 430 -39.66 26.90 -14.16
CA ALA D 430 -38.45 26.27 -13.66
C ALA D 430 -37.46 27.36 -13.22
N MET E 4 89.85 11.75 21.18
CA MET E 4 88.80 11.15 22.00
C MET E 4 89.38 10.50 23.25
N GLU E 5 88.49 10.14 24.18
CA GLU E 5 88.85 9.35 25.36
C GLU E 5 88.09 8.04 25.30
N VAL E 6 88.82 6.93 25.18
CA VAL E 6 88.23 5.60 25.14
C VAL E 6 88.26 5.03 26.56
N ILE E 7 87.20 4.33 26.94
CA ILE E 7 87.07 3.74 28.26
C ILE E 7 86.57 2.31 28.11
N GLU E 8 87.34 1.34 28.60
CA GLU E 8 86.94 -0.05 28.51
C GLU E 8 85.82 -0.34 29.51
N LEU E 9 84.78 -1.03 29.04
CA LEU E 9 83.63 -1.38 29.87
C LEU E 9 83.62 -2.86 30.24
N ASN E 10 83.62 -3.76 29.26
CA ASN E 10 83.50 -5.18 29.55
C ASN E 10 84.04 -6.00 28.38
N LYS E 11 84.34 -7.26 28.69
CA LYS E 11 84.72 -8.26 27.69
C LYS E 11 84.06 -9.56 28.12
N ALA E 12 83.37 -10.21 27.19
CA ALA E 12 82.64 -11.43 27.48
C ALA E 12 82.90 -12.43 26.35
N THR E 13 82.17 -13.55 26.39
CA THR E 13 82.37 -14.61 25.40
C THR E 13 82.02 -14.12 24.00
N SER E 14 80.83 -13.56 23.83
CA SER E 14 80.32 -13.20 22.51
C SER E 14 80.44 -11.71 22.22
N GLY E 15 81.35 -11.00 22.86
CA GLY E 15 81.61 -9.63 22.48
C GLY E 15 82.26 -8.83 23.58
N GLN E 16 82.57 -7.58 23.24
CA GLN E 16 83.18 -6.63 24.15
C GLN E 16 82.49 -5.28 23.98
N SER E 17 82.63 -4.44 25.01
CA SER E 17 82.03 -3.11 25.00
C SER E 17 83.02 -2.11 25.57
N TRP E 18 82.91 -0.86 25.11
CA TRP E 18 83.71 0.23 25.64
C TRP E 18 82.92 1.53 25.46
N GLU E 19 83.53 2.64 25.86
CA GLU E 19 82.86 3.93 25.80
C GLU E 19 83.80 4.98 25.23
N VAL E 20 83.35 5.68 24.21
CA VAL E 20 84.13 6.72 23.53
C VAL E 20 83.55 8.07 23.92
N ILE E 21 84.36 8.91 24.56
CA ILE E 21 83.94 10.23 25.01
C ILE E 21 84.63 11.28 24.14
N LEU E 22 83.82 12.10 23.46
CA LEU E 22 84.35 13.17 22.62
C LEU E 22 84.42 14.51 23.34
N LYS E 23 83.62 14.71 24.39
CA LYS E 23 83.57 15.97 25.10
C LYS E 23 82.83 15.76 26.41
N PRO E 24 83.36 16.20 27.54
CA PRO E 24 82.66 16.04 28.82
C PRO E 24 81.49 17.00 28.91
N PRO E 25 80.53 16.74 29.80
CA PRO E 25 79.34 17.61 29.85
C PRO E 25 79.69 19.01 30.33
N SER E 26 79.11 20.01 29.65
CA SER E 26 79.30 21.40 30.04
C SER E 26 78.80 21.67 31.46
N PHE E 27 77.89 20.84 31.96
CA PHE E 27 77.18 21.07 33.22
C PHE E 27 77.37 19.86 34.12
N ASP E 28 77.88 20.10 35.32
CA ASP E 28 78.15 19.01 36.26
C ASP E 28 76.84 18.57 36.92
N GLY E 29 76.43 17.33 36.64
CA GLY E 29 75.25 16.76 37.25
C GLY E 29 74.10 16.66 36.28
N VAL E 30 72.95 16.28 36.82
CA VAL E 30 71.71 16.14 36.07
C VAL E 30 70.69 17.08 36.70
N PRO E 31 70.04 17.96 35.93
CA PRO E 31 69.08 18.96 36.45
C PRO E 31 67.93 18.35 37.24
N PRO E 43 48.62 3.28 40.03
CA PRO E 43 47.31 2.76 40.46
C PRO E 43 47.42 1.40 41.13
N SER E 44 46.58 1.15 42.13
CA SER E 44 46.55 -0.13 42.81
C SER E 44 45.60 -1.10 42.10
N LEU E 45 45.61 -2.35 42.55
CA LEU E 45 44.70 -3.34 42.00
C LEU E 45 43.25 -2.93 42.19
N GLU E 46 42.91 -2.41 43.38
CA GLU E 46 41.53 -2.01 43.65
C GLU E 46 41.13 -0.79 42.83
N GLU E 47 42.06 0.15 42.64
CA GLU E 47 41.74 1.32 41.83
C GLU E 47 41.48 0.94 40.38
N ILE E 48 42.20 -0.06 39.88
CA ILE E 48 42.02 -0.50 38.50
C ILE E 48 40.66 -1.19 38.34
N GLN E 49 40.36 -2.16 39.21
CA GLN E 49 39.07 -2.81 39.17
C GLN E 49 37.93 -1.83 39.37
N LYS E 50 38.14 -0.80 40.19
CA LYS E 50 37.11 0.22 40.37
C LYS E 50 36.78 0.91 39.05
N LYS E 51 37.80 1.18 38.23
CA LYS E 51 37.58 1.87 36.97
C LYS E 51 37.03 0.94 35.90
N LEU E 52 37.46 -0.32 35.87
CA LEU E 52 36.88 -1.27 34.93
C LEU E 52 35.41 -1.52 35.23
N GLU E 53 35.06 -1.61 36.52
CA GLU E 53 33.68 -1.84 36.91
C GLU E 53 32.81 -0.62 36.61
N ALA E 54 33.35 0.58 36.77
CA ALA E 54 32.57 1.77 36.46
C ALA E 54 32.28 1.87 34.96
N ALA E 55 33.25 1.51 34.13
CA ALA E 55 33.02 1.53 32.68
C ALA E 55 32.01 0.47 32.28
N GLU E 56 31.97 -0.66 33.01
CA GLU E 56 30.96 -1.67 32.73
C GLU E 56 29.57 -1.18 33.10
N GLU E 57 29.43 -0.57 34.28
CA GLU E 57 28.11 -0.09 34.69
C GLU E 57 27.61 1.03 33.77
N ARG E 58 28.52 1.79 33.15
CA ARG E 58 28.09 2.77 32.15
C ARG E 58 27.59 2.08 30.89
N ARG E 59 28.29 1.03 30.44
CA ARG E 59 27.79 0.20 29.35
C ARG E 59 26.38 -0.31 29.66
N LYS E 60 26.19 -0.85 30.87
CA LYS E 60 24.90 -1.45 31.21
C LYS E 60 23.82 -0.37 31.35
N TYR E 61 24.17 0.80 31.87
CA TYR E 61 23.20 1.89 31.93
C TYR E 61 22.76 2.29 30.52
N GLN E 62 23.72 2.46 29.60
CA GLN E 62 23.35 2.83 28.24
C GLN E 62 22.45 1.78 27.59
N GLU E 63 22.77 0.51 27.79
CA GLU E 63 21.94 -0.54 27.20
C GLU E 63 20.56 -0.58 27.85
N ALA E 64 20.50 -0.36 29.16
CA ALA E 64 19.19 -0.31 29.83
C ALA E 64 18.35 0.83 29.28
N GLU E 65 18.98 1.97 28.97
CA GLU E 65 18.21 3.10 28.44
C GLU E 65 17.77 2.88 27.00
N LEU E 66 18.58 2.18 26.21
CA LEU E 66 18.15 1.80 24.87
C LEU E 66 16.94 0.88 24.92
N LEU E 67 17.04 -0.20 25.69
CA LEU E 67 15.92 -1.13 25.82
C LEU E 67 14.69 -0.45 26.41
N LYS E 68 14.89 0.50 27.31
CA LYS E 68 13.76 1.24 27.86
C LYS E 68 13.03 2.01 26.76
N HIS E 69 13.77 2.64 25.84
CA HIS E 69 13.14 3.35 24.75
C HIS E 69 12.42 2.39 23.81
N LEU E 70 13.06 1.28 23.48
CA LEU E 70 12.42 0.28 22.63
C LEU E 70 11.17 -0.28 23.28
N ALA E 71 11.19 -0.46 24.62
CA ALA E 71 9.99 -0.92 25.30
C ALA E 71 8.91 0.15 25.30
N GLU E 72 9.29 1.43 25.26
CA GLU E 72 8.30 2.49 25.11
C GLU E 72 7.66 2.45 23.73
N LYS E 73 8.43 2.07 22.71
CA LYS E 73 7.85 1.92 21.38
C LYS E 73 6.93 0.71 21.30
N ARG E 74 7.28 -0.38 22.01
CA ARG E 74 6.38 -1.53 22.06
C ARG E 74 5.00 -1.14 22.57
N GLU E 75 4.94 -0.30 23.59
CA GLU E 75 3.65 0.04 24.19
C GLU E 75 2.87 1.02 23.33
N HIS E 76 3.58 1.91 22.62
CA HIS E 76 2.92 2.75 21.62
C HIS E 76 2.31 1.91 20.51
N GLU E 77 3.03 0.88 20.06
CA GLU E 77 2.50 -0.04 19.06
C GLU E 77 1.22 -0.71 19.56
N ARG E 78 1.16 -1.04 20.85
CA ARG E 78 -0.07 -1.60 21.40
C ARG E 78 -1.18 -0.57 21.45
N GLU E 79 -0.84 0.68 21.78
CA GLU E 79 -1.86 1.72 21.88
C GLU E 79 -2.41 2.09 20.51
N VAL E 80 -1.58 2.01 19.47
CA VAL E 80 -2.06 2.25 18.10
C VAL E 80 -3.07 1.17 17.71
N ILE E 81 -2.66 -0.10 17.82
CA ILE E 81 -3.54 -1.21 17.51
C ILE E 81 -4.81 -1.17 18.36
N GLN E 82 -4.69 -0.73 19.62
CA GLN E 82 -5.87 -0.64 20.47
C GLN E 82 -6.79 0.48 20.02
N LYS E 83 -6.23 1.63 19.63
CA LYS E 83 -7.06 2.75 19.20
C LYS E 83 -7.86 2.42 17.94
N ALA E 84 -7.22 1.71 17.00
CA ALA E 84 -7.93 1.29 15.79
C ALA E 84 -9.09 0.35 16.12
N ILE E 85 -8.91 -0.49 17.14
CA ILE E 85 -10.00 -1.37 17.54
C ILE E 85 -11.12 -0.57 18.20
N GLU E 86 -10.76 0.49 18.95
CA GLU E 86 -11.78 1.33 19.56
C GLU E 86 -12.53 2.15 18.52
N GLU E 87 -11.82 2.62 17.48
CA GLU E 87 -12.50 3.34 16.40
C GLU E 87 -13.52 2.44 15.69
N ASN E 88 -13.13 1.20 15.40
CA ASN E 88 -14.04 0.27 14.73
C ASN E 88 -15.25 -0.03 15.60
N ASN E 89 -15.04 -0.20 16.91
CA ASN E 89 -16.17 -0.45 17.80
C ASN E 89 -17.09 0.76 17.90
N ASN E 90 -16.53 1.97 17.86
CA ASN E 90 -17.37 3.18 17.94
C ASN E 90 -18.11 3.42 16.63
N PHE E 91 -17.47 3.13 15.49
CA PHE E 91 -18.18 3.19 14.21
C PHE E 91 -19.37 2.23 14.21
N ILE E 92 -19.21 1.06 14.85
CA ILE E 92 -20.28 0.08 14.91
C ILE E 92 -21.40 0.58 15.83
N LYS E 93 -21.05 1.05 17.01
CA LYS E 93 -22.07 1.49 17.96
C LYS E 93 -22.83 2.69 17.45
N MET E 94 -22.16 3.62 16.75
CA MET E 94 -22.85 4.80 16.24
C MET E 94 -23.71 4.44 15.03
N ALA E 95 -23.23 3.54 14.17
CA ALA E 95 -24.05 3.07 13.06
C ALA E 95 -25.27 2.31 13.59
N LYS E 96 -25.12 1.56 14.67
CA LYS E 96 -26.24 0.78 15.20
C LYS E 96 -27.33 1.69 15.76
N GLU E 97 -26.95 2.70 16.55
CA GLU E 97 -27.95 3.56 17.16
C GLU E 97 -28.62 4.46 16.11
N LYS E 98 -27.85 4.92 15.12
CA LYS E 98 -28.43 5.74 14.05
C LYS E 98 -29.49 4.96 13.28
N LEU E 99 -29.16 3.73 12.88
CA LEU E 99 -30.09 2.94 12.08
C LEU E 99 -31.38 2.65 12.84
N ALA E 100 -31.25 2.22 14.10
CA ALA E 100 -32.45 1.97 14.91
C ALA E 100 -33.24 3.25 15.14
N GLN E 101 -32.58 4.41 15.14
CA GLN E 101 -33.28 5.67 15.31
C GLN E 101 -34.16 5.97 14.10
N LYS E 102 -33.61 5.85 12.89
CA LYS E 102 -34.40 6.17 11.71
C LYS E 102 -35.45 5.11 11.41
N MET E 103 -35.16 3.84 11.70
CA MET E 103 -36.15 2.80 11.44
C MET E 103 -37.37 2.97 12.33
N GLU E 104 -37.15 3.34 13.60
CA GLU E 104 -38.29 3.56 14.49
C GLU E 104 -39.01 4.87 14.17
N SER E 105 -38.28 5.88 13.67
CA SER E 105 -38.93 7.12 13.27
C SER E 105 -39.78 6.91 12.02
N ASN E 106 -39.29 6.09 11.09
CA ASN E 106 -40.04 5.79 9.89
C ASN E 106 -41.28 4.96 10.21
N LYS E 107 -41.17 4.03 11.16
CA LYS E 107 -42.33 3.24 11.57
C LYS E 107 -43.39 4.11 12.23
N GLU E 108 -42.97 5.03 13.11
CA GLU E 108 -43.93 5.92 13.75
C GLU E 108 -44.62 6.81 12.73
N ASN E 109 -43.86 7.36 11.78
CA ASN E 109 -44.46 8.20 10.75
C ASN E 109 -45.47 7.42 9.91
N ARG E 110 -45.06 6.24 9.42
CA ARG E 110 -45.91 5.50 8.51
C ARG E 110 -47.20 5.05 9.20
N GLU E 111 -47.09 4.54 10.43
CA GLU E 111 -48.29 4.16 11.18
C GLU E 111 -49.17 5.37 11.45
N ALA E 112 -48.56 6.54 11.68
CA ALA E 112 -49.34 7.75 11.94
C ALA E 112 -50.09 8.19 10.70
N HIS E 113 -49.49 8.02 9.52
CA HIS E 113 -50.19 8.34 8.28
C HIS E 113 -51.37 7.39 8.05
N LEU E 114 -51.16 6.10 8.25
CA LEU E 114 -52.25 5.14 8.06
C LEU E 114 -53.38 5.37 9.06
N ALA E 115 -53.05 5.85 10.27
CA ALA E 115 -54.08 6.07 11.27
C ALA E 115 -54.91 7.31 10.93
N ALA E 116 -54.28 8.35 10.40
CA ALA E 116 -55.03 9.53 9.97
C ALA E 116 -55.92 9.20 8.78
N MET E 117 -55.41 8.41 7.85
CA MET E 117 -56.21 8.00 6.69
C MET E 117 -57.46 7.24 7.13
N LEU E 118 -57.29 6.24 7.99
CA LEU E 118 -58.43 5.50 8.50
C LEU E 118 -59.31 6.34 9.42
N GLU E 119 -58.76 7.37 10.04
CA GLU E 119 -59.57 8.26 10.87
C GLU E 119 -60.48 9.13 10.02
N ARG E 120 -59.98 9.66 8.90
CA ARG E 120 -60.83 10.48 8.02
C ARG E 120 -61.98 9.66 7.46
N LEU E 121 -61.68 8.45 6.96
CA LEU E 121 -62.72 7.56 6.45
C LEU E 121 -63.73 7.18 7.53
N GLN E 122 -63.35 7.22 8.80
CA GLN E 122 -64.31 6.92 9.86
C GLN E 122 -65.17 8.11 10.22
N GLU E 123 -64.64 9.33 10.08
CA GLU E 123 -65.47 10.53 10.22
C GLU E 123 -66.58 10.53 9.17
N LYS E 124 -66.23 10.16 7.93
CA LYS E 124 -67.25 9.99 6.90
C LYS E 124 -68.27 8.93 7.31
N ASP E 125 -67.81 7.85 7.95
CA ASP E 125 -68.73 6.82 8.43
C ASP E 125 -69.72 7.38 9.44
N LYS E 126 -69.25 8.23 10.36
CA LYS E 126 -70.15 8.87 11.30
C LYS E 126 -71.13 9.79 10.58
N HIS E 127 -70.64 10.54 9.58
CA HIS E 127 -71.49 11.47 8.86
C HIS E 127 -72.59 10.75 8.10
N ALA E 128 -72.27 9.60 7.51
CA ALA E 128 -73.29 8.81 6.83
C ALA E 128 -74.38 8.36 7.78
N GLU E 129 -74.06 8.21 9.06
CA GLU E 129 -75.09 7.90 10.05
C GLU E 129 -75.95 9.12 10.35
N GLU E 130 -75.35 10.31 10.41
CA GLU E 130 -76.12 11.53 10.59
C GLU E 130 -77.05 11.78 9.41
N VAL E 131 -76.62 11.41 8.20
CA VAL E 131 -77.46 11.59 7.02
C VAL E 131 -78.68 10.67 7.08
N ARG E 132 -78.46 9.39 7.39
CA ARG E 132 -79.59 8.47 7.49
C ARG E 132 -80.48 8.80 8.69
N LYS E 133 -79.91 9.39 9.74
CA LYS E 133 -80.74 9.82 10.86
C LYS E 133 -81.59 11.02 10.48
N ASN E 134 -81.02 11.98 9.76
CA ASN E 134 -81.77 13.16 9.34
C ASN E 134 -82.92 12.79 8.42
N LYS E 135 -82.80 11.69 7.67
CA LYS E 135 -83.85 11.29 6.75
C LYS E 135 -85.08 10.82 7.49
N GLU E 136 -84.92 9.87 8.43
CA GLU E 136 -86.06 9.40 9.20
C GLU E 136 -86.68 10.52 10.03
N LEU E 137 -85.86 11.49 10.43
CA LEU E 137 -86.35 12.69 11.10
C LEU E 137 -87.20 13.54 10.15
PG GTP F . 41.42 -4.99 16.51
O1G GTP F . 40.84 -3.69 16.98
O2G GTP F . 40.65 -5.51 15.32
O3G GTP F . 41.37 -5.97 17.69
O3B GTP F . 42.89 -4.64 16.02
PB GTP F . 44.30 -5.23 16.55
O1B GTP F . 44.75 -4.42 17.73
O2B GTP F . 44.30 -6.71 16.82
O3A GTP F . 45.06 -4.92 15.15
PA GTP F . 46.56 -4.44 14.91
O1A GTP F . 47.41 -4.74 16.12
O2A GTP F . 47.07 -5.17 13.69
O5' GTP F . 46.51 -2.84 14.74
C5' GTP F . 46.48 -2.17 13.51
C4' GTP F . 47.83 -1.52 13.27
O4' GTP F . 48.84 -2.51 13.29
C3' GTP F . 47.86 -0.88 11.91
O3' GTP F . 48.52 0.36 12.04
C2' GTP F . 48.69 -1.84 11.07
O2' GTP F . 49.42 -1.18 10.07
C1' GTP F . 49.59 -2.48 12.11
N9 GTP F . 49.93 -3.87 11.78
C8 GTP F . 49.08 -4.93 11.76
N7 GTP F . 49.77 -6.04 11.45
C5 GTP F . 51.07 -5.68 11.27
C6 GTP F . 52.21 -6.41 10.93
O6 GTP F . 52.17 -7.63 10.74
N1 GTP F . 53.41 -5.74 10.82
C2 GTP F . 53.48 -4.38 11.04
N2 GTP F . 54.64 -3.74 10.94
N3 GTP F . 52.35 -3.67 11.38
C4 GTP F . 51.17 -4.32 11.48
PB GDP G . 5.96 -4.16 -0.37
O1B GDP G . 4.85 -3.77 0.57
O2B GDP G . 5.76 -5.57 -0.86
O3B GDP G . 7.28 -4.03 0.38
O3A GDP G . 5.88 -3.17 -1.62
PA GDP G . 7.09 -2.92 -2.66
O1A GDP G . 6.72 -3.33 -4.06
O2A GDP G . 8.34 -3.63 -2.24
O5' GDP G . 7.24 -1.31 -2.53
C5' GDP G . 7.08 -0.44 -3.65
C4' GDP G . 8.39 0.32 -3.84
O4' GDP G . 9.40 -0.65 -4.12
C3' GDP G . 8.35 1.26 -5.02
O3' GDP G . 9.19 2.40 -4.78
C2' GDP G . 8.96 0.45 -6.15
O2' GDP G . 9.61 1.30 -7.09
C1' GDP G . 9.99 -0.37 -5.39
N9 GDP G . 10.29 -1.67 -6.01
C8 GDP G . 9.45 -2.73 -6.09
N7 GDP G . 10.06 -3.77 -6.71
C5 GDP G . 11.32 -3.38 -7.02
C6 GDP G . 12.49 -3.98 -7.68
O6 GDP G . 12.44 -5.16 -8.10
N1 GDP G . 13.60 -3.24 -7.81
C2 GDP G . 13.67 -1.96 -7.37
N2 GDP G . 14.81 -1.26 -7.52
N3 GDP G . 12.63 -1.35 -6.75
C4 GDP G . 11.46 -2.00 -6.56
C13 A1BMG H . 37.37 4.77 5.90
C15 A1BMG H . 38.46 0.35 7.90
C17 A1BMG H . 35.66 -1.98 4.89
C21 A1BMG H . 38.00 -0.29 1.84
C22 A1BMG H . 34.92 -2.19 2.23
C24 A1BMG H . 34.05 -1.10 0.31
C28 A1BMG H . 34.46 -2.59 4.56
C02 A1BMG H . 36.07 -1.85 6.32
C03 A1BMG H . 36.92 -0.70 6.76
C05 A1BMG H . 37.88 1.21 7.01
C06 A1BMG H . 38.14 2.63 6.74
C07 A1BMG H . 39.37 3.23 7.04
C08 A1BMG H . 40.59 2.71 7.61
C09 A1BMG H . 41.45 3.75 7.66
C11 A1BMG H . 39.58 4.58 6.76
C12 A1BMG H . 38.58 5.37 6.19
C14 A1BMG H . 37.13 3.42 6.17
C18 A1BMG H . 36.49 -1.46 3.90
C19 A1BMG H . 36.12 -1.57 2.57
C25 A1BMG H . 34.09 -2.71 3.23
C27 A1BMG H . 32.44 -4.39 3.56
N04 A1BMG H . 36.90 0.55 6.29
N10 A1BMG H . 40.86 4.89 7.15
N16 A1BMG H . 37.86 -0.86 7.73
O01 A1BMG H . 35.73 -2.68 7.16
O20 A1BMG H . 36.87 -1.10 1.53
O23 A1BMG H . 34.55 -2.30 0.90
O26 A1BMG H . 32.94 -3.29 2.80
S SO4 I . 12.66 -7.42 -17.35
O1 SO4 I . 11.95 -6.79 -16.26
O2 SO4 I . 13.55 -8.45 -16.83
O3 SO4 I . 11.72 -8.04 -18.27
O4 SO4 I . 13.44 -6.42 -18.07
PG GTP J . -37.68 -1.63 -8.12
O1G GTP J . -38.17 -0.20 -8.16
O2G GTP J . -38.22 -2.35 -6.91
O3G GTP J . -37.99 -2.35 -9.41
O3B GTP J . -36.09 -1.50 -7.92
PB GTP J . -35.04 -2.27 -8.85
O1B GTP J . -33.79 -2.22 -8.03
O2B GTP J . -35.47 -3.68 -9.19
O3A GTP J . -34.95 -1.39 -10.20
PA GTP J . -33.66 -1.37 -11.16
O1A GTP J . -32.46 -1.98 -10.48
O2A GTP J . -33.95 -2.02 -12.49
O5' GTP J . -33.41 0.21 -11.29
C5' GTP J . -33.75 0.96 -12.43
C4' GTP J . -32.48 1.50 -13.05
O4' GTP J . -31.59 0.43 -13.31
C3' GTP J . -32.78 2.16 -14.38
O3' GTP J . -31.97 3.31 -14.48
C2' GTP J . -32.33 1.16 -15.41
O2' GTP J . -31.79 1.80 -16.54
C1' GTP J . -31.24 0.41 -14.67
N9 GTP J . -31.17 -1.00 -15.05
C8 GTP J . -32.11 -1.96 -14.80
N7 GTP J . -31.66 -3.13 -15.30
C5 GTP J . -30.45 -2.92 -15.85
C6 GTP J . -29.54 -3.76 -16.49
O6 GTP J . -29.80 -4.96 -16.64
N1 GTP J . -28.35 -3.26 -16.96
C2 GTP J . -28.05 -1.91 -16.80
N2 GTP J . -26.92 -1.42 -17.25
N3 GTP J . -28.96 -1.09 -16.16
C4 GTP J . -30.13 -1.59 -15.70
MG MG K . -37.18 -5.24 -9.05
C13 A1BMG L . -44.07 8.68 -17.02
C15 A1BMG L . -42.78 4.24 -15.20
C17 A1BMG L . -46.66 2.19 -16.99
C21 A1BMG L . -45.47 3.77 -20.72
C22 A1BMG L . -48.29 2.08 -19.23
C24 A1BMG L . -49.54 3.25 -20.88
C28 A1BMG L . -47.98 1.74 -16.86
C02 A1BMG L . -45.77 2.28 -15.78
C03 A1BMG L . -44.72 3.33 -15.72
C05 A1BMG L . -43.53 5.13 -15.91
C06 A1BMG L . -43.24 6.51 -16.34
C07 A1BMG L . -41.94 7.00 -16.47
C08 A1BMG L . -40.64 6.39 -16.27
C09 A1BMG L . -39.73 7.35 -16.55
C11 A1BMG L . -41.72 8.32 -16.87
C12 A1BMG L . -42.78 9.17 -17.15
C14 A1BMG L . -44.31 7.38 -16.63
C18 A1BMG L . -46.17 2.59 -18.22
C19 A1BMG L . -46.97 2.52 -19.34
C25 A1BMG L . -48.78 1.69 -17.98
C27 A1BMG L . -50.52 0.53 -16.83
N04 A1BMG L . -44.75 4.55 -16.24
N10 A1BMG L . -40.37 8.51 -16.91
N16 A1BMG L . -43.54 3.11 -15.08
O01 A1BMG L . -45.89 1.50 -14.84
O20 A1BMG L . -46.57 2.87 -20.60
O23 A1BMG L . -49.10 2.00 -20.35
O26 A1BMG L . -50.09 1.26 -17.97
PB GDP M . -76.67 4.28 -12.41
O1B GDP M . -77.75 4.55 -11.38
O2B GDP M . -75.34 4.43 -11.71
O3B GDP M . -76.80 2.90 -12.99
O3A GDP M . -76.79 5.41 -13.55
PA GDP M . -76.11 5.33 -15.02
O1A GDP M . -74.92 4.42 -15.05
O2A GDP M . -77.08 5.00 -16.12
O5' GDP M . -75.66 6.87 -15.09
C5' GDP M . -76.15 7.74 -16.10
C4' GDP M . -74.93 8.41 -16.69
O4' GDP M . -74.14 7.37 -17.24
C3' GDP M . -75.27 9.35 -17.83
O3' GDP M . -74.27 10.37 -17.83
C2' GDP M . -75.15 8.49 -19.06
O2' GDP M . -74.76 9.24 -20.21
C1' GDP M . -74.03 7.54 -18.65
N9 GDP M . -74.08 6.18 -19.25
C8 GDP M . -75.00 5.23 -18.97
N7 GDP M . -74.72 4.10 -19.67
C5 GDP M . -73.60 4.32 -20.39
C6 GDP M . -72.75 3.56 -21.33
O6 GDP M . -73.03 2.38 -21.65
N1 GDP M . -71.68 4.16 -21.86
C2 GDP M . -71.35 5.43 -21.55
N2 GDP M . -70.26 5.99 -22.11
N3 GDP M . -72.08 6.19 -20.69
C4 GDP M . -73.18 5.70 -20.10
#